data_8YEG
#
_entry.id   8YEG
#
_cell.length_a   1.00
_cell.length_b   1.00
_cell.length_c   1.00
_cell.angle_alpha   90.00
_cell.angle_beta   90.00
_cell.angle_gamma   90.00
#
_symmetry.space_group_name_H-M   'P 1'
#
loop_
_entity.id
_entity.type
_entity.pdbx_description
1 polymer 'heavy chain of F5-187'
2 polymer 'Major capsid protein L1'
3 polymer 'light chain of F5-187'
#
loop_
_entity_poly.entity_id
_entity_poly.type
_entity_poly.pdbx_seq_one_letter_code
_entity_poly.pdbx_strand_id
1 'polypeptide(L)'
;EVQLLESGGGLVQPGGSLRLSCAASGLTFSSYAMSWVRQAPGKGLEWVSSISASGGSTYYADSVRGRFTISRDNSRTTLY
LQMNILRAEDTAVYYCAKDRMGVRGSGWFDYWGQGTLVTVSS
;
A
2 'polypeptide(L)'
;AVVATDAYVKRTNIFYHASSSRLLAVGHPYYSIKKVNKTVVPKVSGYQYRVFKVVLPDPNKFALPDSSLFDPTTQRLVWA
CTGLEVGRGQPLGVGVSGHPLLNKYDDVENSGGYGGNPGQDNRVNVGMDYKQTQLCMVGCAPPLGEHWGKGTQCSNTSVQ
NGDCPPLELITSVIQDGDMVDTGFGAMNFADLQTNKSDVPLDICGTVCKYPDYLQMAADPYGDRLFFYLRKEQMFARHFF
NRAGTVGEPVPDDLLVKGGNNRSSVASSIYVHTPSGSLVSSEAQLFNKPYWLQKAQGHNNGICWGNHLFVTVVDTTRSTN
MTLCASVSKSATYTNSDYKEYMRHVEEFDLQFIFQLCSITLSAEVMAYIHTMNPSVLEDWNFGLSPPPNGTLEDTYRYVQ
SQAITCQKPTPEKEKQDPYKDMSFWEVNLKEKFSSELDQFPLGRKFLLQSGY
;
F,B,C,D,E
3 'polypeptide(L)'
;DIVMTQSPDSLAVSLGERATINCKSSQSILYSSSNKNYLAWYQQKPGQPPKLLIYWASTRESGVPDRFSGSGSGTDFTLT
ISSLLPEDVAVYYCQQYHSTPWTFGQGTKVEIK
;
L
#
# COMPACT_ATOMS: atom_id res chain seq x y z
N GLU A 1 -20.01 25.77 -34.09
CA GLU A 1 -20.91 24.67 -33.74
C GLU A 1 -20.74 24.29 -32.28
N VAL A 2 -20.00 25.10 -31.53
CA VAL A 2 -19.81 24.91 -30.10
C VAL A 2 -20.88 25.72 -29.38
N GLN A 3 -21.63 25.07 -28.51
CA GLN A 3 -22.70 25.71 -27.77
C GLN A 3 -22.53 25.47 -26.28
N LEU A 4 -23.08 26.39 -25.48
CA LEU A 4 -23.04 26.30 -24.03
C LEU A 4 -24.41 26.71 -23.49
N LEU A 5 -25.02 25.84 -22.71
CA LEU A 5 -26.37 26.04 -22.19
C LEU A 5 -26.36 26.00 -20.67
N GLU A 6 -26.98 27.01 -20.04
CA GLU A 6 -26.96 27.15 -18.59
C GLU A 6 -28.34 26.94 -18.00
N SER A 7 -28.36 26.38 -16.79
CA SER A 7 -29.61 26.09 -16.09
C SER A 7 -29.39 26.07 -14.60
N GLY A 8 -30.33 26.62 -13.85
CA GLY A 8 -30.30 26.54 -12.40
C GLY A 8 -30.65 27.83 -11.69
N GLY A 9 -31.01 28.87 -12.43
CA GLY A 9 -31.31 30.14 -11.82
C GLY A 9 -32.69 30.19 -11.19
N GLY A 10 -32.89 31.19 -10.36
CA GLY A 10 -34.17 31.40 -9.73
C GLY A 10 -34.04 32.19 -8.45
N LEU A 11 -35.18 32.36 -7.78
CA LEU A 11 -35.21 33.05 -6.50
C LEU A 11 -34.78 32.10 -5.38
N VAL A 12 -34.24 32.69 -4.32
CA VAL A 12 -33.80 31.93 -3.16
C VAL A 12 -33.70 32.88 -1.98
N GLN A 13 -34.03 32.36 -0.79
CA GLN A 13 -33.98 33.16 0.43
C GLN A 13 -32.53 33.37 0.87
N PRO A 14 -32.24 34.51 1.50
CA PRO A 14 -30.87 34.75 1.96
C PRO A 14 -30.43 33.69 2.96
N GLY A 15 -29.18 33.27 2.83
CA GLY A 15 -28.65 32.17 3.61
C GLY A 15 -28.84 30.82 2.97
N GLY A 16 -29.69 30.71 1.96
CA GLY A 16 -29.92 29.44 1.29
C GLY A 16 -28.86 29.14 0.24
N SER A 17 -29.00 27.97 -0.38
CA SER A 17 -28.03 27.46 -1.33
C SER A 17 -28.65 27.34 -2.71
N LEU A 18 -27.79 27.10 -3.70
CA LEU A 18 -28.22 27.00 -5.09
C LEU A 18 -27.18 26.23 -5.88
N ARG A 19 -27.56 25.79 -7.07
CA ARG A 19 -26.64 25.10 -7.96
C ARG A 19 -26.89 25.51 -9.40
N LEU A 20 -25.81 25.79 -10.13
CA LEU A 20 -25.85 26.15 -11.53
C LEU A 20 -25.13 25.09 -12.34
N SER A 21 -25.59 24.87 -13.58
CA SER A 21 -24.95 23.91 -14.48
C SER A 21 -24.85 24.48 -15.89
N CYS A 22 -23.83 24.04 -16.60
CA CYS A 22 -23.50 24.51 -17.94
C CYS A 22 -23.10 23.31 -18.79
N ALA A 23 -23.73 23.15 -19.94
CA ALA A 23 -23.54 21.99 -20.80
C ALA A 23 -22.94 22.42 -22.13
N ALA A 24 -21.92 21.69 -22.58
CA ALA A 24 -21.19 22.00 -23.81
C ALA A 24 -21.47 20.95 -24.87
N SER A 25 -21.72 21.40 -26.10
CA SER A 25 -22.29 20.54 -27.13
C SER A 25 -21.24 19.98 -28.09
N GLY A 26 -20.54 20.84 -28.83
CA GLY A 26 -19.69 20.37 -29.91
C GLY A 26 -18.22 20.58 -29.65
N LEU A 27 -17.79 20.26 -28.44
CA LEU A 27 -16.51 20.68 -27.92
C LEU A 27 -15.81 19.50 -27.25
N THR A 28 -14.50 19.39 -27.46
CA THR A 28 -13.69 18.44 -26.71
C THR A 28 -13.52 19.00 -25.31
N PHE A 29 -14.43 18.62 -24.42
CA PHE A 29 -14.52 19.26 -23.11
C PHE A 29 -13.29 18.98 -22.26
N SER A 30 -12.64 17.84 -22.48
CA SER A 30 -11.55 17.43 -21.60
C SER A 30 -10.29 18.27 -21.79
N SER A 31 -10.24 19.17 -22.78
CA SER A 31 -9.02 19.88 -23.08
C SER A 31 -8.97 21.29 -22.47
N TYR A 32 -10.05 22.04 -22.59
CA TYR A 32 -10.00 23.47 -22.29
C TYR A 32 -10.45 23.76 -20.88
N ALA A 33 -9.72 24.63 -20.20
CA ALA A 33 -10.10 25.09 -18.87
C ALA A 33 -11.27 26.06 -18.98
N MET A 34 -12.03 26.18 -17.90
CA MET A 34 -13.23 26.99 -17.93
C MET A 34 -13.41 27.74 -16.61
N SER A 35 -14.34 28.69 -16.64
CA SER A 35 -14.50 29.63 -15.54
C SER A 35 -15.95 30.10 -15.46
N TRP A 36 -16.30 30.68 -14.32
CA TRP A 36 -17.57 31.37 -14.13
C TRP A 36 -17.30 32.85 -13.95
N VAL A 37 -18.10 33.69 -14.60
CA VAL A 37 -17.94 35.13 -14.51
C VAL A 37 -19.29 35.75 -14.18
N ARG A 38 -19.33 36.57 -13.14
CA ARG A 38 -20.57 37.19 -12.70
C ARG A 38 -20.71 38.59 -13.30
N GLN A 39 -21.95 39.05 -13.41
CA GLN A 39 -22.22 40.43 -13.79
C GLN A 39 -23.47 40.92 -13.07
N ALA A 40 -23.29 41.93 -12.22
CA ALA A 40 -24.41 42.51 -11.50
C ALA A 40 -25.34 43.25 -12.48
N PRO A 41 -26.61 43.40 -12.13
CA PRO A 41 -27.52 44.12 -13.03
C PRO A 41 -27.19 45.60 -13.10
N GLY A 42 -26.64 46.04 -14.24
CA GLY A 42 -26.25 47.41 -14.43
C GLY A 42 -24.80 47.73 -14.11
N LYS A 43 -23.99 46.74 -13.77
CA LYS A 43 -22.60 46.95 -13.39
C LYS A 43 -21.68 46.19 -14.35
N GLY A 44 -20.40 46.12 -13.99
CA GLY A 44 -19.38 45.55 -14.84
C GLY A 44 -19.18 44.06 -14.63
N LEU A 45 -18.22 43.51 -15.38
CA LEU A 45 -17.94 42.09 -15.38
C LEU A 45 -16.92 41.77 -14.30
N GLU A 46 -17.19 40.72 -13.52
CA GLU A 46 -16.35 40.35 -12.39
C GLU A 46 -16.05 38.86 -12.41
N TRP A 47 -14.79 38.51 -12.18
CA TRP A 47 -14.40 37.11 -12.12
C TRP A 47 -14.93 36.47 -10.85
N VAL A 48 -15.14 35.16 -10.89
CA VAL A 48 -15.63 34.43 -9.73
C VAL A 48 -14.71 33.26 -9.40
N SER A 49 -14.58 32.30 -10.31
CA SER A 49 -13.88 31.06 -10.01
C SER A 49 -13.49 30.38 -11.32
N SER A 50 -12.41 29.60 -11.24
CA SER A 50 -11.85 28.94 -12.41
C SER A 50 -11.40 27.52 -12.05
N ILE A 51 -11.45 26.62 -13.03
CA ILE A 51 -11.05 25.24 -12.81
C ILE A 51 -10.09 24.79 -13.91
N SER A 52 -9.20 23.86 -13.55
CA SER A 52 -8.25 23.30 -14.50
C SER A 52 -8.96 22.38 -15.49
N ALA A 53 -8.23 22.00 -16.55
CA ALA A 53 -8.84 21.18 -17.59
C ALA A 53 -9.25 19.81 -17.06
N SER A 54 -8.42 19.19 -16.24
CA SER A 54 -8.73 17.89 -15.65
C SER A 54 -9.48 18.01 -14.33
N GLY A 55 -9.69 19.22 -13.82
CA GLY A 55 -10.37 19.42 -12.56
C GLY A 55 -9.51 19.31 -11.33
N GLY A 56 -8.19 19.19 -11.49
CA GLY A 56 -7.33 19.03 -10.32
C GLY A 56 -7.28 20.26 -9.44
N SER A 57 -7.15 21.44 -10.04
CA SER A 57 -6.91 22.68 -9.31
C SER A 57 -8.02 23.68 -9.58
N THR A 58 -8.37 24.47 -8.57
CA THR A 58 -9.40 25.49 -8.69
C THR A 58 -8.91 26.78 -8.04
N TYR A 59 -9.45 27.90 -8.51
CA TYR A 59 -9.10 29.22 -7.99
C TYR A 59 -10.36 30.03 -7.76
N TYR A 60 -10.39 30.79 -6.67
CA TYR A 60 -11.53 31.62 -6.33
C TYR A 60 -11.07 33.03 -6.01
N ALA A 61 -12.03 33.95 -6.03
CA ALA A 61 -11.79 35.32 -5.61
C ALA A 61 -11.91 35.42 -4.09
N ASP A 62 -11.49 36.56 -3.55
CA ASP A 62 -11.55 36.75 -2.10
C ASP A 62 -12.98 36.81 -1.61
N SER A 63 -13.85 37.52 -2.32
CA SER A 63 -15.23 37.68 -1.87
C SER A 63 -16.06 36.43 -2.06
N VAL A 64 -15.55 35.45 -2.80
CA VAL A 64 -16.29 34.26 -3.17
C VAL A 64 -15.75 33.05 -2.42
N ARG A 65 -14.47 33.11 -2.04
CA ARG A 65 -13.83 31.98 -1.39
C ARG A 65 -14.56 31.58 -0.13
N GLY A 66 -14.71 30.27 0.06
CA GLY A 66 -15.35 29.69 1.23
C GLY A 66 -16.82 29.37 1.06
N ARG A 67 -17.50 30.11 0.20
CA ARG A 67 -18.94 29.94 0.00
C ARG A 67 -19.27 29.20 -1.29
N PHE A 68 -18.65 29.57 -2.41
CA PHE A 68 -18.93 28.92 -3.67
C PHE A 68 -17.94 27.79 -3.91
N THR A 69 -18.28 26.93 -4.88
CA THR A 69 -17.43 25.81 -5.27
C THR A 69 -17.67 25.49 -6.73
N ILE A 70 -16.61 25.19 -7.47
CA ILE A 70 -16.68 24.89 -8.90
C ILE A 70 -16.32 23.42 -9.10
N SER A 71 -17.05 22.75 -10.00
CA SER A 71 -16.85 21.32 -10.22
C SER A 71 -17.00 21.01 -11.70
N ARG A 72 -16.45 19.86 -12.09
CA ARG A 72 -16.38 19.43 -13.47
C ARG A 72 -16.93 18.03 -13.62
N ASP A 73 -17.53 17.75 -14.78
CA ASP A 73 -18.04 16.42 -15.12
C ASP A 73 -17.66 16.16 -16.57
N ASN A 74 -16.48 15.59 -16.78
CA ASN A 74 -16.01 15.41 -18.15
C ASN A 74 -16.75 14.29 -18.87
N SER A 75 -17.15 13.24 -18.16
CA SER A 75 -17.86 12.13 -18.79
C SER A 75 -19.23 12.58 -19.29
N ARG A 76 -19.94 13.37 -18.51
CA ARG A 76 -21.21 13.95 -18.93
C ARG A 76 -21.06 15.32 -19.56
N THR A 77 -19.84 15.88 -19.58
CA THR A 77 -19.51 17.16 -20.22
C THR A 77 -20.37 18.29 -19.67
N THR A 78 -20.28 18.53 -18.36
CA THR A 78 -21.05 19.56 -17.69
C THR A 78 -20.19 20.24 -16.63
N LEU A 79 -20.48 21.52 -16.39
CA LEU A 79 -19.76 22.35 -15.43
C LEU A 79 -20.74 22.78 -14.34
N TYR A 80 -20.35 22.58 -13.08
CA TYR A 80 -21.21 22.82 -11.92
C TYR A 80 -20.67 23.95 -11.06
N LEU A 81 -21.59 24.72 -10.48
CA LEU A 81 -21.25 25.73 -9.48
C LEU A 81 -22.22 25.57 -8.31
N GLN A 82 -21.67 25.27 -7.13
CA GLN A 82 -22.45 25.14 -5.90
C GLN A 82 -22.29 26.41 -5.08
N MET A 83 -23.41 27.03 -4.72
CA MET A 83 -23.43 28.29 -4.00
C MET A 83 -24.01 28.05 -2.61
N ASN A 84 -23.24 28.43 -1.59
CA ASN A 84 -23.60 28.25 -0.20
C ASN A 84 -23.64 29.60 0.50
N ILE A 85 -24.48 29.72 1.52
CA ILE A 85 -24.60 30.91 2.34
C ILE A 85 -24.71 32.14 1.44
N LEU A 86 -25.80 32.25 0.71
CA LEU A 86 -25.96 33.32 -0.25
C LEU A 86 -26.25 34.64 0.47
N ARG A 87 -25.87 35.73 -0.17
CA ARG A 87 -26.11 37.08 0.34
C ARG A 87 -26.95 37.85 -0.67
N ALA A 88 -27.39 39.04 -0.25
CA ALA A 88 -28.19 39.88 -1.14
C ALA A 88 -27.34 40.53 -2.22
N GLU A 89 -26.02 40.51 -2.08
CA GLU A 89 -25.15 41.14 -3.07
C GLU A 89 -24.86 40.24 -4.26
N ASP A 90 -25.33 39.00 -4.24
CA ASP A 90 -25.05 38.03 -5.29
C ASP A 90 -26.15 37.90 -6.34
N THR A 91 -27.19 38.72 -6.27
CA THR A 91 -28.20 38.74 -7.32
C THR A 91 -27.60 39.36 -8.58
N ALA A 92 -27.48 38.56 -9.63
CA ALA A 92 -26.73 38.95 -10.82
C ALA A 92 -27.03 37.95 -11.93
N VAL A 93 -26.24 38.01 -13.00
CA VAL A 93 -26.31 37.06 -14.11
C VAL A 93 -24.95 36.39 -14.24
N TYR A 94 -24.95 35.07 -14.37
CA TYR A 94 -23.74 34.28 -14.35
C TYR A 94 -23.44 33.73 -15.74
N TYR A 95 -22.16 33.70 -16.10
CA TYR A 95 -21.70 33.30 -17.42
C TYR A 95 -20.72 32.14 -17.31
N CYS A 96 -20.89 31.16 -18.18
CA CYS A 96 -20.01 30.02 -18.30
C CYS A 96 -19.03 30.29 -19.44
N ALA A 97 -17.75 30.49 -19.12
CA ALA A 97 -16.78 30.97 -20.11
C ALA A 97 -15.70 29.93 -20.34
N LYS A 98 -15.26 29.82 -21.59
CA LYS A 98 -14.25 28.85 -21.98
C LYS A 98 -12.93 29.57 -22.26
N ASP A 99 -11.83 29.05 -21.71
CA ASP A 99 -10.52 29.64 -21.90
C ASP A 99 -10.00 29.33 -23.30
N ARG A 100 -8.72 29.62 -23.53
CA ARG A 100 -8.03 29.31 -24.77
C ARG A 100 -7.06 28.15 -24.62
N MET A 101 -6.15 28.24 -23.64
CA MET A 101 -5.16 27.21 -23.43
C MET A 101 -5.73 26.10 -22.55
N GLY A 102 -5.01 24.99 -22.47
CA GLY A 102 -5.58 23.81 -21.86
C GLY A 102 -5.29 23.51 -20.40
N VAL A 103 -4.03 23.36 -20.00
CA VAL A 103 -3.74 22.68 -18.75
C VAL A 103 -4.20 23.50 -17.55
N ARG A 104 -3.89 24.79 -17.53
CA ARG A 104 -4.42 25.68 -16.50
C ARG A 104 -5.00 26.91 -17.20
N GLY A 105 -4.43 27.25 -18.34
CA GLY A 105 -5.07 28.19 -19.24
C GLY A 105 -4.63 29.62 -19.01
N SER A 106 -4.39 30.32 -20.10
CA SER A 106 -4.21 31.76 -20.07
C SER A 106 -5.57 32.41 -19.97
N GLY A 107 -5.66 33.48 -19.19
CA GLY A 107 -6.93 34.01 -18.79
C GLY A 107 -7.67 34.92 -19.76
N TRP A 108 -7.84 34.52 -21.01
CA TRP A 108 -8.81 35.19 -21.88
C TRP A 108 -9.74 34.13 -22.44
N PHE A 109 -10.99 34.53 -22.70
CA PHE A 109 -12.06 33.57 -22.95
C PHE A 109 -12.57 33.69 -24.38
N ASP A 110 -12.67 32.55 -25.07
CA ASP A 110 -13.14 32.52 -26.45
C ASP A 110 -14.65 32.53 -26.55
N TYR A 111 -15.29 31.47 -26.08
CA TYR A 111 -16.74 31.31 -26.15
C TYR A 111 -17.35 31.50 -24.77
N TRP A 112 -18.59 31.97 -24.76
CA TRP A 112 -19.31 32.26 -23.54
C TRP A 112 -20.66 31.55 -23.59
N GLY A 113 -21.22 31.29 -22.41
CA GLY A 113 -22.57 30.82 -22.33
C GLY A 113 -23.57 31.96 -22.45
N GLN A 114 -24.86 31.59 -22.40
CA GLN A 114 -25.90 32.59 -22.53
C GLN A 114 -26.15 33.35 -21.24
N GLY A 115 -25.88 32.76 -20.10
CA GLY A 115 -26.02 33.44 -18.82
C GLY A 115 -27.32 33.08 -18.14
N THR A 116 -27.25 32.88 -16.83
CA THR A 116 -28.42 32.53 -16.03
C THR A 116 -28.52 33.45 -14.83
N LEU A 117 -29.74 33.87 -14.50
CA LEU A 117 -29.97 34.90 -13.50
C LEU A 117 -30.21 34.26 -12.13
N VAL A 118 -29.53 34.77 -11.10
CA VAL A 118 -29.70 34.31 -9.73
C VAL A 118 -30.13 35.49 -8.88
N THR A 119 -31.23 35.33 -8.15
CA THR A 119 -31.80 36.38 -7.30
C THR A 119 -31.84 35.88 -5.87
N VAL A 120 -31.44 36.73 -4.93
CA VAL A 120 -31.42 36.41 -3.51
C VAL A 120 -32.12 37.54 -2.77
N SER A 121 -33.39 37.36 -2.44
CA SER A 121 -34.15 38.37 -1.72
C SER A 121 -35.42 37.71 -1.19
N SER A 122 -36.34 38.53 -0.67
CA SER A 122 -37.58 38.03 -0.08
C SER A 122 -38.76 38.19 -1.04
N ALA B 1 27.96 -34.66 -27.76
CA ALA B 1 27.78 -34.69 -26.31
C ALA B 1 28.56 -33.55 -25.65
N VAL B 2 28.28 -33.31 -24.37
CA VAL B 2 28.97 -32.29 -23.59
C VAL B 2 29.24 -32.84 -22.20
N VAL B 3 30.44 -32.58 -21.68
CA VAL B 3 30.83 -32.97 -20.34
C VAL B 3 31.03 -31.71 -19.51
N ALA B 4 30.84 -31.84 -18.19
CA ALA B 4 30.98 -30.70 -17.30
C ALA B 4 32.45 -30.33 -17.11
N THR B 5 32.69 -29.06 -16.76
CA THR B 5 34.07 -28.62 -16.53
C THR B 5 34.68 -29.32 -15.33
N ASP B 6 33.85 -29.72 -14.36
CA ASP B 6 34.36 -30.43 -13.20
C ASP B 6 35.14 -31.68 -13.60
N ALA B 7 34.77 -32.31 -14.72
CA ALA B 7 35.45 -33.53 -15.15
C ALA B 7 36.91 -33.27 -15.51
N TYR B 8 37.20 -32.16 -16.21
CA TYR B 8 38.51 -31.99 -16.81
C TYR B 8 39.27 -30.77 -16.33
N VAL B 9 38.87 -30.14 -15.23
CA VAL B 9 39.64 -29.07 -14.62
C VAL B 9 39.87 -29.42 -13.16
N LYS B 10 41.08 -29.14 -12.67
CA LYS B 10 41.47 -29.43 -11.30
C LYS B 10 41.75 -28.12 -10.58
N ARG B 11 41.25 -28.00 -9.35
CA ARG B 11 41.34 -26.77 -8.60
C ARG B 11 42.47 -26.83 -7.59
N THR B 12 43.12 -25.68 -7.40
CA THR B 12 44.20 -25.51 -6.44
C THR B 12 43.70 -24.65 -5.29
N ASN B 13 44.55 -24.48 -4.28
CA ASN B 13 44.20 -23.70 -3.10
C ASN B 13 44.80 -22.29 -3.12
N ILE B 14 44.90 -21.67 -4.29
CA ILE B 14 45.44 -20.32 -4.42
C ILE B 14 44.28 -19.38 -4.69
N PHE B 15 44.15 -18.35 -3.88
CA PHE B 15 43.06 -17.39 -4.00
C PHE B 15 43.62 -15.99 -4.17
N TYR B 16 42.95 -15.18 -4.98
CA TYR B 16 43.36 -13.80 -5.23
C TYR B 16 42.15 -12.88 -5.12
N HIS B 17 42.42 -11.62 -4.76
CA HIS B 17 41.40 -10.61 -4.62
C HIS B 17 41.70 -9.45 -5.55
N ALA B 18 40.72 -9.04 -6.34
CA ALA B 18 40.88 -7.92 -7.25
C ALA B 18 39.75 -6.93 -7.07
N SER B 19 40.09 -5.65 -7.00
CA SER B 19 39.10 -4.59 -6.85
C SER B 19 39.33 -3.56 -7.94
N SER B 20 38.25 -3.12 -8.58
CA SER B 20 38.38 -2.15 -9.66
C SER B 20 38.54 -0.73 -9.14
N SER B 21 38.31 -0.51 -7.84
CA SER B 21 38.25 0.82 -7.24
C SER B 21 37.03 1.59 -7.73
N ARG B 22 36.89 2.83 -7.29
CA ARG B 22 35.67 3.58 -7.52
C ARG B 22 35.52 3.96 -8.99
N LEU B 23 34.33 3.75 -9.55
CA LEU B 23 34.03 4.07 -10.94
C LEU B 23 32.88 5.04 -11.01
N LEU B 24 32.99 6.07 -11.84
CA LEU B 24 31.99 7.12 -11.93
C LEU B 24 31.58 7.38 -13.37
N ALA B 25 30.31 7.73 -13.54
CA ALA B 25 29.78 8.17 -14.83
C ALA B 25 28.81 9.31 -14.60
N VAL B 26 29.00 10.41 -15.33
CA VAL B 26 28.17 11.60 -15.19
C VAL B 26 27.67 12.00 -16.57
N GLY B 27 26.37 12.26 -16.70
CA GLY B 27 25.88 12.70 -17.98
C GLY B 27 24.40 12.98 -17.97
N HIS B 28 23.90 13.40 -19.13
CA HIS B 28 22.49 13.71 -19.29
C HIS B 28 21.66 12.43 -19.23
N PRO B 29 20.44 12.49 -18.68
CA PRO B 29 19.66 11.25 -18.51
C PRO B 29 18.83 10.83 -19.73
N TYR B 30 18.60 11.70 -20.70
CA TYR B 30 17.72 11.39 -21.81
C TYR B 30 18.46 11.19 -23.12
N TYR B 31 19.25 12.16 -23.55
CA TYR B 31 20.03 12.10 -24.77
C TYR B 31 21.46 12.54 -24.49
N SER B 32 22.28 12.58 -25.53
CA SER B 32 23.67 12.97 -25.43
C SER B 32 23.88 14.29 -26.15
N ILE B 33 24.40 15.28 -25.43
CA ILE B 33 24.59 16.61 -26.00
C ILE B 33 25.90 16.63 -26.75
N LYS B 34 25.83 16.67 -28.08
CA LYS B 34 27.00 16.82 -28.92
C LYS B 34 26.94 18.16 -29.62
N LYS B 35 28.02 18.93 -29.51
CA LYS B 35 28.10 20.20 -30.22
C LYS B 35 28.47 19.90 -31.67
N VAL B 36 28.84 20.94 -32.42
CA VAL B 36 29.23 20.74 -33.82
C VAL B 36 30.49 19.87 -33.90
N ASN B 37 31.30 19.86 -32.84
CA ASN B 37 32.55 19.12 -32.86
C ASN B 37 32.36 17.64 -32.56
N LYS B 38 31.89 17.32 -31.36
CA LYS B 38 31.87 15.95 -30.88
C LYS B 38 30.90 15.85 -29.71
N THR B 39 30.87 14.69 -29.06
CA THR B 39 29.95 14.41 -27.96
C THR B 39 30.63 14.76 -26.64
N VAL B 40 30.44 16.01 -26.21
CA VAL B 40 31.04 16.46 -24.96
C VAL B 40 30.37 15.79 -23.76
N VAL B 41 29.05 15.71 -23.76
CA VAL B 41 28.32 15.15 -22.62
C VAL B 41 27.67 13.83 -23.04
N PRO B 42 28.08 12.70 -22.48
CA PRO B 42 27.46 11.42 -22.85
C PRO B 42 26.04 11.29 -22.33
N LYS B 43 25.40 10.14 -22.57
CA LYS B 43 24.07 9.86 -22.05
C LYS B 43 24.20 8.80 -20.96
N VAL B 44 23.92 9.18 -19.72
CA VAL B 44 23.98 8.27 -18.58
C VAL B 44 22.61 8.25 -17.92
N SER B 45 22.09 7.06 -17.67
CA SER B 45 20.77 6.89 -17.09
C SER B 45 20.76 5.66 -16.21
N GLY B 46 19.77 5.60 -15.32
CA GLY B 46 19.61 4.43 -14.48
C GLY B 46 18.90 3.27 -15.12
N TYR B 47 18.31 3.49 -16.29
CA TYR B 47 17.57 2.47 -17.04
C TYR B 47 18.39 1.96 -18.20
N GLN B 48 19.69 1.79 -17.99
CA GLN B 48 20.62 1.33 -19.00
C GLN B 48 21.33 0.08 -18.52
N TYR B 49 21.72 -0.78 -19.45
CA TYR B 49 22.53 -1.93 -19.09
C TYR B 49 23.96 -1.49 -18.84
N ARG B 50 24.58 -2.07 -17.81
CA ARG B 50 25.98 -1.84 -17.50
C ARG B 50 26.73 -3.14 -17.74
N VAL B 51 27.53 -3.18 -18.79
CA VAL B 51 28.29 -4.36 -19.15
C VAL B 51 29.77 -4.07 -18.92
N PHE B 52 30.34 -4.74 -17.93
CA PHE B 52 31.75 -4.61 -17.60
C PHE B 52 32.49 -5.82 -18.15
N LYS B 53 33.48 -5.57 -19.00
CA LYS B 53 34.39 -6.59 -19.48
C LYS B 53 35.66 -6.52 -18.63
N VAL B 54 35.82 -7.49 -17.76
CA VAL B 54 36.94 -7.52 -16.84
C VAL B 54 38.06 -8.35 -17.48
N VAL B 55 39.25 -7.77 -17.53
CA VAL B 55 40.41 -8.41 -18.16
C VAL B 55 41.37 -8.81 -17.05
N LEU B 56 41.67 -10.04 -16.97
CA LEU B 56 42.55 -10.65 -15.99
C LEU B 56 43.95 -10.82 -16.55
N PRO B 57 44.97 -10.85 -15.71
CA PRO B 57 46.32 -11.19 -16.19
C PRO B 57 46.38 -12.63 -16.65
N ASP B 58 47.30 -12.89 -17.57
CA ASP B 58 47.52 -14.24 -18.05
C ASP B 58 48.16 -15.07 -16.96
N PRO B 59 47.51 -16.13 -16.46
CA PRO B 59 48.12 -16.93 -15.39
C PRO B 59 49.42 -17.59 -15.79
N ASN B 60 49.60 -17.92 -17.07
CA ASN B 60 50.84 -18.55 -17.50
C ASN B 60 52.03 -17.61 -17.32
N LYS B 61 51.92 -16.39 -17.83
CA LYS B 61 52.99 -15.42 -17.68
C LYS B 61 53.04 -14.83 -16.28
N PHE B 62 51.89 -14.78 -15.60
CA PHE B 62 51.83 -14.21 -14.26
C PHE B 62 52.70 -15.03 -13.30
N ALA B 63 53.54 -14.34 -12.54
CA ALA B 63 54.54 -14.99 -11.72
C ALA B 63 53.89 -15.52 -10.44
N LEU B 64 53.63 -16.82 -10.41
CA LEU B 64 53.01 -17.45 -9.27
C LEU B 64 53.98 -17.49 -8.09
N PRO B 65 53.46 -17.62 -6.86
CA PRO B 65 54.38 -17.84 -5.73
C PRO B 65 55.22 -19.09 -5.88
N ASP B 66 54.66 -20.14 -6.47
CA ASP B 66 55.38 -21.37 -6.74
C ASP B 66 55.26 -21.71 -8.23
N SER B 67 56.40 -21.83 -8.90
CA SER B 67 56.43 -22.30 -10.29
C SER B 67 56.81 -23.77 -10.40
N SER B 68 57.24 -24.39 -9.30
CA SER B 68 57.65 -25.79 -9.29
C SER B 68 56.52 -26.72 -8.86
N LEU B 69 55.34 -26.20 -8.57
CA LEU B 69 54.22 -27.04 -8.16
C LEU B 69 53.41 -27.54 -9.35
N PHE B 70 53.77 -27.15 -10.57
CA PHE B 70 53.06 -27.58 -11.77
C PHE B 70 54.08 -27.92 -12.85
N ASP B 71 53.64 -28.72 -13.82
CA ASP B 71 54.50 -29.07 -14.95
C ASP B 71 54.41 -27.99 -16.02
N PRO B 72 55.52 -27.30 -16.33
CA PRO B 72 55.44 -26.21 -17.32
C PRO B 72 55.07 -26.66 -18.72
N THR B 73 55.30 -27.93 -19.06
CA THR B 73 55.07 -28.38 -20.43
C THR B 73 53.72 -29.06 -20.62
N THR B 74 53.36 -29.97 -19.72
CA THR B 74 52.17 -30.79 -19.90
C THR B 74 50.92 -30.18 -19.28
N GLN B 75 50.99 -28.97 -18.73
CA GLN B 75 49.86 -28.37 -18.04
C GLN B 75 49.76 -26.89 -18.39
N ARG B 76 48.54 -26.37 -18.36
CA ARG B 76 48.26 -24.95 -18.51
C ARG B 76 47.43 -24.47 -17.32
N LEU B 77 47.21 -23.16 -17.26
CA LEU B 77 46.55 -22.54 -16.13
C LEU B 77 45.41 -21.65 -16.60
N VAL B 78 44.42 -21.46 -15.73
CA VAL B 78 43.23 -20.67 -16.05
C VAL B 78 42.63 -20.16 -14.75
N TRP B 79 41.99 -19.00 -14.83
CA TRP B 79 41.39 -18.36 -13.66
C TRP B 79 39.94 -18.78 -13.51
N ALA B 80 39.57 -19.26 -12.33
CA ALA B 80 38.20 -19.66 -12.04
C ALA B 80 37.59 -18.70 -11.03
N CYS B 81 36.41 -18.17 -11.33
CA CYS B 81 35.75 -17.21 -10.46
C CYS B 81 35.17 -17.91 -9.24
N THR B 82 35.33 -17.28 -8.08
CA THR B 82 34.88 -17.84 -6.80
C THR B 82 33.83 -16.98 -6.11
N GLY B 83 33.98 -15.66 -6.10
CA GLY B 83 32.97 -14.84 -5.46
C GLY B 83 33.07 -13.41 -5.93
N LEU B 84 32.02 -12.65 -5.68
CA LEU B 84 32.03 -11.26 -6.13
C LEU B 84 31.05 -10.43 -5.30
N GLU B 85 31.24 -9.12 -5.38
CA GLU B 85 30.39 -8.14 -4.73
C GLU B 85 30.33 -6.90 -5.61
N VAL B 86 29.12 -6.37 -5.80
CA VAL B 86 28.90 -5.16 -6.57
C VAL B 86 28.45 -4.09 -5.59
N GLY B 87 29.23 -3.00 -5.50
CA GLY B 87 28.95 -1.94 -4.57
C GLY B 87 28.44 -0.70 -5.28
N ARG B 88 27.28 -0.22 -4.83
CA ARG B 88 26.70 1.00 -5.35
C ARG B 88 26.81 2.12 -4.33
N GLY B 89 26.92 3.34 -4.83
CA GLY B 89 26.92 4.51 -3.98
C GLY B 89 25.69 5.34 -4.21
N GLN B 90 25.67 6.57 -3.68
CA GLN B 90 24.59 7.53 -3.84
C GLN B 90 23.34 7.07 -3.11
N PRO B 91 22.46 7.96 -2.70
CA PRO B 91 21.25 7.56 -1.98
C PRO B 91 20.22 6.94 -2.91
N LEU B 92 19.25 6.25 -2.30
CA LEU B 92 18.12 5.72 -3.06
C LEU B 92 17.20 6.83 -3.52
N GLY B 93 16.58 6.63 -4.68
CA GLY B 93 15.67 7.60 -5.24
C GLY B 93 14.98 7.01 -6.44
N VAL B 94 14.14 7.82 -7.08
CA VAL B 94 13.44 7.41 -8.28
C VAL B 94 13.65 8.48 -9.35
N GLY B 95 13.59 8.06 -10.62
CA GLY B 95 13.83 8.95 -11.74
C GLY B 95 12.56 9.17 -12.55
N VAL B 96 12.36 10.41 -12.95
CA VAL B 96 11.18 10.82 -13.71
C VAL B 96 11.60 11.06 -15.15
N SER B 97 10.83 10.50 -16.08
CA SER B 97 11.02 10.70 -17.51
C SER B 97 9.72 11.20 -18.09
N GLY B 98 9.70 11.44 -19.40
CA GLY B 98 8.47 11.86 -20.04
C GLY B 98 8.72 12.38 -21.44
N HIS B 99 7.67 12.95 -22.01
CA HIS B 99 7.70 13.50 -23.35
C HIS B 99 6.96 14.83 -23.38
N PRO B 100 7.58 15.89 -23.91
CA PRO B 100 6.88 17.16 -24.06
C PRO B 100 5.68 17.10 -24.99
N LEU B 101 5.70 16.20 -25.98
CA LEU B 101 4.62 16.05 -26.96
C LEU B 101 4.43 14.54 -27.10
N LEU B 102 3.50 13.97 -26.34
CA LEU B 102 3.25 12.54 -26.33
C LEU B 102 1.84 12.25 -26.82
N ASN B 103 1.67 11.08 -27.44
CA ASN B 103 0.38 10.70 -28.01
C ASN B 103 -0.54 10.20 -26.91
N LYS B 104 -1.50 11.03 -26.52
CA LYS B 104 -2.45 10.69 -25.48
C LYS B 104 -3.74 11.43 -25.81
N TYR B 105 -4.68 10.75 -26.46
CA TYR B 105 -5.89 11.44 -26.89
C TYR B 105 -6.78 11.80 -25.70
N ASP B 106 -7.03 10.84 -24.81
CA ASP B 106 -8.05 11.04 -23.81
C ASP B 106 -7.76 10.19 -22.57
N ASP B 107 -8.36 10.60 -21.46
CA ASP B 107 -8.39 9.81 -20.24
C ASP B 107 -9.61 8.91 -20.27
N VAL B 108 -9.43 7.63 -19.95
CA VAL B 108 -10.51 6.66 -20.01
C VAL B 108 -10.76 5.96 -18.69
N GLU B 109 -10.03 6.31 -17.63
CA GLU B 109 -10.25 5.69 -16.33
C GLU B 109 -11.60 6.10 -15.74
N ASN B 110 -11.77 7.40 -15.52
CA ASN B 110 -13.04 7.95 -15.03
C ASN B 110 -13.54 9.06 -15.94
N SER B 111 -13.17 9.03 -17.21
CA SER B 111 -13.69 9.97 -18.21
C SER B 111 -13.94 9.22 -19.50
N GLY B 112 -15.08 9.49 -20.14
CA GLY B 112 -15.31 9.05 -21.49
C GLY B 112 -16.20 10.04 -22.19
N GLY B 113 -15.73 10.65 -23.27
CA GLY B 113 -16.49 11.71 -23.86
C GLY B 113 -16.83 11.47 -25.30
N TYR B 114 -18.03 11.85 -25.71
CA TYR B 114 -18.46 11.73 -27.09
C TYR B 114 -18.92 13.09 -27.60
N GLY B 115 -18.03 14.09 -27.47
CA GLY B 115 -18.31 15.42 -27.94
C GLY B 115 -17.74 15.69 -29.33
N GLY B 116 -16.70 16.52 -29.40
CA GLY B 116 -16.12 16.85 -30.68
C GLY B 116 -15.17 15.79 -31.19
N ASN B 117 -14.81 15.94 -32.46
CA ASN B 117 -13.91 15.03 -33.15
C ASN B 117 -12.45 15.30 -32.78
N PRO B 118 -11.56 14.33 -32.99
CA PRO B 118 -10.14 14.57 -32.69
C PRO B 118 -9.44 15.22 -33.87
N GLY B 119 -8.93 16.42 -33.65
CA GLY B 119 -8.24 17.18 -34.67
C GLY B 119 -6.81 16.70 -34.85
N GLN B 120 -6.05 17.48 -35.61
CA GLN B 120 -4.66 17.14 -35.86
C GLN B 120 -3.80 17.48 -34.65
N ASP B 121 -2.85 16.60 -34.33
CA ASP B 121 -1.86 16.83 -33.29
C ASP B 121 -2.51 17.09 -31.93
N ASN B 122 -3.12 16.05 -31.38
CA ASN B 122 -3.59 16.07 -29.99
C ASN B 122 -2.55 15.38 -29.12
N ARG B 123 -1.54 16.15 -28.73
CA ARG B 123 -0.42 15.63 -27.95
C ARG B 123 -0.24 16.49 -26.70
N VAL B 124 0.17 15.85 -25.61
CA VAL B 124 0.25 16.51 -24.31
C VAL B 124 1.59 16.23 -23.64
N ASN B 125 1.99 17.14 -22.75
CA ASN B 125 3.22 17.00 -21.99
C ASN B 125 3.00 16.05 -20.83
N VAL B 126 3.71 14.92 -20.80
CA VAL B 126 3.41 13.86 -19.85
C VAL B 126 4.70 13.37 -19.20
N GLY B 127 4.71 13.31 -17.88
CA GLY B 127 5.82 12.75 -17.14
C GLY B 127 5.38 11.59 -16.27
N MET B 128 6.27 10.62 -16.10
CA MET B 128 5.98 9.42 -15.32
C MET B 128 7.27 8.87 -14.75
N ASP B 129 7.14 7.78 -14.00
CA ASP B 129 8.26 6.96 -13.58
C ASP B 129 8.01 5.53 -14.06
N TYR B 130 9.09 4.78 -14.22
CA TYR B 130 9.05 3.51 -14.95
C TYR B 130 8.78 2.34 -14.01
N LYS B 131 8.97 1.13 -14.52
CA LYS B 131 8.89 -0.10 -13.74
C LYS B 131 10.17 -0.30 -12.94
N GLN B 132 10.03 -0.82 -11.72
CA GLN B 132 11.20 -1.04 -10.88
C GLN B 132 11.87 -2.37 -11.21
N THR B 133 13.17 -2.34 -11.48
CA THR B 133 13.89 -3.52 -11.93
C THR B 133 15.27 -3.57 -11.31
N GLN B 134 15.72 -4.78 -11.01
CA GLN B 134 17.08 -5.05 -10.55
C GLN B 134 17.53 -6.38 -11.16
N LEU B 135 18.75 -6.44 -11.65
CA LEU B 135 19.26 -7.73 -12.12
C LEU B 135 20.77 -7.70 -12.18
N CYS B 136 21.35 -8.89 -11.98
CA CYS B 136 22.80 -9.10 -12.00
C CYS B 136 23.10 -10.43 -12.67
N MET B 137 24.01 -10.42 -13.62
CA MET B 137 24.39 -11.61 -14.39
C MET B 137 25.90 -11.68 -14.51
N VAL B 138 26.43 -12.89 -14.51
CA VAL B 138 27.88 -13.10 -14.64
C VAL B 138 28.15 -14.23 -15.62
N GLY B 139 29.11 -14.01 -16.53
CA GLY B 139 29.44 -15.06 -17.48
C GLY B 139 30.76 -14.83 -18.18
N CYS B 140 31.03 -15.65 -19.19
CA CYS B 140 32.20 -15.52 -20.03
C CYS B 140 31.95 -14.78 -21.33
N ALA B 141 30.70 -14.78 -21.81
CA ALA B 141 30.35 -14.12 -23.05
C ALA B 141 29.18 -13.16 -22.81
N PRO B 142 29.08 -12.09 -23.60
CA PRO B 142 28.02 -11.13 -23.39
C PRO B 142 26.66 -11.78 -23.55
N PRO B 143 25.67 -11.35 -22.77
CA PRO B 143 24.39 -12.04 -22.77
C PRO B 143 23.61 -11.80 -24.05
N LEU B 144 22.65 -12.68 -24.29
CA LEU B 144 21.72 -12.54 -25.39
C LEU B 144 20.50 -11.75 -24.94
N GLY B 145 19.94 -10.99 -25.86
CA GLY B 145 18.74 -10.23 -25.58
C GLY B 145 17.75 -10.29 -26.72
N GLU B 146 16.46 -10.43 -26.39
CA GLU B 146 15.41 -10.60 -27.39
C GLU B 146 14.56 -9.35 -27.48
N HIS B 147 14.16 -9.01 -28.70
CA HIS B 147 13.21 -7.93 -28.89
C HIS B 147 12.38 -8.25 -30.12
N TRP B 148 11.42 -7.38 -30.42
CA TRP B 148 10.49 -7.57 -31.52
C TRP B 148 10.78 -6.52 -32.58
N GLY B 149 11.08 -6.99 -33.79
CA GLY B 149 11.46 -6.09 -34.87
C GLY B 149 10.63 -6.33 -36.11
N LYS B 150 10.80 -5.44 -37.07
CA LYS B 150 10.09 -5.54 -38.34
C LYS B 150 10.59 -6.74 -39.13
N GLY B 151 9.66 -7.55 -39.61
CA GLY B 151 10.02 -8.73 -40.37
C GLY B 151 10.31 -8.40 -41.82
N THR B 152 10.82 -9.39 -42.53
CA THR B 152 11.11 -9.24 -43.96
C THR B 152 9.91 -9.71 -44.76
N GLN B 153 9.37 -8.82 -45.59
CA GLN B 153 8.25 -9.14 -46.46
C GLN B 153 8.79 -9.72 -47.76
N CYS B 154 8.38 -10.95 -48.07
CA CYS B 154 8.96 -11.72 -49.15
C CYS B 154 8.22 -11.46 -50.46
N SER B 155 8.49 -12.28 -51.48
CA SER B 155 7.88 -12.13 -52.79
C SER B 155 6.39 -12.44 -52.69
N ASN B 156 5.57 -11.40 -52.72
CA ASN B 156 4.12 -11.54 -52.53
C ASN B 156 3.46 -10.29 -53.11
N THR B 157 2.17 -10.13 -52.83
CA THR B 157 1.47 -8.90 -53.21
C THR B 157 2.12 -7.72 -52.50
N SER B 158 2.42 -6.68 -53.27
CA SER B 158 3.03 -5.48 -52.70
C SER B 158 2.07 -4.84 -51.71
N VAL B 159 2.58 -4.54 -50.52
CA VAL B 159 1.75 -4.01 -49.45
C VAL B 159 1.48 -2.53 -49.70
N GLN B 160 0.26 -2.10 -49.44
CA GLN B 160 -0.05 -0.69 -49.49
C GLN B 160 0.58 0.03 -48.30
N ASN B 161 0.74 1.34 -48.44
CA ASN B 161 1.24 2.14 -47.34
C ASN B 161 0.27 2.10 -46.17
N GLY B 162 0.80 1.83 -44.97
CA GLY B 162 0.00 1.77 -43.77
C GLY B 162 -0.35 0.38 -43.28
N ASP B 163 0.00 -0.66 -44.02
CA ASP B 163 -0.30 -2.01 -43.57
C ASP B 163 0.54 -2.37 -42.36
N CYS B 164 0.03 -3.30 -41.57
CA CYS B 164 0.70 -3.66 -40.33
C CYS B 164 2.02 -4.33 -40.63
N PRO B 165 3.14 -3.80 -40.15
CA PRO B 165 4.43 -4.46 -40.38
C PRO B 165 4.47 -5.84 -39.76
N PRO B 166 5.06 -6.81 -40.42
CA PRO B 166 5.21 -8.13 -39.82
C PRO B 166 6.16 -8.07 -38.64
N LEU B 167 5.94 -8.96 -37.67
CA LEU B 167 6.74 -8.99 -36.46
C LEU B 167 7.66 -10.20 -36.47
N GLU B 168 8.87 -10.01 -35.96
CA GLU B 168 9.86 -11.07 -35.85
C GLU B 168 10.54 -10.96 -34.49
N LEU B 169 10.89 -12.10 -33.91
CA LEU B 169 11.61 -12.13 -32.64
C LEU B 169 13.10 -12.17 -32.93
N ILE B 170 13.78 -11.05 -32.71
CA ILE B 170 15.20 -10.91 -33.03
C ILE B 170 16.01 -11.03 -31.76
N THR B 171 16.99 -11.93 -31.78
CA THR B 171 17.96 -12.10 -30.71
C THR B 171 19.27 -11.43 -31.09
N SER B 172 19.91 -10.80 -30.12
CA SER B 172 21.13 -10.06 -30.37
C SER B 172 22.00 -10.13 -29.12
N VAL B 173 23.06 -9.33 -29.09
CA VAL B 173 23.98 -9.25 -27.96
C VAL B 173 23.68 -7.96 -27.19
N ILE B 174 23.55 -8.07 -25.88
CA ILE B 174 23.36 -6.90 -25.02
C ILE B 174 24.71 -6.23 -24.84
N GLN B 175 24.86 -5.03 -25.41
CA GLN B 175 26.07 -4.24 -25.27
C GLN B 175 25.89 -3.18 -24.18
N ASP B 176 26.95 -2.45 -23.91
CA ASP B 176 26.89 -1.39 -22.91
C ASP B 176 26.02 -0.25 -23.40
N GLY B 177 25.22 0.31 -22.50
CA GLY B 177 24.38 1.43 -22.83
C GLY B 177 23.07 1.09 -23.46
N ASP B 178 22.81 -0.18 -23.76
CA ASP B 178 21.50 -0.57 -24.27
C ASP B 178 20.46 -0.45 -23.17
N MET B 179 19.29 0.05 -23.53
CA MET B 179 18.26 0.29 -22.53
C MET B 179 17.58 -1.01 -22.12
N VAL B 180 16.74 -0.91 -21.10
CA VAL B 180 15.94 -2.03 -20.61
C VAL B 180 14.47 -1.67 -20.73
N ASP B 181 13.63 -2.69 -20.86
CA ASP B 181 12.20 -2.47 -21.01
C ASP B 181 11.63 -1.81 -19.75
N THR B 182 10.65 -0.92 -19.95
CA THR B 182 10.15 -0.07 -18.89
C THR B 182 8.65 -0.22 -18.66
N GLY B 183 8.07 -1.35 -19.06
CA GLY B 183 6.64 -1.53 -18.96
C GLY B 183 5.86 -1.13 -20.20
N PHE B 184 6.55 -0.76 -21.27
CA PHE B 184 5.92 -0.53 -22.57
C PHE B 184 6.17 -1.65 -23.56
N GLY B 185 6.96 -2.64 -23.19
CA GLY B 185 7.31 -3.75 -24.06
C GLY B 185 8.78 -3.77 -24.41
N ALA B 186 9.15 -4.78 -25.17
CA ALA B 186 10.52 -4.96 -25.64
C ALA B 186 10.49 -4.98 -27.16
N MET B 187 10.58 -3.79 -27.77
CA MET B 187 10.52 -3.68 -29.22
C MET B 187 11.48 -2.63 -29.70
N ASN B 188 11.76 -2.66 -30.99
CA ASN B 188 12.54 -1.62 -31.67
C ASN B 188 11.61 -0.46 -31.93
N PHE B 189 11.52 0.46 -30.97
CA PHE B 189 10.61 1.59 -31.09
C PHE B 189 10.97 2.50 -32.25
N ALA B 190 12.19 2.39 -32.77
CA ALA B 190 12.59 3.24 -33.90
C ALA B 190 11.94 2.77 -35.19
N ASP B 191 11.76 1.46 -35.37
CA ASP B 191 11.26 0.89 -36.61
C ASP B 191 9.78 0.55 -36.57
N LEU B 192 9.25 0.10 -35.44
CA LEU B 192 7.86 -0.30 -35.35
C LEU B 192 6.91 0.86 -35.10
N GLN B 193 7.41 2.03 -34.74
CA GLN B 193 6.57 3.21 -34.55
C GLN B 193 7.23 4.38 -35.27
N THR B 194 6.46 5.06 -36.11
CA THR B 194 7.01 6.07 -37.02
C THR B 194 6.76 7.49 -36.54
N ASN B 195 5.68 7.74 -35.78
CA ASN B 195 5.34 9.09 -35.38
C ASN B 195 6.36 9.70 -34.42
N LYS B 196 7.13 8.87 -33.70
CA LYS B 196 8.13 9.32 -32.74
C LYS B 196 7.54 10.12 -31.59
N SER B 197 6.28 9.88 -31.25
CA SER B 197 5.64 10.57 -30.14
C SER B 197 4.75 9.63 -29.34
N ASP B 198 5.18 8.39 -29.16
CA ASP B 198 4.38 7.39 -28.46
C ASP B 198 4.94 6.99 -27.11
N VAL B 199 6.24 7.15 -26.90
CA VAL B 199 6.90 6.74 -25.66
C VAL B 199 7.85 7.86 -25.25
N PRO B 200 8.28 7.88 -23.99
CA PRO B 200 9.15 8.96 -23.51
C PRO B 200 10.45 9.08 -24.31
N LEU B 201 11.15 10.19 -24.06
CA LEU B 201 12.30 10.57 -24.88
C LEU B 201 13.43 9.56 -24.79
N ASP B 202 13.67 9.00 -23.62
CA ASP B 202 14.84 8.15 -23.45
C ASP B 202 14.68 6.77 -24.07
N ILE B 203 13.52 6.44 -24.63
CA ILE B 203 13.34 5.19 -25.36
C ILE B 203 12.69 5.37 -26.72
N CYS B 204 12.25 6.58 -27.07
CA CYS B 204 11.52 6.76 -28.31
C CYS B 204 12.42 6.68 -29.54
N GLY B 205 13.73 6.57 -29.38
CA GLY B 205 14.61 6.51 -30.54
C GLY B 205 15.60 5.37 -30.49
N THR B 206 15.40 4.42 -29.58
CA THR B 206 16.34 3.33 -29.37
C THR B 206 15.57 2.02 -29.35
N VAL B 207 16.25 0.96 -28.91
CA VAL B 207 15.68 -0.37 -28.78
C VAL B 207 15.71 -0.75 -27.31
N CYS B 208 14.62 -1.33 -26.82
CA CYS B 208 14.56 -1.86 -25.47
C CYS B 208 14.57 -3.39 -25.55
N LYS B 209 15.43 -4.00 -24.75
CA LYS B 209 15.65 -5.44 -24.82
C LYS B 209 15.29 -6.10 -23.51
N TYR B 210 15.09 -7.41 -23.57
CA TYR B 210 14.83 -8.25 -22.41
C TYR B 210 15.75 -9.46 -22.47
N PRO B 211 16.34 -9.86 -21.36
CA PRO B 211 17.26 -11.01 -21.38
C PRO B 211 16.58 -12.27 -21.86
N ASP B 212 17.32 -13.10 -22.58
CA ASP B 212 16.79 -14.33 -23.17
C ASP B 212 17.17 -15.50 -22.27
N TYR B 213 16.38 -15.67 -21.21
CA TYR B 213 16.72 -16.70 -20.22
C TYR B 213 16.53 -18.10 -20.77
N LEU B 214 15.53 -18.31 -21.64
CA LEU B 214 15.24 -19.65 -22.12
C LEU B 214 16.37 -20.20 -22.97
N GLN B 215 16.83 -19.44 -23.96
CA GLN B 215 17.90 -19.94 -24.81
C GLN B 215 19.24 -19.96 -24.08
N MET B 216 19.51 -18.96 -23.24
CA MET B 216 20.74 -18.98 -22.47
C MET B 216 20.78 -20.18 -21.52
N ALA B 217 19.61 -20.63 -21.06
CA ALA B 217 19.57 -21.85 -20.26
C ALA B 217 19.70 -23.10 -21.12
N ALA B 218 19.18 -23.06 -22.34
CA ALA B 218 19.22 -24.22 -23.24
C ALA B 218 20.57 -24.40 -23.92
N ASP B 219 21.50 -23.48 -23.76
CA ASP B 219 22.80 -23.60 -24.42
C ASP B 219 23.52 -24.83 -23.88
N PRO B 220 24.24 -25.57 -24.74
CA PRO B 220 24.84 -26.83 -24.30
C PRO B 220 25.99 -26.68 -23.32
N TYR B 221 27.00 -25.87 -23.67
CA TYR B 221 28.17 -25.74 -22.82
C TYR B 221 27.86 -24.95 -21.55
N GLY B 222 27.19 -23.81 -21.70
CA GLY B 222 26.85 -22.99 -20.57
C GLY B 222 27.81 -21.86 -20.29
N ASP B 223 28.28 -21.16 -21.32
CA ASP B 223 29.20 -20.04 -21.14
C ASP B 223 28.51 -18.69 -21.06
N ARG B 224 27.20 -18.62 -21.31
CA ARG B 224 26.54 -17.32 -21.36
C ARG B 224 26.26 -16.78 -19.97
N LEU B 225 25.92 -17.65 -19.01
CA LEU B 225 25.67 -17.18 -17.66
C LEU B 225 25.97 -18.30 -16.65
N PHE B 226 26.71 -17.95 -15.61
CA PHE B 226 26.92 -18.83 -14.47
C PHE B 226 25.97 -18.54 -13.32
N PHE B 227 25.36 -17.36 -13.33
CA PHE B 227 24.76 -16.77 -12.15
C PHE B 227 23.92 -15.58 -12.58
N TYR B 228 22.67 -15.55 -12.12
CA TYR B 228 21.83 -14.39 -12.34
C TYR B 228 20.83 -14.25 -11.20
N LEU B 229 20.47 -13.00 -10.93
CA LEU B 229 19.43 -12.63 -9.98
C LEU B 229 18.58 -11.53 -10.59
N ARG B 230 17.27 -11.58 -10.36
CA ARG B 230 16.37 -10.56 -10.88
C ARG B 230 15.28 -10.26 -9.86
N LYS B 231 14.74 -9.04 -9.95
CA LYS B 231 13.68 -8.60 -9.05
C LYS B 231 13.00 -7.39 -9.70
N GLU B 232 11.75 -7.55 -10.12
CA GLU B 232 11.04 -6.48 -10.81
C GLU B 232 9.61 -6.38 -10.30
N GLN B 233 9.05 -5.17 -10.40
CA GLN B 233 7.68 -4.92 -9.95
C GLN B 233 7.15 -3.63 -10.56
N MET B 234 5.83 -3.58 -10.73
CA MET B 234 5.14 -2.46 -11.35
C MET B 234 3.65 -2.57 -11.10
N PHE B 235 2.94 -1.47 -11.33
CA PHE B 235 1.47 -1.47 -11.35
C PHE B 235 1.01 -0.39 -12.32
N ALA B 236 -0.28 -0.40 -12.64
CA ALA B 236 -0.85 0.48 -13.65
C ALA B 236 -1.51 1.67 -12.97
N ARG B 237 -1.02 2.88 -13.26
CA ARG B 237 -1.50 4.06 -12.54
C ARG B 237 -2.63 4.78 -13.27
N HIS B 238 -2.44 5.08 -14.55
CA HIS B 238 -3.42 5.79 -15.35
C HIS B 238 -3.64 5.07 -16.66
N PHE B 239 -4.87 5.12 -17.15
CA PHE B 239 -5.25 4.52 -18.43
C PHE B 239 -5.65 5.62 -19.38
N PHE B 240 -5.14 5.57 -20.61
CA PHE B 240 -5.47 6.59 -21.60
C PHE B 240 -5.65 5.94 -22.96
N ASN B 241 -5.67 6.76 -24.00
CA ASN B 241 -6.16 6.40 -25.32
C ASN B 241 -5.31 7.08 -26.38
N ARG B 242 -4.98 6.36 -27.45
CA ARG B 242 -4.15 6.94 -28.49
C ARG B 242 -5.00 7.50 -29.63
N ALA B 243 -4.42 8.45 -30.36
CA ALA B 243 -5.10 9.18 -31.41
C ALA B 243 -4.51 8.83 -32.76
N GLY B 244 -5.36 8.46 -33.70
CA GLY B 244 -4.90 8.11 -35.03
C GLY B 244 -6.00 7.39 -35.78
N THR B 245 -5.72 7.12 -37.05
CA THR B 245 -6.63 6.31 -37.84
C THR B 245 -6.54 4.85 -37.40
N VAL B 246 -7.70 4.22 -37.22
CA VAL B 246 -7.78 2.88 -36.67
C VAL B 246 -7.58 1.87 -37.81
N GLY B 247 -6.57 1.02 -37.66
CA GLY B 247 -6.26 0.06 -38.71
C GLY B 247 -7.34 -0.99 -38.89
N GLU B 248 -7.83 -1.56 -37.79
CA GLU B 248 -8.80 -2.65 -37.83
C GLU B 248 -10.07 -2.27 -37.10
N PRO B 249 -11.12 -1.85 -37.81
CA PRO B 249 -12.34 -1.40 -37.14
C PRO B 249 -13.05 -2.55 -36.44
N VAL B 250 -13.81 -2.18 -35.40
CA VAL B 250 -14.49 -3.17 -34.55
C VAL B 250 -15.54 -3.91 -35.37
N PRO B 251 -15.62 -5.24 -35.26
CA PRO B 251 -16.61 -5.99 -36.05
C PRO B 251 -18.03 -5.58 -35.70
N ASP B 252 -18.91 -5.72 -36.69
CA ASP B 252 -20.29 -5.27 -36.53
C ASP B 252 -21.02 -6.04 -35.44
N ASP B 253 -20.75 -7.33 -35.31
CA ASP B 253 -21.53 -8.17 -34.42
C ASP B 253 -21.20 -7.94 -32.95
N LEU B 254 -20.08 -7.29 -32.64
CA LEU B 254 -19.66 -7.16 -31.25
C LEU B 254 -20.32 -6.00 -30.52
N LEU B 255 -20.98 -5.09 -31.23
CA LEU B 255 -21.54 -3.92 -30.57
C LEU B 255 -22.86 -3.53 -31.23
N VAL B 256 -23.62 -2.72 -30.52
CA VAL B 256 -24.87 -2.16 -31.05
C VAL B 256 -24.63 -0.70 -31.41
N LYS B 257 -24.86 -0.34 -32.66
CA LYS B 257 -24.50 0.97 -33.16
C LYS B 257 -25.33 2.06 -32.47
N GLY B 258 -24.74 3.25 -32.39
CA GLY B 258 -25.36 4.39 -31.78
C GLY B 258 -25.91 5.38 -32.80
N GLY B 259 -26.16 6.60 -32.32
CA GLY B 259 -26.72 7.64 -33.17
C GLY B 259 -26.27 9.01 -32.71
N ASN B 260 -26.63 10.01 -33.51
CA ASN B 260 -26.27 11.41 -33.28
C ASN B 260 -24.74 11.50 -33.28
N ASN B 261 -24.09 11.91 -32.20
CA ASN B 261 -22.63 11.94 -32.15
C ASN B 261 -22.01 10.62 -31.71
N ARG B 262 -22.82 9.62 -31.34
CA ARG B 262 -22.29 8.32 -30.99
C ARG B 262 -22.06 7.42 -32.21
N SER B 263 -22.40 7.88 -33.42
CA SER B 263 -22.20 7.06 -34.60
C SER B 263 -20.72 6.78 -34.84
N SER B 264 -19.87 7.78 -34.62
CA SER B 264 -18.43 7.62 -34.77
C SER B 264 -17.88 6.95 -33.52
N VAL B 265 -17.49 5.68 -33.64
CA VAL B 265 -16.96 4.94 -32.50
C VAL B 265 -15.56 5.46 -32.18
N ALA B 266 -15.32 5.71 -30.89
CA ALA B 266 -14.06 6.30 -30.47
C ALA B 266 -12.93 5.30 -30.58
N SER B 267 -11.70 5.80 -30.42
CA SER B 267 -10.51 4.98 -30.58
C SER B 267 -10.49 3.87 -29.53
N SER B 268 -9.96 2.72 -29.93
CA SER B 268 -9.99 1.52 -29.10
C SER B 268 -8.58 0.99 -28.80
N ILE B 269 -7.56 1.83 -28.92
CA ILE B 269 -6.20 1.46 -28.59
C ILE B 269 -5.93 1.97 -27.17
N TYR B 270 -5.88 1.05 -26.21
CA TYR B 270 -5.82 1.41 -24.80
C TYR B 270 -4.42 1.15 -24.24
N VAL B 271 -3.87 2.15 -23.55
CA VAL B 271 -2.52 2.10 -22.99
C VAL B 271 -2.60 2.55 -21.54
N HIS B 272 -1.64 2.12 -20.73
CA HIS B 272 -1.55 2.53 -19.34
C HIS B 272 -0.19 3.16 -19.05
N THR B 273 -0.06 3.68 -17.82
CA THR B 273 1.18 4.28 -17.36
C THR B 273 1.76 3.44 -16.23
N PRO B 274 2.97 2.90 -16.39
CA PRO B 274 3.53 2.05 -15.34
C PRO B 274 3.97 2.84 -14.13
N SER B 275 4.16 2.12 -13.02
CA SER B 275 4.75 2.74 -11.84
C SER B 275 5.39 1.65 -10.99
N GLY B 276 6.31 2.06 -10.14
CA GLY B 276 6.95 1.19 -9.16
C GLY B 276 6.58 1.65 -7.76
N SER B 277 6.07 0.71 -6.96
CA SER B 277 5.40 1.09 -5.72
C SER B 277 6.34 1.80 -4.76
N LEU B 278 7.35 1.08 -4.25
CA LEU B 278 8.13 1.57 -3.12
C LEU B 278 9.54 1.03 -3.22
N VAL B 279 10.52 1.86 -2.89
CA VAL B 279 11.91 1.45 -2.79
C VAL B 279 12.27 1.35 -1.31
N SER B 280 12.88 0.24 -0.93
CA SER B 280 13.19 -0.02 0.46
C SER B 280 14.54 -0.72 0.55
N SER B 281 15.24 -0.50 1.66
CA SER B 281 16.57 -1.05 1.85
C SER B 281 16.56 -2.55 2.11
N GLU B 282 15.41 -3.16 2.33
CA GLU B 282 15.34 -4.59 2.63
C GLU B 282 15.09 -5.45 1.40
N ALA B 283 14.97 -4.84 0.22
CA ALA B 283 14.75 -5.56 -1.01
C ALA B 283 15.95 -5.50 -1.95
N GLN B 284 17.00 -4.78 -1.59
CA GLN B 284 18.13 -4.60 -2.49
C GLN B 284 18.94 -5.88 -2.62
N LEU B 285 19.65 -6.00 -3.75
CA LEU B 285 20.54 -7.13 -3.99
C LEU B 285 22.01 -6.75 -3.91
N PHE B 286 22.35 -5.48 -4.14
CA PHE B 286 23.74 -5.07 -4.21
C PHE B 286 24.26 -4.76 -2.81
N ASN B 287 25.56 -4.47 -2.72
CA ASN B 287 26.26 -4.33 -1.45
C ASN B 287 26.16 -5.60 -0.61
N LYS B 288 26.12 -6.75 -1.27
CA LYS B 288 26.03 -8.05 -0.62
C LYS B 288 26.91 -9.02 -1.39
N PRO B 289 27.76 -9.80 -0.71
CA PRO B 289 28.63 -10.74 -1.41
C PRO B 289 27.89 -12.02 -1.76
N TYR B 290 28.05 -12.47 -3.00
CA TYR B 290 27.52 -13.75 -3.46
C TYR B 290 28.66 -14.74 -3.62
N TRP B 291 28.49 -15.93 -3.04
CA TRP B 291 29.48 -17.00 -3.18
C TRP B 291 28.99 -17.96 -4.25
N LEU B 292 29.62 -17.89 -5.43
CA LEU B 292 29.19 -18.70 -6.56
C LEU B 292 29.57 -20.15 -6.33
N GLN B 293 28.66 -20.91 -5.71
CA GLN B 293 29.00 -22.27 -5.30
C GLN B 293 28.89 -23.26 -6.45
N LYS B 294 27.69 -23.47 -6.98
CA LYS B 294 27.47 -24.42 -8.06
C LYS B 294 26.77 -23.73 -9.21
N ALA B 295 27.32 -23.89 -10.41
CA ALA B 295 26.75 -23.26 -11.58
C ALA B 295 25.50 -24.00 -12.04
N GLN B 296 24.63 -23.27 -12.74
CA GLN B 296 23.41 -23.88 -13.27
C GLN B 296 23.72 -24.87 -14.40
N GLY B 297 24.72 -24.57 -15.23
CA GLY B 297 25.04 -25.40 -16.36
C GLY B 297 26.27 -26.25 -16.13
N HIS B 298 27.05 -26.47 -17.18
CA HIS B 298 28.26 -27.29 -17.08
C HIS B 298 29.50 -26.47 -16.76
N ASN B 299 29.63 -25.28 -17.37
CA ASN B 299 30.74 -24.38 -17.05
C ASN B 299 30.62 -23.90 -15.62
N ASN B 300 31.46 -24.43 -14.74
CA ASN B 300 31.35 -24.14 -13.30
C ASN B 300 32.28 -22.98 -12.92
N GLY B 301 31.95 -21.82 -13.47
CA GLY B 301 32.69 -20.61 -13.15
C GLY B 301 34.15 -20.63 -13.58
N ILE B 302 34.40 -21.08 -14.81
CA ILE B 302 35.75 -21.11 -15.38
C ILE B 302 35.82 -20.01 -16.43
N CYS B 303 36.88 -19.20 -16.38
CA CYS B 303 37.02 -18.04 -17.26
C CYS B 303 37.99 -18.37 -18.38
N TRP B 304 37.46 -18.71 -19.55
CA TRP B 304 38.28 -19.06 -20.70
C TRP B 304 38.72 -17.79 -21.42
N GLY B 305 40.00 -17.75 -21.78
CA GLY B 305 40.53 -16.62 -22.51
C GLY B 305 40.79 -15.38 -21.69
N ASN B 306 40.87 -15.49 -20.37
CA ASN B 306 41.16 -14.37 -19.47
C ASN B 306 40.17 -13.23 -19.68
N HIS B 307 38.89 -13.58 -19.67
CA HIS B 307 37.80 -12.63 -19.85
C HIS B 307 36.80 -12.82 -18.72
N LEU B 308 36.01 -11.78 -18.49
CA LEU B 308 34.84 -11.90 -17.63
C LEU B 308 33.83 -10.85 -18.04
N PHE B 309 32.54 -11.21 -17.98
CA PHE B 309 31.48 -10.28 -18.34
C PHE B 309 30.50 -10.17 -17.19
N VAL B 310 30.27 -8.95 -16.71
CA VAL B 310 29.35 -8.69 -15.61
C VAL B 310 28.29 -7.74 -16.11
N THR B 311 27.02 -8.12 -15.97
CA THR B 311 25.91 -7.32 -16.45
C THR B 311 25.07 -6.87 -15.26
N VAL B 312 24.83 -5.57 -15.15
CA VAL B 312 24.13 -4.98 -14.02
C VAL B 312 23.03 -4.06 -14.53
N VAL B 313 21.84 -4.17 -13.95
CA VAL B 313 20.78 -3.18 -14.09
C VAL B 313 20.24 -2.88 -12.70
N ASP B 314 20.16 -1.61 -12.34
CA ASP B 314 19.70 -1.22 -11.01
C ASP B 314 19.03 0.14 -11.11
N THR B 315 17.71 0.16 -11.01
CA THR B 315 16.94 1.39 -11.15
C THR B 315 16.52 1.96 -9.79
N THR B 316 17.03 1.39 -8.70
CA THR B 316 16.66 1.84 -7.36
C THR B 316 17.35 3.14 -6.95
N ARG B 317 18.49 3.48 -7.56
CA ARG B 317 19.18 4.73 -7.32
C ARG B 317 19.26 5.46 -8.65
N SER B 318 18.22 6.24 -8.97
CA SER B 318 18.15 6.88 -10.28
C SER B 318 17.60 8.29 -10.16
N THR B 319 18.09 9.07 -9.22
CA THR B 319 17.65 10.45 -9.07
C THR B 319 18.32 11.31 -10.11
N ASN B 320 17.55 12.12 -10.83
CA ASN B 320 18.10 13.06 -11.80
C ASN B 320 18.19 14.43 -11.12
N MET B 321 19.41 14.84 -10.77
CA MET B 321 19.59 16.12 -10.12
C MET B 321 19.41 17.26 -11.12
N THR B 322 19.01 18.40 -10.59
CA THR B 322 18.76 19.60 -11.38
C THR B 322 19.70 20.70 -10.91
N LEU B 323 20.43 21.29 -11.85
CA LEU B 323 21.37 22.36 -11.57
C LEU B 323 20.86 23.65 -12.19
N CYS B 324 21.21 24.78 -11.58
CA CYS B 324 20.79 26.09 -12.05
C CYS B 324 21.99 27.01 -12.12
N ALA B 325 22.06 27.80 -13.19
CA ALA B 325 23.14 28.77 -13.37
C ALA B 325 22.53 30.13 -13.64
N SER B 326 23.21 31.18 -13.21
CA SER B 326 22.67 32.54 -13.24
C SER B 326 23.30 33.31 -14.38
N VAL B 327 22.53 33.59 -15.42
CA VAL B 327 23.03 34.38 -16.55
C VAL B 327 23.25 35.83 -16.12
N SER B 328 22.26 36.42 -15.44
CA SER B 328 22.35 37.80 -15.00
C SER B 328 21.58 37.94 -13.70
N LYS B 329 21.66 39.14 -13.11
CA LYS B 329 20.93 39.45 -11.89
C LYS B 329 20.13 40.73 -12.10
N SER B 330 18.84 40.67 -11.75
CA SER B 330 17.92 41.77 -11.96
C SER B 330 17.34 42.21 -10.62
N ALA B 331 16.33 43.08 -10.67
CA ALA B 331 15.75 43.63 -9.46
C ALA B 331 15.02 42.55 -8.65
N THR B 332 13.99 41.94 -9.22
CA THR B 332 13.13 41.01 -8.49
C THR B 332 12.81 39.77 -9.33
N TYR B 333 13.69 38.78 -9.28
CA TYR B 333 13.42 37.42 -9.77
C TYR B 333 12.75 37.41 -11.15
N THR B 334 13.53 37.77 -12.16
CA THR B 334 13.16 37.44 -13.52
C THR B 334 13.37 35.95 -13.77
N ASN B 335 12.47 35.34 -14.55
CA ASN B 335 12.64 33.93 -14.91
C ASN B 335 13.76 33.72 -15.93
N SER B 336 14.13 34.75 -16.68
CA SER B 336 15.14 34.60 -17.72
C SER B 336 16.56 34.87 -17.22
N ASP B 337 16.76 35.03 -15.91
CA ASP B 337 18.09 35.12 -15.35
C ASP B 337 18.75 33.76 -15.17
N TYR B 338 18.00 32.67 -15.29
CA TYR B 338 18.48 31.38 -14.85
C TYR B 338 18.38 30.37 -15.98
N LYS B 339 19.35 29.46 -16.01
CA LYS B 339 19.38 28.35 -16.95
C LYS B 339 19.39 27.05 -16.18
N GLU B 340 18.58 26.09 -16.64
CA GLU B 340 18.35 24.84 -15.94
C GLU B 340 19.00 23.68 -16.67
N TYR B 341 19.60 22.76 -15.92
CA TYR B 341 20.27 21.60 -16.47
C TYR B 341 19.90 20.37 -15.68
N MET B 342 19.95 19.22 -16.33
CA MET B 342 19.65 17.94 -15.70
C MET B 342 20.87 17.05 -15.78
N ARG B 343 21.17 16.35 -14.69
CA ARG B 343 22.33 15.47 -14.65
C ARG B 343 22.00 14.20 -13.90
N HIS B 344 22.67 13.12 -14.27
CA HIS B 344 22.61 11.87 -13.54
C HIS B 344 24.04 11.37 -13.33
N VAL B 345 24.29 10.85 -12.13
CA VAL B 345 25.60 10.36 -11.73
C VAL B 345 25.46 8.95 -11.20
N GLU B 346 26.39 8.08 -11.60
CA GLU B 346 26.35 6.67 -11.22
C GLU B 346 27.73 6.26 -10.73
N GLU B 347 27.77 5.53 -9.62
CA GLU B 347 29.02 5.16 -8.97
C GLU B 347 29.02 3.68 -8.62
N PHE B 348 30.12 3.00 -8.93
CA PHE B 348 30.28 1.57 -8.72
C PHE B 348 31.58 1.28 -7.98
N ASP B 349 31.66 0.07 -7.44
CA ASP B 349 32.90 -0.48 -6.90
C ASP B 349 32.78 -2.00 -6.95
N LEU B 350 33.41 -2.61 -7.95
CA LEU B 350 33.30 -4.05 -8.18
C LEU B 350 34.46 -4.77 -7.52
N GLN B 351 34.17 -5.81 -6.77
CA GLN B 351 35.19 -6.57 -6.06
C GLN B 351 35.02 -8.06 -6.36
N PHE B 352 36.12 -8.74 -6.67
CA PHE B 352 36.08 -10.12 -7.09
C PHE B 352 37.11 -10.92 -6.31
N ILE B 353 36.83 -12.21 -6.15
CA ILE B 353 37.77 -13.17 -5.59
C ILE B 353 37.85 -14.35 -6.56
N PHE B 354 39.05 -14.62 -7.06
CA PHE B 354 39.31 -15.64 -8.07
C PHE B 354 40.17 -16.75 -7.48
N GLN B 355 40.11 -17.91 -8.15
CA GLN B 355 40.90 -19.07 -7.78
C GLN B 355 41.68 -19.55 -8.99
N LEU B 356 42.78 -20.26 -8.73
CA LEU B 356 43.64 -20.79 -9.79
C LEU B 356 43.30 -22.25 -10.09
N CYS B 357 43.32 -22.59 -11.38
CA CYS B 357 43.02 -23.95 -11.81
C CYS B 357 43.97 -24.34 -12.94
N SER B 358 44.23 -25.64 -13.04
CA SER B 358 45.16 -26.17 -14.03
C SER B 358 44.53 -27.33 -14.78
N ILE B 359 44.89 -27.47 -16.06
CA ILE B 359 44.30 -28.45 -16.96
C ILE B 359 45.42 -29.30 -17.55
N THR B 360 45.24 -30.63 -17.50
CA THR B 360 46.20 -31.56 -18.10
C THR B 360 45.74 -31.91 -19.51
N LEU B 361 46.56 -31.56 -20.50
CA LEU B 361 46.16 -31.63 -21.91
C LEU B 361 46.52 -33.01 -22.47
N SER B 362 45.65 -33.98 -22.19
CA SER B 362 45.79 -35.28 -22.82
C SER B 362 45.20 -35.23 -24.23
N ALA B 363 45.18 -36.37 -24.90
CA ALA B 363 44.67 -36.42 -26.27
C ALA B 363 43.17 -36.12 -26.32
N GLU B 364 42.39 -36.82 -25.49
CA GLU B 364 40.95 -36.59 -25.47
C GLU B 364 40.63 -35.17 -25.04
N VAL B 365 41.36 -34.67 -24.03
CA VAL B 365 41.09 -33.31 -23.54
C VAL B 365 41.41 -32.30 -24.63
N MET B 366 42.53 -32.49 -25.34
CA MET B 366 42.86 -31.57 -26.43
C MET B 366 41.80 -31.59 -27.52
N ALA B 367 41.33 -32.78 -27.91
CA ALA B 367 40.30 -32.87 -28.94
C ALA B 367 39.00 -32.22 -28.48
N TYR B 368 38.59 -32.48 -27.23
CA TYR B 368 37.35 -31.92 -26.72
C TYR B 368 37.42 -30.40 -26.63
N ILE B 369 38.55 -29.86 -26.17
CA ILE B 369 38.69 -28.41 -26.09
C ILE B 369 38.74 -27.80 -27.48
N HIS B 370 39.35 -28.50 -28.45
CA HIS B 370 39.33 -28.00 -29.82
C HIS B 370 37.90 -27.94 -30.35
N THR B 371 37.10 -28.97 -30.09
CA THR B 371 35.71 -28.95 -30.52
C THR B 371 34.93 -27.83 -29.85
N MET B 372 35.17 -27.62 -28.54
CA MET B 372 34.40 -26.62 -27.80
C MET B 372 34.80 -25.21 -28.22
N ASN B 373 36.06 -24.85 -28.05
CA ASN B 373 36.54 -23.50 -28.35
C ASN B 373 37.97 -23.59 -28.87
N PRO B 374 38.18 -23.39 -30.17
CA PRO B 374 39.55 -23.45 -30.71
C PRO B 374 40.46 -22.34 -30.20
N SER B 375 39.89 -21.22 -29.74
CA SER B 375 40.70 -20.11 -29.28
C SER B 375 41.47 -20.48 -28.02
N VAL B 376 40.89 -21.30 -27.15
CA VAL B 376 41.56 -21.70 -25.92
C VAL B 376 42.87 -22.42 -26.24
N LEU B 377 42.83 -23.32 -27.23
CA LEU B 377 44.04 -24.04 -27.62
C LEU B 377 44.99 -23.15 -28.41
N GLU B 378 44.47 -22.30 -29.31
CA GLU B 378 45.35 -21.44 -30.08
C GLU B 378 46.07 -20.42 -29.20
N ASP B 379 45.48 -20.07 -28.05
CA ASP B 379 46.12 -19.12 -27.15
C ASP B 379 47.26 -19.74 -26.35
N TRP B 380 47.22 -21.05 -26.14
CA TRP B 380 48.20 -21.73 -25.29
C TRP B 380 49.42 -22.10 -26.12
N ASN B 381 50.31 -21.12 -26.29
CA ASN B 381 51.55 -21.34 -27.02
C ASN B 381 52.70 -20.52 -26.43
N LYS B 415 44.30 -12.70 -34.78
CA LYS B 415 43.08 -13.25 -34.19
C LYS B 415 41.94 -12.23 -34.23
N GLN B 416 40.93 -12.52 -35.04
CA GLN B 416 39.75 -11.68 -35.12
C GLN B 416 38.67 -12.22 -34.20
N ASP B 417 38.06 -11.31 -33.44
CA ASP B 417 37.08 -11.66 -32.43
C ASP B 417 35.91 -10.70 -32.55
N PRO B 418 34.66 -11.21 -32.59
CA PRO B 418 33.51 -10.30 -32.71
C PRO B 418 33.42 -9.28 -31.59
N TYR B 419 34.09 -9.50 -30.46
CA TYR B 419 34.10 -8.51 -29.39
C TYR B 419 34.88 -7.25 -29.79
N LYS B 420 35.58 -7.28 -30.92
CA LYS B 420 36.40 -6.14 -31.32
C LYS B 420 35.56 -4.90 -31.57
N ASP B 421 34.44 -5.04 -32.28
CA ASP B 421 33.62 -3.89 -32.66
C ASP B 421 32.50 -3.60 -31.67
N MET B 422 32.33 -4.42 -30.64
CA MET B 422 31.29 -4.21 -29.66
C MET B 422 31.77 -3.24 -28.58
N SER B 423 30.82 -2.51 -28.01
CA SER B 423 31.12 -1.49 -27.01
C SER B 423 30.77 -2.02 -25.62
N PHE B 424 31.78 -2.11 -24.75
CA PHE B 424 31.62 -2.49 -23.36
C PHE B 424 32.35 -1.48 -22.49
N TRP B 425 32.36 -1.73 -21.19
CA TRP B 425 33.16 -0.94 -20.25
C TRP B 425 34.34 -1.81 -19.82
N GLU B 426 35.53 -1.48 -20.31
CA GLU B 426 36.70 -2.30 -20.05
C GLU B 426 37.27 -1.97 -18.67
N VAL B 427 37.33 -2.98 -17.81
CA VAL B 427 37.96 -2.86 -16.50
C VAL B 427 39.19 -3.74 -16.51
N ASN B 428 40.35 -3.12 -16.35
CA ASN B 428 41.63 -3.82 -16.40
C ASN B 428 42.08 -4.13 -14.98
N LEU B 429 42.45 -5.39 -14.74
CA LEU B 429 42.90 -5.83 -13.43
C LEU B 429 44.23 -6.56 -13.51
N LYS B 430 45.07 -6.18 -14.48
CA LYS B 430 46.32 -6.90 -14.68
C LYS B 430 47.31 -6.65 -13.56
N GLU B 431 47.27 -5.47 -12.96
CA GLU B 431 48.17 -5.11 -11.88
C GLU B 431 47.43 -4.83 -10.57
N LYS B 432 46.33 -5.56 -10.34
CA LYS B 432 45.52 -5.37 -9.14
C LYS B 432 45.24 -6.68 -8.41
N PHE B 433 46.00 -7.75 -8.72
CA PHE B 433 45.86 -9.01 -8.01
C PHE B 433 46.79 -9.00 -6.80
N SER B 434 46.29 -9.47 -5.66
CA SER B 434 47.09 -9.53 -4.44
C SER B 434 46.54 -10.62 -3.53
N SER B 435 47.45 -11.39 -2.95
CA SER B 435 47.07 -12.53 -2.12
C SER B 435 46.98 -12.19 -0.63
N GLU B 436 47.21 -10.94 -0.26
CA GLU B 436 47.01 -10.50 1.13
C GLU B 436 45.51 -10.37 1.35
N LEU B 437 44.87 -11.52 1.61
CA LEU B 437 43.42 -11.57 1.64
C LEU B 437 42.83 -10.74 2.77
N ASP B 438 43.40 -10.85 3.97
CA ASP B 438 42.77 -10.26 5.15
C ASP B 438 42.83 -8.74 5.15
N GLN B 439 43.55 -8.12 4.23
CA GLN B 439 43.67 -6.66 4.20
C GLN B 439 42.58 -5.99 3.38
N PHE B 440 41.63 -6.74 2.85
CA PHE B 440 40.56 -6.20 2.04
C PHE B 440 39.21 -6.68 2.57
N PRO B 441 38.16 -5.87 2.44
CA PRO B 441 36.89 -6.22 3.08
C PRO B 441 36.31 -7.53 2.58
N LEU B 442 36.19 -7.69 1.27
CA LEU B 442 35.69 -8.94 0.71
C LEU B 442 36.58 -10.10 1.09
N GLY B 443 37.88 -9.86 1.24
CA GLY B 443 38.77 -10.91 1.71
C GLY B 443 38.43 -11.35 3.12
N ARG B 444 38.14 -10.40 4.01
CA ARG B 444 37.74 -10.75 5.36
C ARG B 444 36.44 -11.54 5.37
N LYS B 445 35.46 -11.10 4.58
CA LYS B 445 34.19 -11.83 4.52
C LYS B 445 34.39 -13.24 3.98
N PHE B 446 35.25 -13.39 2.97
CA PHE B 446 35.51 -14.71 2.41
C PHE B 446 36.20 -15.62 3.42
N LEU B 447 37.20 -15.11 4.13
CA LEU B 447 37.91 -15.93 5.10
C LEU B 447 36.99 -16.33 6.25
N LEU B 448 36.15 -15.42 6.71
CA LEU B 448 35.21 -15.75 7.77
C LEU B 448 34.19 -16.79 7.30
N GLN B 449 33.69 -16.63 6.08
CA GLN B 449 32.68 -17.56 5.57
C GLN B 449 33.26 -18.95 5.40
N SER B 450 34.41 -19.07 4.73
CA SER B 450 35.03 -20.38 4.56
C SER B 450 35.47 -21.00 5.87
N GLY B 451 35.63 -20.19 6.91
CA GLY B 451 35.95 -20.71 8.23
C GLY B 451 37.42 -21.02 8.44
N TYR B 452 38.09 -21.49 7.39
CA TYR B 452 39.48 -21.90 7.49
C TYR B 452 40.39 -20.85 6.86
N ASP C 1 -4.13 44.12 -5.79
CA ASP C 1 -4.87 43.76 -6.99
C ASP C 1 -4.76 44.88 -8.02
N ILE C 2 -4.48 44.50 -9.27
CA ILE C 2 -4.27 45.50 -10.32
C ILE C 2 -5.62 46.09 -10.68
N VAL C 3 -5.72 47.42 -10.57
CA VAL C 3 -6.93 48.14 -10.94
C VAL C 3 -6.76 48.71 -12.34
N MET C 4 -7.67 48.36 -13.23
CA MET C 4 -7.65 48.83 -14.61
C MET C 4 -8.65 49.97 -14.74
N THR C 5 -8.17 51.11 -15.23
CA THR C 5 -8.99 52.29 -15.41
C THR C 5 -9.09 52.61 -16.90
N GLN C 6 -10.31 52.74 -17.39
CA GLN C 6 -10.54 53.10 -18.78
C GLN C 6 -10.76 54.61 -18.86
N SER C 7 -9.75 55.31 -19.36
CA SER C 7 -9.72 56.77 -19.24
C SER C 7 -10.85 57.47 -19.96
N PRO C 8 -11.16 57.18 -21.23
CA PRO C 8 -12.25 57.91 -21.89
C PRO C 8 -13.60 57.45 -21.35
N ASP C 9 -14.45 58.41 -21.00
CA ASP C 9 -15.79 58.05 -20.59
C ASP C 9 -16.61 57.64 -21.81
N SER C 10 -17.85 57.25 -21.56
CA SER C 10 -18.73 56.83 -22.66
C SER C 10 -18.78 57.92 -23.72
N LEU C 11 -18.27 57.61 -24.91
CA LEU C 11 -18.06 58.61 -25.94
C LEU C 11 -18.84 58.25 -27.19
N ALA C 12 -19.34 59.26 -27.86
CA ALA C 12 -20.14 59.10 -29.07
C ALA C 12 -19.31 59.51 -30.28
N VAL C 13 -19.15 58.58 -31.22
CA VAL C 13 -18.30 58.77 -32.38
C VAL C 13 -19.16 59.02 -33.59
N SER C 14 -18.76 60.00 -34.41
CA SER C 14 -19.52 60.33 -35.60
C SER C 14 -19.42 59.22 -36.63
N LEU C 15 -20.27 59.30 -37.64
CA LEU C 15 -20.32 58.27 -38.68
C LEU C 15 -19.08 58.35 -39.56
N GLY C 16 -18.46 57.20 -39.81
CA GLY C 16 -17.27 57.13 -40.64
C GLY C 16 -16.06 57.82 -40.05
N GLU C 17 -15.81 57.61 -38.76
CA GLU C 17 -14.69 58.24 -38.09
C GLU C 17 -14.05 57.24 -37.13
N ARG C 18 -12.79 57.49 -36.79
CA ARG C 18 -12.05 56.62 -35.89
C ARG C 18 -12.45 56.85 -34.44
N ALA C 19 -12.36 55.80 -33.63
CA ALA C 19 -12.66 55.86 -32.21
C ALA C 19 -11.46 55.35 -31.42
N THR C 20 -11.12 56.03 -30.33
CA THR C 20 -9.96 55.67 -29.51
C THR C 20 -10.39 55.49 -28.06
N ILE C 21 -9.90 54.42 -27.43
CA ILE C 21 -10.21 54.11 -26.04
C ILE C 21 -8.93 53.73 -25.32
N ASN C 22 -8.69 54.33 -24.16
CA ASN C 22 -7.45 54.12 -23.42
C ASN C 22 -7.69 53.32 -22.16
N CYS C 23 -6.82 52.34 -21.93
CA CYS C 23 -6.85 51.51 -20.73
C CYS C 23 -5.51 51.66 -20.02
N LYS C 24 -5.54 51.75 -18.69
CA LYS C 24 -4.36 51.97 -17.88
C LYS C 24 -4.39 51.07 -16.66
N SER C 25 -3.25 50.52 -16.30
CA SER C 25 -3.15 49.66 -15.13
C SER C 25 -2.35 50.37 -14.04
N SER C 26 -2.47 49.83 -12.82
CA SER C 26 -1.70 50.35 -11.70
C SER C 26 -0.33 49.71 -11.56
N GLN C 27 -0.04 48.67 -12.35
CA GLN C 27 1.27 48.05 -12.38
C GLN C 27 1.68 47.85 -13.83
N SER C 28 2.98 47.70 -14.05
CA SER C 28 3.48 47.38 -15.38
C SER C 28 3.04 45.97 -15.76
N ILE C 29 2.48 45.83 -16.96
CA ILE C 29 2.02 44.54 -17.44
C ILE C 29 3.06 43.86 -18.33
N LEU C 30 3.94 44.61 -18.96
CA LEU C 30 4.88 44.05 -19.92
C LEU C 30 5.90 43.13 -19.26
N TYR C 31 6.21 42.02 -19.93
CA TYR C 31 7.33 41.17 -19.59
C TYR C 31 8.46 41.47 -20.56
N SER C 32 9.62 41.85 -20.03
CA SER C 32 10.64 42.47 -20.86
C SER C 32 11.34 41.45 -21.76
N SER C 33 11.53 40.23 -21.28
CA SER C 33 12.31 39.26 -22.04
C SER C 33 11.64 38.91 -23.36
N SER C 34 10.33 38.66 -23.34
CA SER C 34 9.62 38.23 -24.53
C SER C 34 8.76 39.33 -25.14
N ASN C 35 8.72 40.52 -24.54
CA ASN C 35 7.98 41.66 -25.08
C ASN C 35 6.50 41.35 -25.24
N LYS C 36 5.90 40.80 -24.19
CA LYS C 36 4.51 40.40 -24.19
C LYS C 36 3.73 41.27 -23.22
N ASN C 37 2.66 41.89 -23.71
CA ASN C 37 1.74 42.64 -22.86
C ASN C 37 0.48 41.82 -22.65
N TYR C 38 0.19 41.47 -21.40
CA TYR C 38 -0.91 40.58 -21.05
C TYR C 38 -2.21 41.37 -20.97
N LEU C 39 -2.78 41.67 -22.12
CA LEU C 39 -4.00 42.46 -22.18
C LEU C 39 -4.93 41.95 -23.27
N ALA C 40 -6.21 41.84 -22.95
CA ALA C 40 -7.23 41.40 -23.90
C ALA C 40 -8.35 42.42 -23.94
N TRP C 41 -8.98 42.54 -25.11
CA TRP C 41 -10.05 43.49 -25.34
C TRP C 41 -11.29 42.73 -25.77
N TYR C 42 -12.38 42.91 -25.02
CA TYR C 42 -13.66 42.24 -25.25
C TYR C 42 -14.71 43.26 -25.68
N GLN C 43 -15.70 42.77 -26.42
CA GLN C 43 -16.87 43.53 -26.82
C GLN C 43 -18.13 42.82 -26.37
N GLN C 44 -19.10 43.58 -25.85
CA GLN C 44 -20.39 43.04 -25.43
C GLN C 44 -21.51 43.87 -26.03
N LYS C 45 -22.50 43.20 -26.58
CA LYS C 45 -23.70 43.86 -27.07
C LYS C 45 -24.83 43.73 -26.05
N PRO C 46 -25.80 44.65 -26.05
CA PRO C 46 -26.85 44.60 -25.02
C PRO C 46 -27.66 43.32 -25.08
N GLY C 47 -27.65 42.58 -23.98
CA GLY C 47 -28.45 41.37 -23.85
C GLY C 47 -27.78 40.09 -24.28
N GLN C 48 -26.56 40.14 -24.78
CA GLN C 48 -25.84 38.97 -25.29
C GLN C 48 -24.53 38.82 -24.55
N PRO C 49 -23.95 37.63 -24.55
CA PRO C 49 -22.63 37.46 -23.96
C PRO C 49 -21.60 38.26 -24.72
N PRO C 50 -20.56 38.74 -24.04
CA PRO C 50 -19.50 39.49 -24.74
C PRO C 50 -18.68 38.62 -25.67
N LYS C 51 -18.12 39.24 -26.70
CA LYS C 51 -17.33 38.56 -27.72
C LYS C 51 -15.91 39.09 -27.71
N LEU C 52 -14.94 38.19 -27.86
CA LEU C 52 -13.54 38.57 -27.84
C LEU C 52 -13.17 39.37 -29.08
N LEU C 53 -12.31 40.37 -28.90
CA LEU C 53 -11.82 41.20 -30.00
C LEU C 53 -10.32 41.09 -30.19
N ILE C 54 -9.54 41.31 -29.14
CA ILE C 54 -8.08 41.40 -29.26
C ILE C 54 -7.45 40.62 -28.11
N TYR C 55 -6.33 39.94 -28.38
CA TYR C 55 -5.55 39.30 -27.34
C TYR C 55 -4.07 39.56 -27.57
N TRP C 56 -3.28 39.43 -26.51
CA TRP C 56 -1.88 39.81 -26.44
C TRP C 56 -1.65 41.30 -26.70
N ALA C 57 -2.72 42.10 -26.67
CA ALA C 57 -2.72 43.54 -26.90
C ALA C 57 -2.41 43.92 -28.34
N SER C 58 -2.03 42.98 -29.19
CA SER C 58 -1.79 43.27 -30.59
C SER C 58 -2.50 42.32 -31.53
N THR C 59 -2.60 41.04 -31.18
CA THR C 59 -3.11 40.02 -32.10
C THR C 59 -4.64 40.10 -32.19
N ARG C 60 -5.16 39.68 -33.34
CA ARG C 60 -6.58 39.78 -33.64
C ARG C 60 -7.19 38.39 -33.82
N GLU C 61 -8.42 38.23 -33.35
CA GLU C 61 -9.12 36.96 -33.43
C GLU C 61 -9.66 36.69 -34.83
N SER C 62 -9.85 35.41 -35.13
CA SER C 62 -10.36 35.00 -36.42
C SER C 62 -11.81 35.43 -36.57
N GLY C 63 -12.14 35.96 -37.74
CA GLY C 63 -13.48 36.44 -38.02
C GLY C 63 -13.75 37.86 -37.56
N VAL C 64 -12.82 38.48 -36.85
CA VAL C 64 -12.96 39.87 -36.41
C VAL C 64 -12.55 40.77 -37.56
N PRO C 65 -13.36 41.78 -37.89
CA PRO C 65 -13.01 42.66 -39.01
C PRO C 65 -11.68 43.36 -38.77
N ASP C 66 -10.98 43.64 -39.86
CA ASP C 66 -9.68 44.29 -39.78
C ASP C 66 -9.77 45.74 -39.31
N ARG C 67 -10.97 46.30 -39.22
CA ARG C 67 -11.10 47.71 -38.86
C ARG C 67 -10.59 47.99 -37.46
N PHE C 68 -10.69 47.02 -36.55
CA PHE C 68 -10.21 47.21 -35.19
C PHE C 68 -8.69 47.11 -35.13
N SER C 69 -8.11 47.76 -34.14
CA SER C 69 -6.67 47.72 -33.92
C SER C 69 -6.37 47.98 -32.45
N GLY C 70 -5.23 47.47 -32.01
CA GLY C 70 -4.80 47.68 -30.64
C GLY C 70 -3.32 47.99 -30.58
N SER C 71 -2.93 48.75 -29.55
CA SER C 71 -1.54 49.15 -29.40
C SER C 71 -1.28 49.53 -27.96
N GLY C 72 -0.03 49.81 -27.66
CA GLY C 72 0.39 50.23 -26.34
C GLY C 72 1.42 49.29 -25.72
N SER C 73 1.93 49.71 -24.57
CA SER C 73 2.87 48.89 -23.82
C SER C 73 2.96 49.43 -22.40
N GLY C 74 3.69 48.70 -21.57
CA GLY C 74 3.93 49.10 -20.19
C GLY C 74 2.65 49.20 -19.38
N THR C 75 2.22 50.43 -19.10
CA THR C 75 0.99 50.68 -18.38
C THR C 75 -0.03 51.45 -19.20
N ASP C 76 0.22 51.68 -20.49
CA ASP C 76 -0.70 52.41 -21.35
C ASP C 76 -1.13 51.51 -22.49
N PHE C 77 -2.42 51.53 -22.81
CA PHE C 77 -2.90 50.76 -23.95
C PHE C 77 -4.04 51.52 -24.62
N THR C 78 -4.17 51.32 -25.94
CA THR C 78 -5.22 51.95 -26.71
C THR C 78 -5.86 50.94 -27.65
N LEU C 79 -7.18 51.06 -27.81
CA LEU C 79 -7.93 50.33 -28.83
C LEU C 79 -8.58 51.35 -29.76
N THR C 80 -8.40 51.15 -31.07
CA THR C 80 -8.86 52.08 -32.07
C THR C 80 -9.73 51.35 -33.08
N ILE C 81 -10.91 51.91 -33.34
CA ILE C 81 -11.75 51.47 -34.44
C ILE C 81 -11.49 52.44 -35.61
N SER C 82 -10.88 51.93 -36.67
CA SER C 82 -10.46 52.79 -37.77
C SER C 82 -11.65 53.41 -38.48
N SER C 83 -12.70 52.63 -38.72
CA SER C 83 -13.91 53.13 -39.35
C SER C 83 -15.12 52.67 -38.54
N LEU C 84 -16.13 53.53 -38.45
CA LEU C 84 -17.28 53.28 -37.59
C LEU C 84 -18.49 52.90 -38.44
N LEU C 85 -19.18 51.85 -38.03
CA LEU C 85 -20.39 51.35 -38.65
C LEU C 85 -21.44 51.14 -37.59
N PRO C 86 -22.72 51.12 -37.95
CA PRO C 86 -23.78 51.00 -36.93
C PRO C 86 -23.70 49.72 -36.10
N GLU C 87 -23.07 48.66 -36.63
CA GLU C 87 -23.01 47.42 -35.86
C GLU C 87 -21.98 47.46 -34.75
N ASP C 88 -21.20 48.53 -34.66
CA ASP C 88 -20.13 48.62 -33.67
C ASP C 88 -20.56 49.28 -32.36
N VAL C 89 -21.82 49.67 -32.24
CA VAL C 89 -22.34 50.19 -30.99
C VAL C 89 -22.39 49.05 -29.96
N ALA C 90 -21.67 49.21 -28.86
CA ALA C 90 -21.50 48.12 -27.91
C ALA C 90 -20.86 48.69 -26.65
N VAL C 91 -20.39 47.80 -25.77
CA VAL C 91 -19.62 48.18 -24.59
C VAL C 91 -18.35 47.35 -24.58
N TYR C 92 -17.20 48.00 -24.47
CA TYR C 92 -15.89 47.37 -24.61
C TYR C 92 -15.18 47.35 -23.26
N TYR C 93 -14.47 46.24 -23.00
CA TYR C 93 -13.77 46.05 -21.74
C TYR C 93 -12.33 45.63 -22.00
N CYS C 94 -11.43 46.04 -21.11
CA CYS C 94 -10.04 45.61 -21.15
C CYS C 94 -9.77 44.74 -19.94
N GLN C 95 -9.15 43.59 -20.15
CA GLN C 95 -8.83 42.66 -19.09
C GLN C 95 -7.32 42.43 -19.06
N GLN C 96 -6.77 42.35 -17.86
CA GLN C 96 -5.39 41.94 -17.65
C GLN C 96 -5.38 40.52 -17.11
N TYR C 97 -4.53 39.68 -17.70
CA TYR C 97 -4.33 38.34 -17.18
C TYR C 97 -2.88 38.14 -16.77
N HIS C 98 -2.23 39.23 -16.35
CA HIS C 98 -0.86 39.14 -15.87
C HIS C 98 -0.78 38.37 -14.55
N SER C 99 -1.63 38.74 -13.59
CA SER C 99 -1.61 38.14 -12.27
C SER C 99 -3.03 38.02 -11.74
N THR C 100 -3.25 37.02 -10.87
CA THR C 100 -4.53 36.79 -10.23
C THR C 100 -4.76 37.80 -9.11
N PRO C 101 -6.02 38.21 -8.87
CA PRO C 101 -7.21 37.77 -9.60
C PRO C 101 -7.35 38.52 -10.91
N TRP C 102 -7.84 37.84 -11.95
CA TRP C 102 -7.97 38.47 -13.25
C TRP C 102 -9.09 39.50 -13.19
N THR C 103 -8.76 40.75 -13.48
CA THR C 103 -9.66 41.88 -13.29
C THR C 103 -10.05 42.47 -14.62
N PHE C 104 -11.31 42.84 -14.75
CA PHE C 104 -11.82 43.54 -15.91
C PHE C 104 -11.88 45.03 -15.62
N GLY C 105 -11.99 45.82 -16.68
CA GLY C 105 -12.13 47.25 -16.53
C GLY C 105 -13.53 47.63 -16.11
N GLN C 106 -13.75 48.93 -15.98
CA GLN C 106 -15.08 49.43 -15.68
C GLN C 106 -16.00 49.39 -16.89
N GLY C 107 -15.44 49.27 -18.10
CA GLY C 107 -16.24 49.20 -19.30
C GLY C 107 -16.55 50.55 -19.90
N THR C 108 -16.32 50.70 -21.19
CA THR C 108 -16.62 51.94 -21.90
C THR C 108 -17.72 51.67 -22.92
N LYS C 109 -18.74 52.52 -22.92
CA LYS C 109 -19.87 52.35 -23.83
C LYS C 109 -19.62 53.17 -25.08
N VAL C 110 -19.57 52.51 -26.24
CA VAL C 110 -19.33 53.17 -27.52
C VAL C 110 -20.63 53.17 -28.29
N GLU C 111 -21.02 54.35 -28.79
CA GLU C 111 -22.30 54.55 -29.45
C GLU C 111 -22.14 55.54 -30.59
N ILE C 112 -23.00 55.42 -31.59
CA ILE C 112 -22.96 56.30 -32.75
C ILE C 112 -23.36 57.72 -32.33
N LYS C 113 -23.03 58.68 -33.17
CA LYS C 113 -23.49 60.05 -32.97
C LYS C 113 -24.46 60.46 -34.07
N ALA D 1 52.02 -4.15 6.43
CA ALA D 1 50.81 -4.90 6.73
C ALA D 1 50.18 -4.41 8.03
N VAL D 2 48.89 -4.67 8.19
CA VAL D 2 48.11 -4.22 9.34
C VAL D 2 47.59 -5.46 10.07
N VAL D 3 47.81 -5.51 11.38
CA VAL D 3 47.40 -6.65 12.18
C VAL D 3 46.11 -6.32 12.89
N ALA D 4 45.39 -7.36 13.29
CA ALA D 4 44.15 -7.19 14.05
C ALA D 4 44.45 -6.77 15.48
N THR D 5 43.53 -6.00 16.05
CA THR D 5 43.70 -5.57 17.44
C THR D 5 43.65 -6.72 18.42
N ASP D 6 43.21 -7.90 18.00
CA ASP D 6 43.12 -9.03 18.92
C ASP D 6 44.50 -9.52 19.34
N ALA D 7 45.54 -9.19 18.57
CA ALA D 7 46.89 -9.69 18.89
C ALA D 7 47.48 -8.95 20.08
N TYR D 8 47.67 -7.64 19.96
CA TYR D 8 48.45 -6.88 20.92
C TYR D 8 47.62 -6.28 22.05
N VAL D 9 46.31 -6.51 22.08
CA VAL D 9 45.43 -5.98 23.11
C VAL D 9 44.75 -7.15 23.81
N LYS D 10 44.83 -7.18 25.14
CA LYS D 10 44.22 -8.27 25.91
C LYS D 10 43.15 -7.70 26.83
N ARG D 11 41.97 -8.32 26.76
CA ARG D 11 40.79 -7.87 27.49
C ARG D 11 40.79 -8.44 28.91
N THR D 12 40.05 -7.78 29.79
CA THR D 12 39.88 -8.19 31.17
C THR D 12 38.39 -8.30 31.49
N ASN D 13 38.10 -8.74 32.71
CA ASN D 13 36.73 -8.95 33.16
C ASN D 13 36.11 -7.71 33.80
N ILE D 14 36.79 -6.57 33.78
CA ILE D 14 36.35 -5.38 34.50
C ILE D 14 35.36 -4.65 33.61
N PHE D 15 34.09 -4.97 33.74
CA PHE D 15 33.02 -4.31 33.01
C PHE D 15 32.55 -3.07 33.75
N TYR D 16 32.02 -2.11 32.99
CA TYR D 16 31.50 -0.88 33.57
C TYR D 16 30.27 -0.44 32.79
N HIS D 17 29.39 0.30 33.46
CA HIS D 17 28.18 0.85 32.87
C HIS D 17 28.17 2.36 33.02
N ALA D 18 27.79 3.06 31.96
CA ALA D 18 27.67 4.51 32.00
C ALA D 18 26.44 4.94 31.21
N SER D 19 25.94 6.13 31.53
CA SER D 19 24.77 6.65 30.85
C SER D 19 24.80 8.17 30.89
N SER D 20 24.22 8.79 29.87
CA SER D 20 24.27 10.23 29.71
C SER D 20 23.06 10.94 30.30
N SER D 21 22.13 10.20 30.90
CA SER D 21 20.88 10.76 31.41
C SER D 21 20.09 11.41 30.28
N ARG D 22 19.00 12.09 30.62
CA ARG D 22 18.14 12.67 29.59
C ARG D 22 18.84 13.83 28.90
N LEU D 23 18.76 13.85 27.57
CA LEU D 23 19.29 14.96 26.77
C LEU D 23 18.16 15.60 25.99
N LEU D 24 18.04 16.92 26.07
CA LEU D 24 16.94 17.64 25.46
C LEU D 24 17.43 18.74 24.54
N ALA D 25 16.68 18.99 23.47
CA ALA D 25 16.98 20.08 22.55
C ALA D 25 15.69 20.65 22.04
N VAL D 26 15.53 21.98 22.11
CA VAL D 26 14.32 22.67 21.69
C VAL D 26 14.70 23.81 20.77
N GLY D 27 14.10 23.86 19.59
CA GLY D 27 14.45 24.95 18.70
C GLY D 27 13.58 24.98 17.47
N HIS D 28 13.84 25.96 16.61
CA HIS D 28 13.11 26.07 15.36
C HIS D 28 13.52 24.94 14.41
N PRO D 29 12.62 24.45 13.57
CA PRO D 29 12.97 23.33 12.69
C PRO D 29 13.54 23.73 11.34
N TYR D 30 13.36 24.97 10.89
CA TYR D 30 13.84 25.39 9.56
C TYR D 30 15.13 26.19 9.65
N TYR D 31 15.12 27.29 10.39
CA TYR D 31 16.28 28.16 10.49
C TYR D 31 16.46 28.59 11.93
N SER D 32 17.69 28.93 12.30
CA SER D 32 18.00 29.32 13.67
C SER D 32 17.66 30.79 13.86
N ILE D 33 16.74 31.07 14.78
CA ILE D 33 16.37 32.44 15.09
C ILE D 33 17.51 33.11 15.85
N LYS D 34 17.89 34.29 15.42
CA LYS D 34 18.94 35.05 16.07
C LYS D 34 18.55 36.51 16.13
N LYS D 35 18.75 37.13 17.28
CA LYS D 35 18.56 38.56 17.40
C LYS D 35 19.86 39.26 17.00
N VAL D 36 19.97 40.55 17.28
CA VAL D 36 21.16 41.31 16.91
C VAL D 36 22.39 40.76 17.62
N ASN D 37 22.21 40.05 18.73
CA ASN D 37 23.36 39.54 19.48
C ASN D 37 23.91 38.24 18.87
N LYS D 38 23.11 37.17 18.89
CA LYS D 38 23.53 35.86 18.41
C LYS D 38 22.29 34.96 18.38
N THR D 39 22.51 33.65 18.21
CA THR D 39 21.42 32.69 18.12
C THR D 39 20.77 32.47 19.47
N VAL D 40 19.71 33.20 19.78
CA VAL D 40 18.95 32.93 20.99
C VAL D 40 18.26 31.57 20.88
N VAL D 41 17.64 31.29 19.75
CA VAL D 41 16.94 30.03 19.53
C VAL D 41 17.68 29.24 18.46
N PRO D 42 18.25 28.08 18.79
CA PRO D 42 18.99 27.33 17.77
C PRO D 42 18.08 26.71 16.73
N LYS D 43 18.65 25.96 15.81
CA LYS D 43 17.88 25.25 14.79
C LYS D 43 17.96 23.76 15.09
N VAL D 44 16.83 23.17 15.44
CA VAL D 44 16.73 21.76 15.76
C VAL D 44 15.69 21.14 14.84
N SER D 45 16.08 20.13 14.07
CA SER D 45 15.21 19.48 13.11
C SER D 45 15.40 17.98 13.19
N GLY D 46 14.41 17.25 12.70
CA GLY D 46 14.49 15.81 12.66
C GLY D 46 15.27 15.24 11.50
N TYR D 47 15.71 16.09 10.59
CA TYR D 47 16.49 15.70 9.42
C TYR D 47 17.93 16.21 9.55
N GLN D 48 18.50 16.10 10.73
CA GLN D 48 19.85 16.54 11.02
C GLN D 48 20.66 15.39 11.58
N TYR D 49 21.97 15.41 11.31
CA TYR D 49 22.87 14.44 11.90
C TYR D 49 23.13 14.82 13.36
N ARG D 50 22.96 13.86 14.26
CA ARG D 50 23.27 14.08 15.67
C ARG D 50 24.57 13.34 15.97
N VAL D 51 25.64 14.08 16.21
CA VAL D 51 26.96 13.51 16.45
C VAL D 51 27.35 13.80 17.89
N PHE D 52 27.48 12.74 18.67
CA PHE D 52 27.84 12.83 20.08
C PHE D 52 29.28 12.39 20.22
N LYS D 53 30.09 13.24 20.84
CA LYS D 53 31.43 12.89 21.27
C LYS D 53 31.39 12.66 22.76
N VAL D 54 31.54 11.41 23.18
CA VAL D 54 31.53 11.06 24.59
C VAL D 54 32.96 10.98 25.07
N VAL D 55 33.25 11.69 26.15
CA VAL D 55 34.58 11.79 26.73
C VAL D 55 34.63 10.91 27.97
N LEU D 56 35.55 9.96 27.98
CA LEU D 56 35.70 8.94 29.01
C LEU D 56 36.83 9.30 29.97
N PRO D 57 36.74 8.88 31.23
CA PRO D 57 37.87 9.09 32.14
C PRO D 57 39.07 8.26 31.74
N ASP D 58 40.25 8.78 32.07
CA ASP D 58 41.50 8.08 31.74
C ASP D 58 41.60 6.79 32.53
N PRO D 59 41.77 5.64 31.87
CA PRO D 59 41.84 4.37 32.63
C PRO D 59 42.97 4.34 33.64
N ASN D 60 44.13 4.91 33.31
CA ASN D 60 45.28 4.82 34.20
C ASN D 60 45.09 5.68 35.44
N LYS D 61 44.49 6.85 35.30
CA LYS D 61 44.43 7.81 36.39
C LYS D 61 43.39 7.43 37.45
N PHE D 62 42.24 6.90 37.04
CA PHE D 62 41.14 6.78 38.00
C PHE D 62 41.31 5.53 38.86
N ALA D 63 40.42 5.38 39.83
CA ALA D 63 40.55 4.34 40.84
C ALA D 63 40.24 2.95 40.29
N LEU D 64 40.97 1.96 40.78
CA LEU D 64 40.77 0.56 40.44
C LEU D 64 40.60 -0.26 41.70
N PRO D 65 39.95 -1.42 41.61
CA PRO D 65 39.85 -2.29 42.81
C PRO D 65 41.19 -2.73 43.35
N ASP D 66 42.15 -3.02 42.47
CA ASP D 66 43.48 -3.43 42.89
C ASP D 66 44.45 -3.29 41.71
N SER D 67 45.67 -2.85 42.02
CA SER D 67 46.69 -2.66 41.00
C SER D 67 47.74 -3.76 40.99
N SER D 68 47.50 -4.85 41.72
CA SER D 68 48.47 -5.94 41.75
C SER D 68 48.44 -6.75 40.46
N LEU D 69 47.32 -6.73 39.74
CA LEU D 69 47.19 -7.56 38.54
C LEU D 69 48.01 -7.00 37.38
N PHE D 70 48.06 -5.68 37.24
CA PHE D 70 48.71 -5.06 36.10
C PHE D 70 49.99 -4.34 36.54
N ASP D 71 50.90 -4.15 35.57
CA ASP D 71 52.17 -3.51 35.81
C ASP D 71 52.12 -2.07 35.31
N PRO D 72 52.20 -1.06 36.18
CA PRO D 72 52.10 0.32 35.71
C PRO D 72 53.20 0.74 34.75
N THR D 73 54.39 0.17 34.87
CA THR D 73 55.52 0.66 34.07
C THR D 73 55.60 -0.02 32.71
N THR D 74 55.33 -1.33 32.65
CA THR D 74 55.46 -2.09 31.42
C THR D 74 54.13 -2.31 30.70
N GLN D 75 53.05 -1.71 31.18
CA GLN D 75 51.74 -1.90 30.58
C GLN D 75 50.97 -0.59 30.60
N ARG D 76 49.93 -0.53 29.77
CA ARG D 76 49.03 0.62 29.71
C ARG D 76 47.62 0.11 29.48
N LEU D 77 46.64 1.00 29.70
CA LEU D 77 45.23 0.62 29.69
C LEU D 77 44.43 1.51 28.76
N VAL D 78 43.45 0.92 28.07
CA VAL D 78 42.50 1.63 27.22
C VAL D 78 41.10 1.10 27.49
N TRP D 79 40.10 1.90 27.09
CA TRP D 79 38.70 1.55 27.28
C TRP D 79 38.15 0.98 25.97
N ALA D 80 37.46 -0.15 26.05
CA ALA D 80 36.86 -0.80 24.89
C ALA D 80 35.35 -0.87 25.06
N CYS D 81 34.62 -0.60 23.98
CA CYS D 81 33.17 -0.60 24.01
C CYS D 81 32.63 -2.00 23.71
N THR D 82 31.70 -2.47 24.53
CA THR D 82 31.11 -3.79 24.33
C THR D 82 29.59 -3.79 24.25
N GLY D 83 28.92 -2.68 24.51
CA GLY D 83 27.49 -2.62 24.20
C GLY D 83 26.94 -1.23 24.38
N LEU D 84 25.81 -0.97 23.72
CA LEU D 84 25.15 0.31 23.87
C LEU D 84 23.67 0.18 23.57
N GLU D 85 22.91 1.18 24.04
CA GLU D 85 21.50 1.33 23.74
C GLU D 85 21.20 2.82 23.60
N VAL D 86 20.48 3.16 22.54
CA VAL D 86 20.09 4.53 22.27
C VAL D 86 18.58 4.60 22.43
N GLY D 87 18.12 5.34 23.43
CA GLY D 87 16.70 5.45 23.71
C GLY D 87 16.19 6.82 23.31
N ARG D 88 15.03 6.82 22.66
CA ARG D 88 14.38 8.04 22.23
C ARG D 88 13.04 8.19 22.94
N GLY D 89 12.64 9.44 23.14
CA GLY D 89 11.34 9.72 23.70
C GLY D 89 10.42 10.34 22.68
N GLN D 90 9.27 10.85 23.14
CA GLN D 90 8.28 11.53 22.34
C GLN D 90 7.56 10.57 21.40
N PRO D 91 6.31 10.85 21.05
CA PRO D 91 5.57 9.92 20.19
C PRO D 91 6.05 9.94 18.75
N LEU D 92 5.71 8.87 18.03
CA LEU D 92 6.03 8.76 16.62
C LEU D 92 5.25 9.79 15.81
N GLY D 93 5.85 10.25 14.72
CA GLY D 93 5.20 11.28 13.93
C GLY D 93 5.89 11.51 12.61
N VAL D 94 5.37 12.47 11.87
CA VAL D 94 5.89 12.86 10.55
C VAL D 94 6.05 14.37 10.52
N GLY D 95 7.18 14.83 10.02
CA GLY D 95 7.47 16.26 9.91
C GLY D 95 7.22 16.77 8.50
N VAL D 96 6.68 17.97 8.41
CA VAL D 96 6.30 18.59 7.14
C VAL D 96 7.22 19.77 6.88
N SER D 97 7.81 19.79 5.68
CA SER D 97 8.68 20.85 5.21
C SER D 97 8.00 21.55 4.04
N GLY D 98 8.59 22.64 3.59
CA GLY D 98 8.01 23.34 2.46
C GLY D 98 8.74 24.63 2.16
N HIS D 99 8.23 25.31 1.13
CA HIS D 99 8.80 26.56 0.67
C HIS D 99 7.65 27.47 0.30
N PRO D 100 7.64 28.71 0.82
CA PRO D 100 6.62 29.67 0.38
C PRO D 100 6.73 30.03 -1.08
N LEU D 101 7.94 30.03 -1.64
CA LEU D 101 8.18 30.41 -3.03
C LEU D 101 9.04 29.33 -3.66
N LEU D 102 8.40 28.29 -4.17
CA LEU D 102 9.08 27.17 -4.80
C LEU D 102 8.82 27.20 -6.31
N ASN D 103 9.80 26.71 -7.07
CA ASN D 103 9.74 26.73 -8.53
C ASN D 103 8.99 25.49 -9.01
N LYS D 104 7.72 25.68 -9.38
CA LYS D 104 6.88 24.59 -9.89
C LYS D 104 5.90 25.20 -10.87
N TYR D 105 5.92 24.74 -12.12
CA TYR D 105 5.06 25.33 -13.14
C TYR D 105 3.76 24.55 -13.35
N ASP D 106 3.85 23.30 -13.78
CA ASP D 106 2.67 22.49 -14.05
C ASP D 106 2.83 21.10 -13.45
N ASP D 107 1.70 20.49 -13.13
CA ASP D 107 1.67 19.11 -12.64
C ASP D 107 1.34 18.22 -13.83
N VAL D 108 2.34 17.48 -14.30
CA VAL D 108 2.25 16.79 -15.58
C VAL D 108 1.87 15.32 -15.46
N GLU D 109 1.47 14.86 -14.27
CA GLU D 109 1.08 13.47 -14.11
C GLU D 109 -0.12 13.12 -14.99
N ASN D 110 -1.13 13.98 -15.01
CA ASN D 110 -2.34 13.74 -15.79
C ASN D 110 -2.97 15.08 -16.11
N SER D 111 -3.05 15.41 -17.40
CA SER D 111 -3.45 16.75 -17.82
C SER D 111 -4.15 16.67 -19.15
N GLY D 112 -4.61 17.83 -19.64
CA GLY D 112 -5.23 17.92 -20.94
C GLY D 112 -4.86 19.18 -21.70
N GLY D 113 -4.34 19.02 -22.92
CA GLY D 113 -3.99 20.15 -23.77
C GLY D 113 -2.65 20.77 -23.43
N TYR D 114 -2.39 21.93 -24.04
CA TYR D 114 -1.29 22.80 -23.65
C TYR D 114 -1.75 24.13 -23.07
N GLY D 115 -0.83 24.72 -22.31
CA GLY D 115 -0.95 26.08 -21.84
C GLY D 115 0.25 26.90 -22.29
N GLY D 116 0.18 28.20 -21.99
CA GLY D 116 1.19 29.13 -22.45
C GLY D 116 2.53 28.98 -21.75
N ASN D 117 3.47 29.82 -22.17
CA ASN D 117 4.80 29.82 -21.59
C ASN D 117 4.79 30.52 -20.23
N PRO D 118 5.74 30.21 -19.36
CA PRO D 118 5.81 30.90 -18.06
C PRO D 118 6.10 32.39 -18.22
N GLY D 119 5.48 33.19 -17.37
CA GLY D 119 5.81 34.60 -17.25
C GLY D 119 7.06 34.75 -16.39
N GLN D 120 7.13 35.89 -15.69
CA GLN D 120 8.16 36.04 -14.68
C GLN D 120 7.58 35.77 -13.29
N ASP D 121 8.36 35.06 -12.48
CA ASP D 121 7.97 34.72 -11.11
C ASP D 121 6.67 33.93 -11.08
N ASN D 122 6.75 32.69 -11.56
CA ASN D 122 5.66 31.72 -11.42
C ASN D 122 6.05 30.75 -10.30
N ARG D 123 5.87 31.20 -9.06
CA ARG D 123 6.30 30.45 -7.89
C ARG D 123 5.13 30.31 -6.92
N VAL D 124 5.02 29.14 -6.29
CA VAL D 124 3.87 28.79 -5.46
C VAL D 124 4.32 28.25 -4.11
N ASN D 125 3.38 28.25 -3.17
CA ASN D 125 3.60 27.75 -1.82
C ASN D 125 3.39 26.23 -1.79
N VAL D 126 4.42 25.48 -1.43
CA VAL D 126 4.37 24.03 -1.54
C VAL D 126 4.87 23.40 -0.24
N GLY D 127 4.14 22.41 0.26
CA GLY D 127 4.55 21.64 1.40
C GLY D 127 4.56 20.15 1.09
N MET D 128 5.36 19.41 1.83
CA MET D 128 5.56 17.99 1.57
C MET D 128 6.27 17.36 2.75
N ASP D 129 6.30 16.03 2.75
CA ASP D 129 7.13 15.27 3.69
C ASP D 129 8.22 14.54 2.91
N TYR D 130 9.27 14.17 3.63
CA TYR D 130 10.52 13.74 3.03
C TYR D 130 10.61 12.22 3.01
N LYS D 131 11.70 11.75 2.40
CA LYS D 131 12.07 10.35 2.43
C LYS D 131 12.34 9.90 3.85
N GLN D 132 11.92 8.69 4.18
CA GLN D 132 12.07 8.18 5.54
C GLN D 132 13.40 7.47 5.69
N THR D 133 14.21 7.91 6.65
CA THR D 133 15.53 7.37 6.90
C THR D 133 15.72 7.22 8.40
N GLN D 134 16.48 6.20 8.81
CA GLN D 134 16.91 6.08 10.19
C GLN D 134 18.17 5.23 10.24
N LEU D 135 19.26 5.81 10.76
CA LEU D 135 20.54 5.11 10.79
C LEU D 135 21.29 5.45 12.07
N CYS D 136 22.29 4.64 12.36
CA CYS D 136 23.09 4.77 13.58
C CYS D 136 24.44 4.09 13.36
N MET D 137 25.53 4.83 13.54
CA MET D 137 26.86 4.26 13.39
C MET D 137 27.74 4.71 14.55
N VAL D 138 28.77 3.92 14.85
CA VAL D 138 29.62 4.19 16.01
C VAL D 138 31.07 3.97 15.64
N GLY D 139 31.96 4.85 16.11
CA GLY D 139 33.38 4.67 15.81
C GLY D 139 34.27 5.55 16.66
N CYS D 140 35.58 5.27 16.56
CA CYS D 140 36.58 6.08 17.26
C CYS D 140 36.76 7.44 16.62
N ALA D 141 36.56 7.54 15.30
CA ALA D 141 36.83 8.77 14.57
C ALA D 141 35.54 9.26 13.90
N PRO D 142 35.42 10.56 13.67
CA PRO D 142 34.20 11.08 13.06
C PRO D 142 34.02 10.53 11.66
N PRO D 143 32.78 10.25 11.27
CA PRO D 143 32.55 9.60 9.97
C PRO D 143 32.75 10.55 8.81
N LEU D 144 32.98 9.97 7.64
CA LEU D 144 33.11 10.72 6.40
C LEU D 144 31.78 10.76 5.66
N GLY D 145 31.58 11.82 4.90
CA GLY D 145 30.38 11.99 4.12
C GLY D 145 30.72 12.58 2.78
N GLU D 146 29.94 12.19 1.77
CA GLU D 146 30.17 12.58 0.39
C GLU D 146 29.06 13.52 -0.08
N HIS D 147 29.41 14.39 -1.01
CA HIS D 147 28.42 15.20 -1.70
C HIS D 147 28.97 15.63 -3.05
N TRP D 148 28.13 16.28 -3.84
CA TRP D 148 28.48 16.72 -5.17
C TRP D 148 28.57 18.24 -5.17
N GLY D 149 29.75 18.77 -5.51
CA GLY D 149 29.98 20.20 -5.43
C GLY D 149 30.48 20.75 -6.76
N LYS D 150 30.45 22.07 -6.86
CA LYS D 150 30.96 22.75 -8.04
C LYS D 150 32.46 22.53 -8.16
N GLY D 151 32.92 22.35 -9.39
CA GLY D 151 34.32 22.10 -9.66
C GLY D 151 35.03 23.34 -10.18
N THR D 152 36.34 23.38 -9.95
CA THR D 152 37.17 24.47 -10.44
C THR D 152 37.69 24.14 -11.83
N GLN D 153 37.44 25.04 -12.78
CA GLN D 153 37.89 24.89 -14.14
C GLN D 153 39.34 25.34 -14.26
N CYS D 154 40.17 24.54 -14.92
CA CYS D 154 41.58 24.84 -15.06
C CYS D 154 41.77 25.94 -16.12
N SER D 155 43.02 26.17 -16.50
CA SER D 155 43.32 27.18 -17.52
C SER D 155 42.77 26.72 -18.87
N ASN D 156 41.80 27.46 -19.39
CA ASN D 156 41.17 27.15 -20.66
C ASN D 156 40.47 28.41 -21.14
N THR D 157 39.69 28.29 -22.22
CA THR D 157 38.89 29.41 -22.69
C THR D 157 37.91 29.84 -21.61
N SER D 158 37.83 31.14 -21.36
CA SER D 158 36.93 31.65 -20.33
C SER D 158 35.49 31.30 -20.67
N VAL D 159 34.78 30.74 -19.68
CA VAL D 159 33.42 30.27 -19.91
C VAL D 159 32.46 31.45 -19.90
N GLN D 160 31.47 31.40 -20.79
CA GLN D 160 30.43 32.40 -20.78
C GLN D 160 29.50 32.20 -19.59
N ASN D 161 28.77 33.25 -19.24
CA ASN D 161 27.84 33.18 -18.13
C ASN D 161 26.70 32.22 -18.43
N GLY D 162 26.31 31.43 -17.43
CA GLY D 162 25.19 30.52 -17.55
C GLY D 162 25.54 29.10 -17.90
N ASP D 163 26.82 28.78 -18.06
CA ASP D 163 27.22 27.42 -18.41
C ASP D 163 26.94 26.46 -17.27
N CYS D 164 26.91 25.18 -17.60
CA CYS D 164 26.70 24.15 -16.59
C CYS D 164 27.97 23.99 -15.76
N PRO D 165 27.91 24.16 -14.45
CA PRO D 165 29.12 24.04 -13.63
C PRO D 165 29.64 22.63 -13.60
N PRO D 166 30.95 22.43 -13.67
CA PRO D 166 31.51 21.08 -13.54
C PRO D 166 31.29 20.52 -12.15
N LEU D 167 31.17 19.21 -12.07
CA LEU D 167 30.81 18.53 -10.83
C LEU D 167 31.99 17.74 -10.28
N GLU D 168 32.12 17.74 -8.96
CA GLU D 168 33.15 16.97 -8.28
C GLU D 168 32.54 16.24 -7.09
N LEU D 169 33.04 15.05 -6.81
CA LEU D 169 32.64 14.29 -5.63
C LEU D 169 33.55 14.66 -4.48
N ILE D 170 33.00 15.30 -3.45
CA ILE D 170 33.76 15.85 -2.34
C ILE D 170 33.49 15.00 -1.10
N THR D 171 34.55 14.65 -0.39
CA THR D 171 34.46 13.90 0.85
C THR D 171 34.95 14.75 2.01
N SER D 172 34.14 14.81 3.07
CA SER D 172 34.42 15.65 4.22
C SER D 172 34.08 14.88 5.48
N VAL D 173 34.18 15.54 6.62
CA VAL D 173 33.88 14.94 7.92
C VAL D 173 32.53 15.46 8.40
N ILE D 174 31.63 14.56 8.74
CA ILE D 174 30.31 14.95 9.22
C ILE D 174 30.44 15.52 10.63
N GLN D 175 29.86 16.70 10.84
CA GLN D 175 29.80 17.34 12.14
C GLN D 175 28.36 17.40 12.61
N ASP D 176 28.19 17.70 13.89
CA ASP D 176 26.85 17.74 14.47
C ASP D 176 26.05 18.88 13.85
N GLY D 177 24.83 18.57 13.42
CA GLY D 177 23.95 19.57 12.85
C GLY D 177 23.90 19.62 11.34
N ASP D 178 24.49 18.65 10.63
CA ASP D 178 24.43 18.60 9.18
C ASP D 178 23.16 17.88 8.74
N MET D 179 22.64 18.30 7.58
CA MET D 179 21.40 17.74 7.07
C MET D 179 21.64 16.41 6.36
N VAL D 180 20.56 15.71 6.07
CA VAL D 180 20.61 14.39 5.45
C VAL D 180 19.96 14.48 4.07
N ASP D 181 20.31 13.55 3.19
CA ASP D 181 19.66 13.45 1.89
C ASP D 181 18.17 13.17 2.07
N THR D 182 17.35 13.81 1.24
CA THR D 182 15.91 13.77 1.42
C THR D 182 15.17 13.37 0.16
N GLY D 183 15.82 12.62 -0.72
CA GLY D 183 15.19 12.24 -1.97
C GLY D 183 15.25 13.29 -3.04
N PHE D 184 15.89 14.43 -2.80
CA PHE D 184 16.16 15.42 -3.82
C PHE D 184 17.58 15.35 -4.37
N GLY D 185 18.50 14.73 -3.63
CA GLY D 185 19.89 14.61 -4.04
C GLY D 185 20.80 14.87 -2.86
N ALA D 186 22.01 14.32 -2.94
CA ALA D 186 23.07 14.52 -1.96
C ALA D 186 24.07 15.48 -2.60
N MET D 187 23.79 16.77 -2.50
CA MET D 187 24.50 17.77 -3.28
C MET D 187 24.50 19.09 -2.54
N ASN D 188 25.40 19.98 -2.96
CA ASN D 188 25.52 21.32 -2.38
C ASN D 188 24.47 22.23 -3.00
N PHE D 189 23.37 22.44 -2.29
CA PHE D 189 22.25 23.20 -2.83
C PHE D 189 22.48 24.70 -2.81
N ALA D 190 23.56 25.17 -2.19
CA ALA D 190 23.82 26.60 -2.10
C ALA D 190 24.70 27.11 -3.23
N ASP D 191 25.56 26.25 -3.78
CA ASP D 191 26.46 26.61 -4.88
C ASP D 191 25.88 26.25 -6.24
N LEU D 192 25.28 25.07 -6.36
CA LEU D 192 24.85 24.56 -7.65
C LEU D 192 23.48 25.04 -8.07
N GLN D 193 22.73 25.69 -7.19
CA GLN D 193 21.40 26.21 -7.52
C GLN D 193 21.34 27.65 -7.05
N THR D 194 21.39 28.58 -7.99
CA THR D 194 21.56 30.00 -7.67
C THR D 194 20.25 30.72 -7.37
N ASN D 195 19.13 30.22 -7.89
CA ASN D 195 17.85 30.89 -7.69
C ASN D 195 17.34 30.77 -6.25
N LYS D 196 17.81 29.77 -5.50
CA LYS D 196 17.44 29.55 -4.11
C LYS D 196 15.94 29.29 -3.93
N SER D 197 15.30 28.67 -4.92
CA SER D 197 13.87 28.41 -4.85
C SER D 197 13.52 27.04 -5.42
N ASP D 198 14.43 26.08 -5.34
CA ASP D 198 14.20 24.77 -5.94
C ASP D 198 13.96 23.67 -4.93
N VAL D 199 14.36 23.86 -3.68
CA VAL D 199 14.12 22.89 -2.61
C VAL D 199 13.67 23.64 -1.37
N PRO D 200 13.00 22.94 -0.43
CA PRO D 200 12.42 23.63 0.73
C PRO D 200 13.41 24.38 1.61
N LEU D 201 12.88 25.09 2.61
CA LEU D 201 13.69 26.00 3.41
C LEU D 201 14.71 25.30 4.28
N ASP D 202 14.54 24.00 4.51
CA ASP D 202 15.52 23.28 5.32
C ASP D 202 16.88 23.26 4.64
N ILE D 203 16.91 22.93 3.35
CA ILE D 203 18.13 22.60 2.64
C ILE D 203 18.38 23.52 1.45
N CYS D 204 17.66 24.64 1.36
CA CYS D 204 17.85 25.53 0.21
C CYS D 204 19.15 26.31 0.33
N GLY D 205 19.72 26.41 1.53
CA GLY D 205 20.97 27.11 1.71
C GLY D 205 21.98 26.33 2.52
N THR D 206 22.00 25.00 2.36
CA THR D 206 22.83 24.12 3.17
C THR D 206 23.38 23.04 2.26
N VAL D 207 24.12 22.09 2.83
CA VAL D 207 24.71 20.98 2.10
C VAL D 207 24.14 19.69 2.67
N CYS D 208 23.47 18.91 1.83
CA CYS D 208 23.04 17.58 2.21
C CYS D 208 24.19 16.61 2.01
N LYS D 209 24.33 15.66 2.93
CA LYS D 209 25.41 14.70 2.89
C LYS D 209 24.87 13.29 2.98
N TYR D 210 25.61 12.35 2.43
CA TYR D 210 25.29 10.94 2.51
C TYR D 210 26.50 10.20 3.06
N PRO D 211 26.30 9.23 3.95
CA PRO D 211 27.44 8.47 4.48
C PRO D 211 28.21 7.78 3.36
N ASP D 212 29.54 7.85 3.44
CA ASP D 212 30.41 7.30 2.42
C ASP D 212 30.92 5.94 2.90
N TYR D 213 30.09 4.93 2.71
CA TYR D 213 30.38 3.60 3.24
C TYR D 213 31.51 2.92 2.46
N LEU D 214 31.63 3.22 1.17
CA LEU D 214 32.58 2.51 0.32
C LEU D 214 34.01 2.77 0.75
N GLN D 215 34.32 4.00 1.14
CA GLN D 215 35.68 4.36 1.54
C GLN D 215 35.92 4.17 3.04
N MET D 216 34.90 4.38 3.88
CA MET D 216 35.08 4.00 5.28
C MET D 216 35.18 2.50 5.47
N ALA D 217 34.78 1.70 4.47
CA ALA D 217 35.04 0.28 4.53
C ALA D 217 36.42 -0.09 3.98
N ALA D 218 37.09 0.84 3.30
CA ALA D 218 38.41 0.59 2.75
C ALA D 218 39.52 1.29 3.53
N ASP D 219 39.23 1.84 4.70
CA ASP D 219 40.27 2.41 5.53
C ASP D 219 41.20 1.31 6.02
N PRO D 220 42.51 1.55 6.03
CA PRO D 220 43.45 0.49 6.47
C PRO D 220 43.26 0.05 7.92
N TYR D 221 42.92 0.96 8.82
CA TYR D 221 42.74 0.61 10.23
C TYR D 221 41.28 0.46 10.64
N GLY D 222 40.36 1.08 9.90
CA GLY D 222 38.95 0.94 10.23
C GLY D 222 38.54 1.56 11.55
N ASP D 223 39.01 2.78 11.83
CA ASP D 223 38.59 3.49 13.03
C ASP D 223 37.34 4.32 12.83
N ARG D 224 36.88 4.45 11.59
CA ARG D 224 35.78 5.37 11.30
C ARG D 224 34.44 4.79 11.73
N LEU D 225 34.24 3.49 11.54
CA LEU D 225 33.00 2.86 11.98
C LEU D 225 33.27 1.46 12.50
N PHE D 226 32.85 1.21 13.75
CA PHE D 226 32.83 -0.15 14.28
C PHE D 226 31.65 -0.91 13.71
N PHE D 227 30.46 -0.30 13.77
CA PHE D 227 29.25 -0.88 13.22
C PHE D 227 28.34 0.24 12.79
N TYR D 228 27.36 -0.12 11.96
CA TYR D 228 26.35 0.80 11.47
C TYR D 228 25.08 0.03 11.12
N LEU D 229 23.95 0.71 11.25
CA LEU D 229 22.64 0.18 10.89
C LEU D 229 21.89 1.27 10.13
N ARG D 230 21.12 0.86 9.11
CA ARG D 230 20.42 1.83 8.28
C ARG D 230 19.13 1.25 7.75
N LYS D 231 18.11 2.10 7.63
CA LYS D 231 16.84 1.73 7.02
C LYS D 231 16.26 2.95 6.30
N GLU D 232 15.97 2.79 5.01
CA GLU D 232 15.45 3.85 4.18
C GLU D 232 14.24 3.36 3.41
N GLN D 233 13.32 4.28 3.11
CA GLN D 233 12.22 3.98 2.20
C GLN D 233 11.58 5.29 1.75
N MET D 234 10.97 5.25 0.58
CA MET D 234 10.29 6.40 0.00
C MET D 234 9.49 5.93 -1.21
N PHE D 235 8.69 6.86 -1.75
CA PHE D 235 8.05 6.68 -3.05
C PHE D 235 7.77 8.06 -3.62
N ALA D 236 7.28 8.10 -4.85
CA ALA D 236 7.10 9.35 -5.59
C ALA D 236 5.61 9.68 -5.65
N ARG D 237 5.22 10.83 -5.09
CA ARG D 237 3.80 11.19 -5.08
C ARG D 237 3.40 11.92 -6.36
N HIS D 238 4.01 13.07 -6.62
CA HIS D 238 3.59 13.96 -7.69
C HIS D 238 4.77 14.24 -8.60
N PHE D 239 4.45 14.63 -9.84
CA PHE D 239 5.46 14.98 -10.84
C PHE D 239 5.16 16.37 -11.37
N PHE D 240 6.21 17.15 -11.64
CA PHE D 240 5.99 18.50 -12.15
C PHE D 240 7.20 18.98 -12.94
N ASN D 241 7.03 20.14 -13.56
CA ASN D 241 8.04 20.80 -14.38
C ASN D 241 8.82 21.83 -13.57
N ARG D 242 9.63 22.59 -14.29
CA ARG D 242 10.29 23.78 -13.75
C ARG D 242 10.20 24.91 -14.76
N ALA D 243 10.40 26.13 -14.27
CA ALA D 243 10.31 27.32 -15.11
C ALA D 243 11.70 27.95 -15.25
N GLY D 244 12.11 28.18 -16.48
CA GLY D 244 13.41 28.75 -16.77
C GLY D 244 13.90 28.26 -18.12
N THR D 245 14.79 29.03 -18.72
CA THR D 245 15.30 28.68 -20.04
C THR D 245 16.06 27.37 -20.00
N VAL D 246 15.82 26.52 -20.98
CA VAL D 246 16.42 25.19 -21.03
C VAL D 246 17.80 25.31 -21.65
N GLY D 247 18.82 24.86 -20.91
CA GLY D 247 20.18 24.97 -21.41
C GLY D 247 20.46 24.08 -22.61
N GLU D 248 19.98 22.84 -22.58
CA GLU D 248 20.23 21.87 -23.64
C GLU D 248 18.91 21.44 -24.29
N PRO D 249 18.49 22.08 -25.38
CA PRO D 249 17.19 21.76 -25.97
C PRO D 249 17.15 20.36 -26.54
N VAL D 250 15.94 19.87 -26.74
CA VAL D 250 15.74 18.50 -27.24
C VAL D 250 16.29 18.40 -28.65
N PRO D 251 17.01 17.32 -28.99
CA PRO D 251 17.58 17.21 -30.33
C PRO D 251 16.52 17.21 -31.42
N ASP D 252 16.90 17.71 -32.59
CA ASP D 252 15.96 17.87 -33.69
C ASP D 252 15.47 16.54 -34.23
N ASP D 253 16.23 15.46 -34.01
CA ASP D 253 15.87 14.17 -34.58
C ASP D 253 15.08 13.29 -33.61
N LEU D 254 14.84 13.74 -32.38
CA LEU D 254 14.11 12.92 -31.43
C LEU D 254 12.61 13.22 -31.40
N LEU D 255 12.17 14.34 -31.97
CA LEU D 255 10.77 14.68 -31.95
C LEU D 255 10.35 15.19 -33.31
N VAL D 256 9.06 15.06 -33.59
CA VAL D 256 8.46 15.60 -34.80
C VAL D 256 7.80 16.93 -34.44
N LYS D 257 8.20 18.00 -35.14
CA LYS D 257 7.70 19.33 -34.81
C LYS D 257 6.20 19.41 -35.01
N GLY D 258 5.55 20.16 -34.13
CA GLY D 258 4.12 20.39 -34.20
C GLY D 258 3.83 21.76 -34.80
N GLY D 259 2.53 22.04 -34.96
CA GLY D 259 2.10 23.31 -35.51
C GLY D 259 0.96 23.88 -34.69
N ASN D 260 0.66 25.15 -34.96
CA ASN D 260 -0.44 25.88 -34.33
C ASN D 260 -0.16 25.95 -32.83
N ASN D 261 -1.07 25.52 -31.97
CA ASN D 261 -0.93 25.69 -30.52
C ASN D 261 0.02 24.69 -29.88
N ARG D 262 0.53 23.72 -30.63
CA ARG D 262 1.54 22.80 -30.14
C ARG D 262 2.93 23.14 -30.64
N SER D 263 3.14 24.37 -31.12
CA SER D 263 4.40 24.72 -31.75
C SER D 263 5.54 24.78 -30.74
N SER D 264 5.42 25.66 -29.75
CA SER D 264 6.49 25.84 -28.77
C SER D 264 6.54 24.64 -27.82
N VAL D 265 7.65 23.91 -27.85
CA VAL D 265 7.77 22.71 -27.03
C VAL D 265 7.81 23.10 -25.56
N ALA D 266 7.03 22.39 -24.75
CA ALA D 266 6.98 22.68 -23.32
C ALA D 266 8.24 22.18 -22.63
N SER D 267 8.44 22.66 -21.41
CA SER D 267 9.66 22.38 -20.66
C SER D 267 9.77 20.90 -20.34
N SER D 268 10.98 20.36 -20.50
CA SER D 268 11.24 18.94 -20.34
C SER D 268 12.16 18.64 -19.16
N ILE D 269 12.11 19.46 -18.12
CA ILE D 269 12.85 19.24 -16.90
C ILE D 269 11.85 18.76 -15.85
N TYR D 270 11.86 17.46 -15.56
CA TYR D 270 10.83 16.84 -14.74
C TYR D 270 11.36 16.50 -13.36
N VAL D 271 10.57 16.80 -12.34
CA VAL D 271 10.91 16.59 -10.94
C VAL D 271 9.73 15.91 -10.28
N HIS D 272 9.99 15.15 -9.22
CA HIS D 272 8.95 14.49 -8.45
C HIS D 272 8.96 14.98 -7.00
N THR D 273 7.93 14.59 -6.26
CA THR D 273 7.80 14.94 -4.85
C THR D 273 8.02 13.68 -4.01
N PRO D 274 9.06 13.62 -3.19
CA PRO D 274 9.30 12.42 -2.38
C PRO D 274 8.24 12.29 -1.30
N SER D 275 8.09 11.06 -0.81
CA SER D 275 7.22 10.85 0.34
C SER D 275 7.63 9.56 1.03
N GLY D 276 7.89 9.65 2.32
CA GLY D 276 8.01 8.44 3.11
C GLY D 276 6.67 7.75 3.24
N SER D 277 6.72 6.46 3.50
CA SER D 277 5.50 5.66 3.55
C SER D 277 4.96 5.62 4.97
N LEU D 278 4.10 4.65 5.25
CA LEU D 278 3.55 4.44 6.58
C LEU D 278 4.65 4.34 7.63
N VAL D 279 4.45 5.06 8.73
CA VAL D 279 5.32 4.97 9.90
C VAL D 279 4.76 3.90 10.83
N SER D 280 5.64 3.06 11.36
CA SER D 280 5.21 1.96 12.22
C SER D 280 6.15 1.86 13.41
N SER D 281 5.76 1.01 14.37
CA SER D 281 6.60 0.77 15.53
C SER D 281 7.35 -0.55 15.45
N GLU D 282 6.95 -1.46 14.55
CA GLU D 282 7.65 -2.73 14.43
C GLU D 282 8.89 -2.62 13.55
N ALA D 283 9.08 -1.50 12.87
CA ALA D 283 10.24 -1.26 12.03
C ALA D 283 11.34 -0.48 12.73
N GLN D 284 11.18 -0.19 14.02
CA GLN D 284 12.12 0.66 14.72
C GLN D 284 13.48 0.00 14.88
N LEU D 285 14.51 0.83 15.00
CA LEU D 285 15.87 0.39 15.27
C LEU D 285 16.36 0.75 16.65
N PHE D 286 15.68 1.67 17.34
CA PHE D 286 16.15 2.22 18.60
C PHE D 286 15.36 1.61 19.76
N ASN D 287 15.74 2.02 20.96
CA ASN D 287 15.25 1.42 22.21
C ASN D 287 15.56 -0.07 22.27
N LYS D 288 16.60 -0.52 21.57
CA LYS D 288 16.99 -1.91 21.54
C LYS D 288 18.50 -2.00 21.74
N PRO D 289 18.96 -2.78 22.71
CA PRO D 289 20.41 -2.90 22.92
C PRO D 289 21.09 -3.64 21.78
N TYR D 290 22.35 -3.27 21.54
CA TYR D 290 23.19 -3.91 20.53
C TYR D 290 24.44 -4.45 21.19
N TRP D 291 24.81 -5.68 20.87
CA TRP D 291 26.00 -6.32 21.41
C TRP D 291 27.07 -6.39 20.33
N LEU D 292 28.14 -5.61 20.51
CA LEU D 292 29.27 -5.64 19.60
C LEU D 292 30.09 -6.89 19.86
N GLN D 293 30.21 -7.74 18.84
CA GLN D 293 31.01 -8.95 18.95
C GLN D 293 32.18 -8.96 17.98
N LYS D 294 31.91 -8.76 16.68
CA LYS D 294 32.96 -8.70 15.67
C LYS D 294 32.77 -7.46 14.82
N ALA D 295 33.83 -6.70 14.62
CA ALA D 295 33.78 -5.50 13.80
C ALA D 295 34.11 -5.84 12.35
N GLN D 296 33.70 -4.95 11.45
CA GLN D 296 33.95 -5.15 10.03
C GLN D 296 35.35 -4.76 9.61
N GLY D 297 36.10 -4.10 10.49
CA GLY D 297 37.49 -3.75 10.24
C GLY D 297 38.44 -4.60 11.05
N HIS D 298 39.61 -4.03 11.32
CA HIS D 298 40.56 -4.65 12.24
C HIS D 298 40.43 -4.13 13.66
N ASN D 299 40.07 -2.87 13.83
CA ASN D 299 39.84 -2.30 15.15
C ASN D 299 38.55 -2.86 15.73
N ASN D 300 38.67 -3.75 16.71
CA ASN D 300 37.52 -4.48 17.25
C ASN D 300 36.98 -3.80 18.50
N GLY D 301 36.40 -2.62 18.28
CA GLY D 301 35.74 -1.90 19.36
C GLY D 301 36.67 -1.42 20.46
N ILE D 302 37.81 -0.87 20.10
CA ILE D 302 38.80 -0.39 21.07
C ILE D 302 38.91 1.11 20.90
N CYS D 303 38.71 1.85 21.98
CA CYS D 303 38.68 3.32 21.93
C CYS D 303 40.06 3.88 22.22
N TRP D 304 40.61 4.63 21.27
CA TRP D 304 41.90 5.26 21.41
C TRP D 304 41.71 6.73 21.75
N GLY D 305 42.44 7.21 22.75
CA GLY D 305 42.39 8.61 23.11
C GLY D 305 41.27 9.00 24.06
N ASN D 306 40.59 8.02 24.66
CA ASN D 306 39.57 8.28 25.67
C ASN D 306 38.45 9.16 25.13
N HIS D 307 37.92 8.79 23.97
CA HIS D 307 36.76 9.44 23.39
C HIS D 307 36.10 8.48 22.43
N LEU D 308 34.84 8.76 22.12
CA LEU D 308 34.09 7.88 21.22
C LEU D 308 33.05 8.72 20.50
N PHE D 309 32.71 8.33 19.27
CA PHE D 309 31.81 9.08 18.42
C PHE D 309 30.60 8.23 18.07
N VAL D 310 29.41 8.80 18.26
CA VAL D 310 28.15 8.16 17.95
C VAL D 310 27.38 9.07 17.00
N THR D 311 26.97 8.52 15.86
CA THR D 311 26.22 9.28 14.87
C THR D 311 24.83 8.67 14.74
N VAL D 312 23.80 9.51 14.87
CA VAL D 312 22.41 9.08 14.87
C VAL D 312 21.60 9.94 13.94
N VAL D 313 20.71 9.32 13.16
CA VAL D 313 19.66 9.99 12.41
C VAL D 313 18.37 9.21 12.62
N ASP D 314 17.30 9.91 13.02
CA ASP D 314 16.01 9.29 13.25
C ASP D 314 14.92 10.27 12.82
N THR D 315 14.27 9.98 11.69
CA THR D 315 13.21 10.82 11.18
C THR D 315 11.83 10.27 11.47
N THR D 316 11.73 9.21 12.27
CA THR D 316 10.43 8.64 12.58
C THR D 316 9.72 9.37 13.73
N ARG D 317 10.44 10.20 14.49
CA ARG D 317 9.84 11.06 15.51
C ARG D 317 10.24 12.48 15.18
N SER D 318 9.45 13.14 14.34
CA SER D 318 9.80 14.48 13.88
C SER D 318 8.58 15.36 13.77
N THR D 319 7.70 15.33 14.76
CA THR D 319 6.53 16.20 14.77
C THR D 319 6.95 17.62 15.14
N ASN D 320 6.53 18.59 14.35
CA ASN D 320 6.73 20.01 14.67
C ASN D 320 5.47 20.49 15.38
N MET D 321 5.57 20.70 16.69
CA MET D 321 4.41 21.23 17.40
C MET D 321 4.21 22.70 17.07
N THR D 322 2.97 23.15 17.23
CA THR D 322 2.58 24.52 16.90
C THR D 322 2.06 25.20 18.16
N LEU D 323 2.55 26.40 18.42
CA LEU D 323 2.15 27.16 19.60
C LEU D 323 1.50 28.46 19.18
N CYS D 324 0.55 28.93 19.97
CA CYS D 324 -0.17 30.16 19.68
C CYS D 324 -0.17 31.04 20.93
N ALA D 325 0.12 32.32 20.74
CA ALA D 325 0.16 33.28 21.83
C ALA D 325 -0.78 34.43 21.52
N SER D 326 -1.54 34.85 22.53
CA SER D 326 -2.58 35.85 22.35
C SER D 326 -2.01 37.24 22.57
N VAL D 327 -2.09 38.09 21.54
CA VAL D 327 -1.62 39.45 21.66
C VAL D 327 -2.65 40.33 22.35
N SER D 328 -3.91 40.19 21.97
CA SER D 328 -5.00 40.95 22.56
C SER D 328 -6.27 40.11 22.52
N LYS D 329 -7.38 40.73 22.88
CA LYS D 329 -8.69 40.10 22.82
C LYS D 329 -9.65 41.01 22.07
N SER D 330 -10.57 40.42 21.32
CA SER D 330 -11.54 41.17 20.54
C SER D 330 -12.94 40.66 20.83
N ALA D 331 -13.90 41.15 20.05
CA ALA D 331 -15.28 40.74 20.22
C ALA D 331 -15.52 39.36 19.62
N THR D 332 -15.28 39.20 18.32
CA THR D 332 -15.58 37.96 17.61
C THR D 332 -14.38 37.53 16.77
N TYR D 333 -13.44 36.83 17.39
CA TYR D 333 -12.36 36.12 16.70
C TYR D 333 -11.71 36.95 15.59
N THR D 334 -11.03 38.01 15.99
CA THR D 334 -10.16 38.70 15.05
C THR D 334 -8.94 37.82 14.77
N ASN D 335 -8.55 37.72 13.50
CA ASN D 335 -7.44 36.84 13.14
C ASN D 335 -6.08 37.42 13.50
N SER D 336 -5.98 38.74 13.66
CA SER D 336 -4.74 39.40 13.99
C SER D 336 -4.51 39.50 15.50
N ASP D 337 -5.29 38.77 16.30
CA ASP D 337 -5.12 38.75 17.75
C ASP D 337 -4.18 37.65 18.22
N TYR D 338 -3.66 36.82 17.32
CA TYR D 338 -2.89 35.65 17.70
C TYR D 338 -1.60 35.61 16.91
N LYS D 339 -0.58 35.00 17.51
CA LYS D 339 0.74 34.88 16.89
C LYS D 339 1.18 33.43 16.96
N GLU D 340 1.66 32.90 15.83
CA GLU D 340 1.90 31.48 15.66
C GLU D 340 3.40 31.19 15.61
N TYR D 341 3.81 30.15 16.34
CA TYR D 341 5.21 29.76 16.44
C TYR D 341 5.34 28.28 16.18
N MET D 342 6.53 27.88 15.71
CA MET D 342 6.87 26.49 15.46
C MET D 342 8.07 26.10 16.32
N ARG D 343 7.95 24.98 17.01
CA ARG D 343 9.06 24.39 17.76
C ARG D 343 9.23 22.93 17.35
N HIS D 344 10.43 22.43 17.57
CA HIS D 344 10.72 21.00 17.50
C HIS D 344 11.57 20.65 18.70
N VAL D 345 11.24 19.51 19.32
CA VAL D 345 11.86 19.07 20.57
C VAL D 345 12.40 17.66 20.36
N GLU D 346 13.58 17.41 20.89
CA GLU D 346 14.27 16.15 20.71
C GLU D 346 14.80 15.67 22.05
N GLU D 347 14.64 14.37 22.32
CA GLU D 347 15.02 13.78 23.60
C GLU D 347 15.80 12.49 23.37
N PHE D 348 16.89 12.32 24.11
CA PHE D 348 17.82 11.22 23.94
C PHE D 348 18.20 10.62 25.28
N ASP D 349 18.65 9.36 25.22
CA ASP D 349 19.20 8.67 26.40
C ASP D 349 20.22 7.66 25.91
N LEU D 350 21.50 7.95 26.11
CA LEU D 350 22.59 7.11 25.63
C LEU D 350 23.13 6.27 26.79
N GLN D 351 23.16 4.95 26.61
CA GLN D 351 23.68 4.07 27.65
C GLN D 351 24.71 3.14 27.04
N PHE D 352 25.82 2.95 27.74
CA PHE D 352 26.92 2.13 27.25
C PHE D 352 27.38 1.17 28.35
N ILE D 353 27.92 0.04 27.93
CA ILE D 353 28.76 -0.79 28.77
C ILE D 353 30.12 -0.93 28.09
N PHE D 354 31.17 -0.63 28.86
CA PHE D 354 32.57 -0.66 28.45
C PHE D 354 33.31 -1.76 29.18
N GLN D 355 34.52 -2.04 28.70
CA GLN D 355 35.38 -3.07 29.28
C GLN D 355 36.82 -2.55 29.30
N LEU D 356 37.56 -2.91 30.35
CA LEU D 356 38.94 -2.47 30.51
C LEU D 356 39.92 -3.44 29.86
N CYS D 357 40.90 -2.89 29.15
CA CYS D 357 41.84 -3.68 28.36
C CYS D 357 43.27 -3.20 28.61
N SER D 358 44.23 -4.10 28.40
CA SER D 358 45.63 -3.80 28.65
C SER D 358 46.48 -4.14 27.43
N ILE D 359 47.49 -3.32 27.20
CA ILE D 359 48.40 -3.47 26.06
C ILE D 359 49.81 -3.63 26.59
N THR D 360 50.50 -4.68 26.13
CA THR D 360 51.87 -4.94 26.53
C THR D 360 52.81 -4.22 25.58
N LEU D 361 53.65 -3.34 26.12
CA LEU D 361 54.48 -2.46 25.31
C LEU D 361 55.88 -3.05 25.16
N SER D 362 56.02 -3.95 24.20
CA SER D 362 57.34 -4.39 23.77
C SER D 362 57.88 -3.41 22.72
N ALA D 363 59.08 -3.70 22.21
CA ALA D 363 59.71 -2.79 21.25
C ALA D 363 58.94 -2.76 19.93
N GLU D 364 58.67 -3.93 19.34
CA GLU D 364 58.01 -3.96 18.05
C GLU D 364 56.55 -3.53 18.16
N VAL D 365 55.90 -3.87 19.28
CA VAL D 365 54.54 -3.40 19.52
C VAL D 365 54.52 -1.88 19.61
N MET D 366 55.49 -1.31 20.32
CA MET D 366 55.57 0.15 20.42
C MET D 366 55.79 0.80 19.06
N ALA D 367 56.67 0.21 18.25
CA ALA D 367 56.91 0.74 16.91
C ALA D 367 55.65 0.67 16.05
N TYR D 368 54.92 -0.46 16.14
CA TYR D 368 53.69 -0.60 15.38
C TYR D 368 52.65 0.44 15.79
N ILE D 369 52.48 0.64 17.10
CA ILE D 369 51.50 1.61 17.57
C ILE D 369 51.91 3.02 17.15
N HIS D 370 53.20 3.33 17.19
CA HIS D 370 53.67 4.63 16.75
C HIS D 370 53.37 4.84 15.27
N THR D 371 53.57 3.82 14.45
CA THR D 371 53.22 3.92 13.04
C THR D 371 51.72 4.15 12.87
N MET D 372 50.91 3.41 13.62
CA MET D 372 49.45 3.58 13.54
C MET D 372 49.03 4.97 14.02
N ASN D 373 49.48 5.37 15.21
CA ASN D 373 49.00 6.60 15.82
C ASN D 373 50.03 7.21 16.76
N PRO D 374 50.58 8.38 16.42
CA PRO D 374 51.57 9.01 17.31
C PRO D 374 50.96 9.60 18.57
N SER D 375 49.72 10.10 18.51
CA SER D 375 49.12 10.73 19.67
C SER D 375 48.88 9.72 20.80
N VAL D 376 48.59 8.46 20.45
CA VAL D 376 48.37 7.44 21.48
C VAL D 376 49.62 7.27 22.33
N LEU D 377 50.78 7.12 21.69
CA LEU D 377 52.02 6.95 22.43
C LEU D 377 52.44 8.25 23.11
N GLU D 378 52.14 9.40 22.50
CA GLU D 378 52.49 10.67 23.13
C GLU D 378 51.70 10.87 24.42
N ASP D 379 50.44 10.43 24.45
CA ASP D 379 49.59 10.66 25.61
C ASP D 379 49.92 9.74 26.79
N TRP D 380 50.67 8.66 26.55
CA TRP D 380 50.97 7.70 27.62
C TRP D 380 52.15 8.16 28.46
N ASN D 381 52.05 9.40 28.94
CA ASN D 381 53.08 9.98 29.82
C ASN D 381 52.44 10.58 31.07
N LYS D 415 49.17 20.00 22.85
CA LYS D 415 48.98 19.50 21.49
C LYS D 415 47.72 20.08 20.87
N GLN D 416 47.68 20.14 19.54
CA GLN D 416 46.50 20.57 18.82
C GLN D 416 45.82 19.36 18.16
N ASP D 417 44.53 19.21 18.45
CA ASP D 417 43.75 18.14 17.84
C ASP D 417 43.24 18.57 16.48
N PRO D 418 42.96 17.62 15.58
CA PRO D 418 42.30 17.97 14.33
C PRO D 418 40.81 18.27 14.46
N TYR D 419 40.29 18.28 15.69
CA TYR D 419 38.90 18.63 15.96
C TYR D 419 38.78 20.05 16.51
N LYS D 420 39.77 20.91 16.25
CA LYS D 420 39.78 22.23 16.85
C LYS D 420 38.60 23.07 16.38
N ASP D 421 38.31 23.04 15.08
CA ASP D 421 37.25 23.84 14.50
C ASP D 421 35.95 23.07 14.29
N MET D 422 35.95 21.76 14.51
CA MET D 422 34.77 20.96 14.24
C MET D 422 33.75 21.11 15.37
N SER D 423 32.50 20.74 15.06
CA SER D 423 31.39 20.87 15.98
C SER D 423 30.87 19.49 16.35
N PHE D 424 30.59 19.31 17.64
CA PHE D 424 30.03 18.06 18.14
C PHE D 424 29.12 18.38 19.32
N TRP D 425 28.28 17.42 19.67
CA TRP D 425 27.55 17.46 20.93
C TRP D 425 28.40 16.73 21.95
N GLU D 426 28.93 17.48 22.93
CA GLU D 426 29.88 16.93 23.88
C GLU D 426 29.15 16.34 25.07
N VAL D 427 29.47 15.09 25.38
CA VAL D 427 28.87 14.37 26.50
C VAL D 427 30.00 13.84 27.37
N ASN D 428 30.07 14.31 28.61
CA ASN D 428 31.14 13.94 29.52
C ASN D 428 30.67 12.81 30.42
N LEU D 429 31.47 11.74 30.51
CA LEU D 429 31.13 10.60 31.34
C LEU D 429 32.28 10.26 32.29
N LYS D 430 32.97 11.27 32.81
CA LYS D 430 34.14 11.00 33.64
C LYS D 430 33.74 10.48 35.02
N GLU D 431 32.68 11.01 35.60
CA GLU D 431 32.26 10.63 36.94
C GLU D 431 31.03 9.73 36.94
N LYS D 432 30.75 9.04 35.83
CA LYS D 432 29.54 8.27 35.68
C LYS D 432 29.80 6.78 35.45
N PHE D 433 30.98 6.27 35.85
CA PHE D 433 31.30 4.87 35.72
C PHE D 433 31.01 4.15 37.03
N SER D 434 30.32 3.03 36.96
CA SER D 434 30.00 2.26 38.15
C SER D 434 29.90 0.78 37.80
N SER D 435 30.39 -0.07 38.70
CA SER D 435 30.40 -1.50 38.48
C SER D 435 29.19 -2.21 39.06
N GLU D 436 28.22 -1.46 39.60
CA GLU D 436 26.96 -2.03 40.07
C GLU D 436 26.06 -2.21 38.84
N LEU D 437 26.28 -3.32 38.13
CA LEU D 437 25.60 -3.52 36.86
C LEU D 437 24.10 -3.74 37.04
N ASP D 438 23.70 -4.49 38.06
CA ASP D 438 22.29 -4.85 38.21
C ASP D 438 21.42 -3.65 38.59
N GLN D 439 22.01 -2.58 39.11
CA GLN D 439 21.22 -1.43 39.53
C GLN D 439 20.70 -0.59 38.37
N PHE D 440 21.17 -0.84 37.16
CA PHE D 440 20.79 -0.04 36.00
C PHE D 440 20.12 -0.91 34.95
N PRO D 441 19.15 -0.36 34.21
CA PRO D 441 18.33 -1.21 33.34
C PRO D 441 19.13 -2.00 32.32
N LEU D 442 20.16 -1.41 31.74
CA LEU D 442 20.90 -2.09 30.67
C LEU D 442 21.83 -3.15 31.26
N GLY D 443 22.26 -2.96 32.50
CA GLY D 443 23.13 -3.94 33.12
C GLY D 443 22.45 -5.28 33.33
N ARG D 444 21.16 -5.27 33.67
CA ARG D 444 20.43 -6.52 33.81
C ARG D 444 20.32 -7.24 32.47
N LYS D 445 20.06 -6.51 31.40
CA LYS D 445 20.02 -7.13 30.08
C LYS D 445 21.38 -7.72 29.72
N PHE D 446 22.46 -7.01 30.04
CA PHE D 446 23.79 -7.53 29.80
C PHE D 446 24.05 -8.80 30.60
N LEU D 447 23.63 -8.82 31.86
CA LEU D 447 23.87 -10.00 32.70
C LEU D 447 23.06 -11.19 32.21
N LEU D 448 21.84 -10.95 31.73
CA LEU D 448 21.07 -12.04 31.11
C LEU D 448 21.77 -12.56 29.87
N GLN D 449 22.26 -11.65 29.02
CA GLN D 449 22.90 -12.07 27.78
C GLN D 449 24.17 -12.88 28.05
N SER D 450 25.09 -12.33 28.86
CA SER D 450 26.36 -13.01 29.10
C SER D 450 26.18 -14.20 30.04
N GLY D 451 25.41 -14.01 31.12
CA GLY D 451 25.18 -15.07 32.08
C GLY D 451 26.18 -15.13 33.21
N TYR D 452 27.25 -14.36 33.16
CA TYR D 452 28.26 -14.37 34.22
C TYR D 452 28.63 -12.96 34.65
N ALA E 1 -16.22 -51.22 -6.43
CA ALA E 1 -15.31 -50.29 -5.75
C ALA E 1 -14.26 -49.78 -6.73
N VAL E 2 -13.61 -48.68 -6.36
CA VAL E 2 -12.56 -48.05 -7.16
C VAL E 2 -11.23 -48.29 -6.46
N VAL E 3 -10.29 -48.89 -7.17
CA VAL E 3 -8.99 -49.25 -6.61
C VAL E 3 -7.93 -48.31 -7.16
N ALA E 4 -7.07 -47.81 -6.28
CA ALA E 4 -6.01 -46.89 -6.69
C ALA E 4 -4.99 -47.61 -7.57
N THR E 5 -4.40 -46.85 -8.50
CA THR E 5 -3.46 -47.44 -9.45
C THR E 5 -2.24 -48.03 -8.76
N ASP E 6 -1.94 -47.62 -7.53
CA ASP E 6 -0.78 -48.16 -6.83
C ASP E 6 -0.88 -49.68 -6.67
N ALA E 7 -2.10 -50.22 -6.74
CA ALA E 7 -2.26 -51.67 -6.60
C ALA E 7 -1.76 -52.41 -7.83
N TYR E 8 -2.05 -51.93 -9.03
CA TYR E 8 -1.87 -52.73 -10.23
C TYR E 8 -0.85 -52.17 -11.22
N VAL E 9 -0.11 -51.12 -10.89
CA VAL E 9 0.96 -50.62 -11.75
C VAL E 9 2.27 -50.72 -10.99
N LYS E 10 3.35 -51.02 -11.72
CA LYS E 10 4.68 -51.12 -11.15
C LYS E 10 5.66 -50.36 -12.03
N ARG E 11 6.54 -49.60 -11.40
CA ARG E 11 7.43 -48.69 -12.10
C ARG E 11 8.88 -49.16 -12.00
N THR E 12 9.58 -49.13 -13.13
CA THR E 12 10.99 -49.47 -13.19
C THR E 12 11.81 -48.19 -12.98
N ASN E 13 13.12 -48.26 -13.25
CA ASN E 13 14.01 -47.13 -13.06
C ASN E 13 14.32 -46.41 -14.36
N ILE E 14 13.34 -46.28 -15.25
CA ILE E 14 13.51 -45.66 -16.56
C ILE E 14 12.82 -44.30 -16.55
N PHE E 15 13.55 -43.26 -16.95
CA PHE E 15 13.03 -41.90 -17.02
C PHE E 15 13.36 -41.29 -18.37
N TYR E 16 12.51 -40.37 -18.82
CA TYR E 16 12.72 -39.71 -20.10
C TYR E 16 12.40 -38.22 -19.99
N HIS E 17 13.07 -37.43 -20.82
CA HIS E 17 12.89 -35.99 -20.86
C HIS E 17 12.35 -35.57 -22.20
N ALA E 18 11.32 -34.72 -22.19
CA ALA E 18 10.75 -34.19 -23.41
C ALA E 18 10.52 -32.69 -23.27
N SER E 19 10.53 -31.99 -24.40
CA SER E 19 10.35 -30.55 -24.38
C SER E 19 9.69 -30.12 -25.68
N SER E 20 8.76 -29.17 -25.58
CA SER E 20 8.09 -28.65 -26.75
C SER E 20 8.91 -27.62 -27.49
N SER E 21 10.05 -27.20 -26.93
CA SER E 21 10.85 -26.11 -27.47
C SER E 21 10.03 -24.82 -27.44
N ARG E 22 10.53 -23.78 -28.10
CA ARG E 22 9.87 -22.49 -28.06
C ARG E 22 8.54 -22.54 -28.81
N LEU E 23 7.48 -22.06 -28.16
CA LEU E 23 6.16 -21.94 -28.77
C LEU E 23 5.76 -20.47 -28.79
N LEU E 24 5.17 -20.03 -29.88
CA LEU E 24 4.89 -18.61 -30.07
C LEU E 24 3.51 -18.39 -30.66
N ALA E 25 2.79 -17.41 -30.14
CA ALA E 25 1.51 -17.00 -30.69
C ALA E 25 1.47 -15.49 -30.78
N VAL E 26 0.98 -14.96 -31.91
CA VAL E 26 0.89 -13.52 -32.14
C VAL E 26 -0.48 -13.21 -32.72
N GLY E 27 -1.15 -12.18 -32.19
CA GLY E 27 -2.42 -11.81 -32.78
C GLY E 27 -3.10 -10.70 -32.00
N HIS E 28 -4.25 -10.29 -32.52
CA HIS E 28 -5.03 -9.25 -31.88
C HIS E 28 -5.56 -9.73 -30.53
N PRO E 29 -5.71 -8.83 -29.56
CA PRO E 29 -6.17 -9.25 -28.23
C PRO E 29 -7.67 -9.13 -27.97
N TYR E 30 -8.45 -8.57 -28.89
CA TYR E 30 -9.89 -8.39 -28.67
C TYR E 30 -10.75 -9.23 -29.59
N TYR E 31 -10.43 -9.28 -30.89
CA TYR E 31 -11.23 -10.03 -31.84
C TYR E 31 -10.34 -10.50 -32.98
N SER E 32 -10.78 -11.54 -33.68
CA SER E 32 -10.05 -12.08 -34.81
C SER E 32 -10.33 -11.22 -36.04
N ILE E 33 -9.29 -10.95 -36.82
CA ILE E 33 -9.43 -10.11 -38.01
C ILE E 33 -9.72 -11.02 -39.20
N LYS E 34 -10.93 -10.91 -39.75
CA LYS E 34 -11.37 -11.73 -40.87
C LYS E 34 -11.58 -10.83 -42.07
N LYS E 35 -10.85 -11.10 -43.15
CA LYS E 35 -11.16 -10.51 -44.44
C LYS E 35 -12.05 -11.47 -45.21
N VAL E 36 -12.20 -11.25 -46.52
CA VAL E 36 -13.14 -12.05 -47.31
C VAL E 36 -12.76 -13.52 -47.33
N ASN E 37 -11.47 -13.84 -47.17
CA ASN E 37 -11.02 -15.22 -47.29
C ASN E 37 -11.21 -16.01 -46.00
N LYS E 38 -10.52 -15.60 -44.95
CA LYS E 38 -10.43 -16.38 -43.72
C LYS E 38 -9.88 -15.47 -42.62
N THR E 39 -9.50 -16.07 -41.50
CA THR E 39 -8.90 -15.31 -40.38
C THR E 39 -7.43 -15.09 -40.70
N VAL E 40 -7.11 -13.91 -41.22
CA VAL E 40 -5.71 -13.54 -41.41
C VAL E 40 -5.02 -13.38 -40.07
N VAL E 41 -5.73 -12.87 -39.07
CA VAL E 41 -5.18 -12.60 -37.75
C VAL E 41 -6.06 -13.27 -36.71
N PRO E 42 -5.54 -14.14 -35.86
CA PRO E 42 -6.38 -14.78 -34.85
C PRO E 42 -6.66 -13.85 -33.67
N LYS E 43 -7.32 -14.36 -32.64
CA LYS E 43 -7.48 -13.64 -31.38
C LYS E 43 -6.59 -14.28 -30.34
N VAL E 44 -5.64 -13.52 -29.82
CA VAL E 44 -4.66 -14.01 -28.86
C VAL E 44 -4.59 -13.02 -27.71
N SER E 45 -4.76 -13.52 -26.48
CA SER E 45 -4.85 -12.66 -25.32
C SER E 45 -4.22 -13.35 -24.11
N GLY E 46 -3.98 -12.56 -23.07
CA GLY E 46 -3.47 -13.09 -21.82
C GLY E 46 -4.52 -13.62 -20.87
N TYR E 47 -5.78 -13.34 -21.14
CA TYR E 47 -6.90 -13.80 -20.32
C TYR E 47 -7.63 -14.95 -20.98
N GLN E 48 -6.90 -15.85 -21.62
CA GLN E 48 -7.46 -16.98 -22.33
C GLN E 48 -6.91 -18.26 -21.75
N TYR E 49 -7.74 -19.29 -21.69
CA TYR E 49 -7.26 -20.61 -21.29
C TYR E 49 -6.35 -21.17 -22.37
N ARG E 50 -5.14 -21.56 -21.99
CA ARG E 50 -4.21 -22.21 -22.91
C ARG E 50 -4.23 -23.69 -22.58
N VAL E 51 -4.80 -24.49 -23.49
CA VAL E 51 -4.95 -25.93 -23.28
C VAL E 51 -4.07 -26.66 -24.28
N PHE E 52 -3.09 -27.39 -23.77
CA PHE E 52 -2.13 -28.13 -24.58
C PHE E 52 -2.45 -29.61 -24.48
N LYS E 53 -2.63 -30.26 -25.63
CA LYS E 53 -2.75 -31.70 -25.73
C LYS E 53 -1.40 -32.24 -26.15
N VAL E 54 -0.74 -32.94 -25.24
CA VAL E 54 0.61 -33.46 -25.46
C VAL E 54 0.47 -34.89 -25.97
N VAL E 55 0.95 -35.15 -27.17
CA VAL E 55 0.86 -36.50 -27.74
C VAL E 55 2.15 -37.24 -27.47
N LEU E 56 2.03 -38.47 -27.01
CA LEU E 56 3.18 -39.26 -26.63
C LEU E 56 3.37 -40.43 -27.57
N PRO E 57 4.61 -40.87 -27.81
CA PRO E 57 4.81 -42.09 -28.58
C PRO E 57 4.34 -43.32 -27.81
N ASP E 58 3.92 -44.34 -28.56
CA ASP E 58 3.48 -45.58 -27.94
C ASP E 58 4.65 -46.26 -27.27
N PRO E 59 4.61 -46.52 -25.96
CA PRO E 59 5.72 -47.23 -25.32
C PRO E 59 5.96 -48.62 -25.88
N ASN E 60 4.91 -49.32 -26.31
CA ASN E 60 5.10 -50.68 -26.83
C ASN E 60 5.83 -50.66 -28.17
N LYS E 61 5.39 -49.80 -29.09
CA LYS E 61 6.04 -49.70 -30.39
C LYS E 61 7.39 -48.99 -30.30
N PHE E 62 7.60 -48.21 -29.23
CA PHE E 62 8.86 -47.53 -29.03
C PHE E 62 9.95 -48.53 -28.67
N ALA E 63 11.15 -48.31 -29.22
CA ALA E 63 12.27 -49.24 -29.04
C ALA E 63 12.94 -48.97 -27.69
N LEU E 64 12.62 -49.79 -26.70
CA LEU E 64 13.18 -49.61 -25.37
C LEU E 64 14.67 -49.97 -25.35
N PRO E 65 15.42 -49.40 -24.41
CA PRO E 65 16.83 -49.81 -24.25
C PRO E 65 16.98 -51.29 -23.89
N ASP E 66 16.02 -51.85 -23.15
CA ASP E 66 16.03 -53.26 -22.77
C ASP E 66 14.77 -53.92 -23.30
N SER E 67 14.92 -55.13 -23.86
CA SER E 67 13.79 -55.91 -24.35
C SER E 67 13.54 -57.18 -23.53
N SER E 68 14.54 -57.67 -22.81
CA SER E 68 14.44 -58.92 -22.07
C SER E 68 14.03 -58.72 -20.61
N LEU E 69 13.83 -57.49 -20.17
CA LEU E 69 13.44 -57.24 -18.79
C LEU E 69 11.99 -57.60 -18.51
N PHE E 70 11.16 -57.72 -19.56
CA PHE E 70 9.73 -57.90 -19.41
C PHE E 70 9.24 -59.02 -20.31
N ASP E 71 8.06 -59.56 -19.98
CA ASP E 71 7.42 -60.57 -20.81
C ASP E 71 6.47 -59.88 -21.79
N PRO E 72 6.72 -59.95 -23.09
CA PRO E 72 5.82 -59.27 -24.04
C PRO E 72 4.40 -59.79 -24.02
N THR E 73 4.19 -61.08 -23.75
CA THR E 73 2.85 -61.65 -23.85
C THR E 73 1.95 -61.22 -22.70
N THR E 74 2.46 -61.24 -21.48
CA THR E 74 1.64 -61.05 -20.30
C THR E 74 1.81 -59.68 -19.64
N GLN E 75 2.39 -58.71 -20.34
CA GLN E 75 2.56 -57.37 -19.80
C GLN E 75 2.34 -56.33 -20.88
N ARG E 76 1.95 -55.14 -20.44
CA ARG E 76 1.80 -53.98 -21.30
C ARG E 76 2.47 -52.79 -20.65
N LEU E 77 2.69 -51.75 -21.45
CA LEU E 77 3.46 -50.59 -21.02
C LEU E 77 2.63 -49.32 -21.09
N VAL E 78 2.93 -48.36 -20.22
CA VAL E 78 2.22 -47.10 -20.17
C VAL E 78 3.15 -46.07 -19.54
N TRP E 79 3.00 -44.82 -19.97
CA TRP E 79 3.82 -43.73 -19.44
C TRP E 79 3.22 -43.20 -18.14
N ALA E 80 4.07 -42.57 -17.33
CA ALA E 80 3.62 -41.92 -16.11
C ALA E 80 4.32 -40.58 -15.98
N CYS E 81 3.55 -39.53 -15.72
CA CYS E 81 4.12 -38.19 -15.59
C CYS E 81 4.79 -38.02 -14.24
N THR E 82 6.03 -37.56 -14.25
CA THR E 82 6.82 -37.36 -13.04
C THR E 82 7.05 -35.90 -12.70
N GLY E 83 7.45 -35.07 -13.65
CA GLY E 83 7.67 -33.67 -13.33
C GLY E 83 7.51 -32.79 -14.56
N LEU E 84 7.29 -31.50 -14.31
CA LEU E 84 7.13 -30.57 -15.41
C LEU E 84 7.60 -29.19 -15.01
N GLU E 85 7.75 -28.34 -16.02
CA GLU E 85 8.05 -26.93 -15.84
C GLU E 85 7.49 -26.17 -17.04
N VAL E 86 6.89 -25.00 -16.76
CA VAL E 86 6.29 -24.19 -17.81
C VAL E 86 7.01 -22.86 -17.90
N GLY E 87 8.06 -22.79 -18.72
CA GLY E 87 8.80 -21.56 -18.87
C GLY E 87 8.02 -20.55 -19.69
N ARG E 88 8.09 -19.29 -19.26
CA ARG E 88 7.36 -18.20 -19.89
C ARG E 88 8.34 -17.10 -20.27
N GLY E 89 8.22 -16.61 -21.50
CA GLY E 89 9.03 -15.51 -21.97
C GLY E 89 8.32 -14.17 -21.80
N GLN E 90 8.89 -13.15 -22.44
CA GLN E 90 8.37 -11.79 -22.45
C GLN E 90 8.44 -11.14 -21.08
N PRO E 91 8.55 -9.82 -21.01
CA PRO E 91 8.63 -9.15 -19.72
C PRO E 91 7.29 -9.06 -19.01
N LEU E 92 7.36 -8.90 -17.69
CA LEU E 92 6.16 -8.76 -16.87
C LEU E 92 5.45 -7.45 -17.18
N GLY E 93 4.13 -7.47 -17.03
CA GLY E 93 3.35 -6.28 -17.33
C GLY E 93 1.88 -6.56 -17.12
N VAL E 94 1.06 -5.56 -17.42
CA VAL E 94 -0.39 -5.67 -17.31
C VAL E 94 -1.01 -5.14 -18.59
N GLY E 95 -2.20 -5.64 -18.90
CA GLY E 95 -2.90 -5.28 -20.12
C GLY E 95 -4.22 -4.57 -19.83
N VAL E 96 -4.50 -3.55 -20.61
CA VAL E 96 -5.71 -2.76 -20.47
C VAL E 96 -6.75 -3.29 -21.46
N SER E 97 -8.02 -3.22 -21.06
CA SER E 97 -9.12 -3.61 -21.92
C SER E 97 -10.29 -2.69 -21.65
N GLY E 98 -11.20 -2.60 -22.60
CA GLY E 98 -12.33 -1.72 -22.40
C GLY E 98 -13.33 -1.80 -23.54
N HIS E 99 -14.28 -0.88 -23.48
CA HIS E 99 -15.36 -0.80 -24.45
C HIS E 99 -15.51 0.65 -24.90
N PRO E 100 -15.53 0.91 -26.21
CA PRO E 100 -15.81 2.28 -26.68
C PRO E 100 -17.19 2.77 -26.32
N LEU E 101 -18.14 1.86 -26.06
CA LEU E 101 -19.51 2.22 -25.73
C LEU E 101 -19.96 1.26 -24.63
N LEU E 102 -19.77 1.66 -23.39
CA LEU E 102 -20.09 0.84 -22.23
C LEU E 102 -21.17 1.52 -21.41
N ASN E 103 -22.02 0.71 -20.79
CA ASN E 103 -23.19 1.21 -20.06
C ASN E 103 -22.76 1.64 -18.66
N LYS E 104 -22.26 2.87 -18.58
CA LYS E 104 -22.00 3.55 -17.33
C LYS E 104 -22.78 4.85 -17.35
N TYR E 105 -23.40 5.18 -16.22
CA TYR E 105 -24.19 6.40 -16.15
C TYR E 105 -23.59 7.42 -15.18
N ASP E 106 -23.37 7.04 -13.93
CA ASP E 106 -23.05 8.01 -12.90
C ASP E 106 -21.99 7.43 -11.97
N ASP E 107 -21.19 8.31 -11.39
CA ASP E 107 -20.16 7.94 -10.43
C ASP E 107 -20.69 8.13 -9.02
N VAL E 108 -20.93 7.02 -8.32
CA VAL E 108 -21.65 7.04 -7.05
C VAL E 108 -20.74 6.86 -5.86
N GLU E 109 -19.43 6.76 -6.05
CA GLU E 109 -18.52 6.62 -4.93
C GLU E 109 -18.56 7.85 -4.03
N ASN E 110 -18.61 9.03 -4.64
CA ASN E 110 -18.70 10.29 -3.91
C ASN E 110 -19.53 11.21 -4.79
N SER E 111 -20.80 11.36 -4.45
CA SER E 111 -21.78 12.02 -5.31
C SER E 111 -22.34 13.25 -4.62
N GLY E 112 -22.70 14.26 -5.43
CA GLY E 112 -23.39 15.43 -4.92
C GLY E 112 -24.55 15.88 -5.79
N GLY E 113 -25.75 15.86 -5.24
CA GLY E 113 -26.92 16.34 -5.94
C GLY E 113 -27.46 15.36 -6.96
N TYR E 114 -28.72 15.60 -7.36
CA TYR E 114 -29.35 14.87 -8.45
C TYR E 114 -29.28 15.70 -9.72
N GLY E 115 -28.37 15.32 -10.63
CA GLY E 115 -28.28 16.03 -11.90
C GLY E 115 -29.50 15.85 -12.79
N GLY E 116 -30.01 14.63 -12.87
CA GLY E 116 -31.17 14.37 -13.69
C GLY E 116 -31.33 12.89 -13.96
N ASN E 117 -32.20 12.58 -14.94
CA ASN E 117 -32.51 11.22 -15.34
C ASN E 117 -31.94 10.92 -16.73
N PRO E 118 -31.66 9.66 -17.03
CA PRO E 118 -31.01 9.33 -18.30
C PRO E 118 -31.91 9.57 -19.50
N GLY E 119 -31.28 9.97 -20.60
CA GLY E 119 -31.92 9.96 -21.90
C GLY E 119 -31.61 8.66 -22.61
N GLN E 120 -31.66 8.70 -23.94
CA GLN E 120 -31.31 7.54 -24.73
C GLN E 120 -29.81 7.58 -25.07
N ASP E 121 -29.18 6.40 -25.06
CA ASP E 121 -27.78 6.26 -25.47
C ASP E 121 -26.87 7.20 -24.68
N ASN E 122 -26.70 6.89 -23.40
CA ASN E 122 -25.73 7.57 -22.55
C ASN E 122 -24.64 6.55 -22.22
N ARG E 123 -23.68 6.41 -23.14
CA ARG E 123 -22.63 5.41 -23.03
C ARG E 123 -21.28 6.09 -23.26
N VAL E 124 -20.26 5.59 -22.59
CA VAL E 124 -18.96 6.27 -22.56
C VAL E 124 -17.84 5.27 -22.83
N ASN E 125 -16.71 5.82 -23.26
CA ASN E 125 -15.52 5.03 -23.57
C ASN E 125 -14.76 4.72 -22.29
N VAL E 126 -14.66 3.45 -21.93
CA VAL E 126 -14.09 3.06 -20.64
C VAL E 126 -13.02 2.01 -20.84
N GLY E 127 -11.90 2.18 -20.13
CA GLY E 127 -10.87 1.17 -20.06
C GLY E 127 -10.51 0.88 -18.62
N MET E 128 -9.91 -0.28 -18.41
CA MET E 128 -9.61 -0.77 -17.07
C MET E 128 -8.65 -1.94 -17.18
N ASP E 129 -8.24 -2.46 -16.02
CA ASP E 129 -7.46 -3.68 -15.95
C ASP E 129 -8.22 -4.70 -15.11
N TYR E 130 -7.97 -5.97 -15.40
CA TYR E 130 -8.78 -7.05 -14.86
C TYR E 130 -8.23 -7.54 -13.53
N LYS E 131 -8.89 -8.55 -12.98
CA LYS E 131 -8.42 -9.25 -11.79
C LYS E 131 -7.19 -10.07 -12.13
N GLN E 132 -6.25 -10.14 -11.19
CA GLN E 132 -5.00 -10.84 -11.42
C GLN E 132 -5.15 -12.32 -11.06
N THR E 133 -4.69 -13.20 -11.96
CA THR E 133 -4.87 -14.64 -11.81
C THR E 133 -3.66 -15.39 -12.37
N GLN E 134 -3.29 -16.46 -11.68
CA GLN E 134 -2.34 -17.46 -12.19
C GLN E 134 -2.92 -18.83 -11.87
N LEU E 135 -2.80 -19.76 -12.80
CA LEU E 135 -3.49 -21.04 -12.64
C LEU E 135 -2.86 -22.09 -13.53
N CYS E 136 -2.76 -23.31 -13.02
CA CYS E 136 -2.14 -24.41 -13.75
C CYS E 136 -2.76 -25.73 -13.33
N MET E 137 -3.43 -26.42 -14.25
CA MET E 137 -3.91 -27.78 -14.02
C MET E 137 -3.17 -28.75 -14.93
N VAL E 138 -2.98 -29.96 -14.42
CA VAL E 138 -2.42 -31.05 -15.21
C VAL E 138 -3.28 -32.29 -14.97
N GLY E 139 -3.75 -32.90 -16.06
CA GLY E 139 -4.57 -34.10 -15.97
C GLY E 139 -4.69 -34.79 -17.30
N CYS E 140 -5.21 -36.02 -17.26
CA CYS E 140 -5.34 -36.83 -18.47
C CYS E 140 -6.50 -36.39 -19.35
N ALA E 141 -7.57 -35.89 -18.75
CA ALA E 141 -8.72 -35.47 -19.52
C ALA E 141 -8.92 -33.96 -19.42
N PRO E 142 -9.54 -33.33 -20.40
CA PRO E 142 -9.71 -31.89 -20.38
C PRO E 142 -10.53 -31.46 -19.17
N PRO E 143 -10.20 -30.31 -18.57
CA PRO E 143 -10.86 -29.90 -17.33
C PRO E 143 -12.31 -29.49 -17.57
N LEU E 144 -13.12 -29.65 -16.53
CA LEU E 144 -14.50 -29.20 -16.55
C LEU E 144 -14.59 -27.78 -16.01
N GLY E 145 -15.44 -26.99 -16.64
CA GLY E 145 -15.66 -25.62 -16.21
C GLY E 145 -17.13 -25.33 -16.03
N GLU E 146 -17.44 -24.53 -15.03
CA GLU E 146 -18.81 -24.17 -14.69
C GLU E 146 -19.08 -22.73 -15.05
N HIS E 147 -20.28 -22.46 -15.55
CA HIS E 147 -20.74 -21.10 -15.76
C HIS E 147 -22.24 -21.07 -15.57
N TRP E 148 -22.82 -19.88 -15.69
CA TRP E 148 -24.25 -19.68 -15.47
C TRP E 148 -24.88 -19.29 -16.81
N GLY E 149 -25.90 -20.05 -17.22
CA GLY E 149 -26.51 -19.86 -18.51
C GLY E 149 -28.01 -19.65 -18.37
N LYS E 150 -28.63 -19.33 -19.51
CA LYS E 150 -30.07 -19.07 -19.53
C LYS E 150 -30.83 -20.37 -19.35
N GLY E 151 -31.82 -20.34 -18.45
CA GLY E 151 -32.54 -21.55 -18.14
C GLY E 151 -33.58 -21.92 -19.17
N THR E 152 -34.01 -23.17 -19.11
CA THR E 152 -35.11 -23.65 -19.93
C THR E 152 -36.37 -23.61 -19.08
N GLN E 153 -37.32 -22.77 -19.47
CA GLN E 153 -38.55 -22.59 -18.73
C GLN E 153 -39.49 -23.78 -18.97
N CYS E 154 -40.25 -24.15 -17.95
CA CYS E 154 -41.18 -25.25 -18.04
C CYS E 154 -42.50 -24.79 -18.65
N SER E 155 -43.43 -25.74 -18.82
CA SER E 155 -44.73 -25.44 -19.41
C SER E 155 -45.60 -24.71 -18.38
N ASN E 156 -45.94 -23.47 -18.68
CA ASN E 156 -46.75 -22.64 -17.80
C ASN E 156 -47.28 -21.47 -18.64
N THR E 157 -47.80 -20.44 -17.96
CA THR E 157 -48.22 -19.24 -18.66
C THR E 157 -47.06 -18.65 -19.44
N SER E 158 -47.34 -18.19 -20.66
CA SER E 158 -46.30 -17.63 -21.50
C SER E 158 -45.65 -16.44 -20.79
N VAL E 159 -44.32 -16.41 -20.82
CA VAL E 159 -43.57 -15.37 -20.14
C VAL E 159 -43.62 -14.09 -20.96
N GLN E 160 -43.97 -12.99 -20.30
CA GLN E 160 -43.94 -11.69 -20.97
C GLN E 160 -42.50 -11.33 -21.32
N ASN E 161 -42.33 -10.68 -22.47
CA ASN E 161 -40.99 -10.30 -22.89
C ASN E 161 -40.41 -9.26 -21.94
N GLY E 162 -39.21 -9.53 -21.45
CA GLY E 162 -38.55 -8.61 -20.56
C GLY E 162 -38.46 -9.03 -19.11
N ASP E 163 -38.87 -10.25 -18.76
CA ASP E 163 -38.74 -10.70 -17.39
C ASP E 163 -37.34 -11.28 -17.14
N CYS E 164 -37.08 -11.63 -15.89
CA CYS E 164 -35.77 -12.17 -15.54
C CYS E 164 -35.61 -13.56 -16.12
N PRO E 165 -34.62 -13.80 -16.98
CA PRO E 165 -34.42 -15.14 -17.52
C PRO E 165 -34.01 -16.09 -16.42
N PRO E 166 -34.56 -17.31 -16.41
CA PRO E 166 -34.16 -18.29 -15.40
C PRO E 166 -32.69 -18.67 -15.56
N LEU E 167 -32.05 -18.97 -14.43
CA LEU E 167 -30.62 -19.24 -14.40
C LEU E 167 -30.35 -20.71 -14.17
N GLU E 168 -29.36 -21.24 -14.87
CA GLU E 168 -28.91 -22.62 -14.70
C GLU E 168 -27.40 -22.63 -14.53
N LEU E 169 -26.89 -23.64 -13.85
CA LEU E 169 -25.45 -23.83 -13.70
C LEU E 169 -25.03 -24.93 -14.66
N ILE E 170 -24.28 -24.55 -15.69
CA ILE E 170 -23.90 -25.45 -16.78
C ILE E 170 -22.44 -25.84 -16.61
N THR E 171 -22.18 -27.14 -16.66
CA THR E 171 -20.83 -27.70 -16.67
C THR E 171 -20.48 -28.17 -18.07
N SER E 172 -19.31 -27.76 -18.54
CA SER E 172 -18.86 -28.08 -19.89
C SER E 172 -17.37 -28.34 -19.84
N VAL E 173 -16.75 -28.49 -21.01
CA VAL E 173 -15.33 -28.80 -21.12
C VAL E 173 -14.59 -27.54 -21.52
N ILE E 174 -13.48 -27.27 -20.83
CA ILE E 174 -12.62 -26.14 -21.17
C ILE E 174 -11.85 -26.46 -22.44
N GLN E 175 -11.97 -25.58 -23.44
CA GLN E 175 -11.27 -25.74 -24.70
C GLN E 175 -10.35 -24.54 -24.93
N ASP E 176 -9.40 -24.73 -25.84
CA ASP E 176 -8.43 -23.68 -26.14
C ASP E 176 -9.13 -22.41 -26.59
N GLY E 177 -8.66 -21.27 -26.10
CA GLY E 177 -9.21 -20.01 -26.51
C GLY E 177 -10.40 -19.51 -25.72
N ASP E 178 -10.84 -20.26 -24.71
CA ASP E 178 -11.89 -19.76 -23.84
C ASP E 178 -11.39 -18.54 -23.06
N MET E 179 -12.29 -17.93 -22.30
CA MET E 179 -11.94 -16.76 -21.52
C MET E 179 -12.16 -17.04 -20.04
N VAL E 180 -11.40 -16.37 -19.20
CA VAL E 180 -11.45 -16.55 -17.76
C VAL E 180 -12.37 -15.50 -17.16
N ASP E 181 -12.98 -15.82 -16.02
CA ASP E 181 -13.71 -14.83 -15.24
C ASP E 181 -12.77 -13.73 -14.79
N THR E 182 -13.21 -12.48 -14.93
CA THR E 182 -12.34 -11.33 -14.75
C THR E 182 -12.86 -10.35 -13.71
N GLY E 183 -13.65 -10.80 -12.76
CA GLY E 183 -14.19 -9.94 -11.74
C GLY E 183 -15.58 -9.42 -12.02
N PHE E 184 -16.14 -9.70 -13.19
CA PHE E 184 -17.53 -9.35 -13.48
C PHE E 184 -18.50 -10.52 -13.28
N GLY E 185 -18.01 -11.75 -13.29
CA GLY E 185 -18.86 -12.89 -13.08
C GLY E 185 -18.62 -14.00 -14.10
N ALA E 186 -18.80 -15.25 -13.69
CA ALA E 186 -18.65 -16.39 -14.57
C ALA E 186 -20.03 -16.73 -15.13
N MET E 187 -20.29 -16.32 -16.37
CA MET E 187 -21.61 -16.45 -16.94
C MET E 187 -21.53 -16.31 -18.44
N ASN E 188 -22.66 -16.63 -19.10
CA ASN E 188 -22.81 -16.55 -20.55
C ASN E 188 -23.22 -15.12 -20.89
N PHE E 189 -22.22 -14.28 -21.18
CA PHE E 189 -22.49 -12.87 -21.47
C PHE E 189 -23.18 -12.67 -22.81
N ALA E 190 -23.20 -13.69 -23.66
CA ALA E 190 -23.88 -13.55 -24.95
C ALA E 190 -25.39 -13.59 -24.80
N ASP E 191 -25.91 -14.47 -23.95
CA ASP E 191 -27.34 -14.70 -23.80
C ASP E 191 -27.97 -13.88 -22.68
N LEU E 192 -27.30 -13.75 -21.54
CA LEU E 192 -27.88 -13.08 -20.38
C LEU E 192 -27.81 -11.57 -20.46
N GLN E 193 -27.13 -11.00 -21.45
CA GLN E 193 -27.09 -9.56 -21.66
C GLN E 193 -27.24 -9.29 -23.15
N THR E 194 -28.24 -8.49 -23.51
CA THR E 194 -28.65 -8.36 -24.90
C THR E 194 -28.27 -7.04 -25.55
N ASN E 195 -28.02 -5.99 -24.77
CA ASN E 195 -27.57 -4.73 -25.37
C ASN E 195 -26.12 -4.79 -25.79
N LYS E 196 -25.37 -5.79 -25.34
CA LYS E 196 -23.98 -6.00 -25.73
C LYS E 196 -23.08 -4.84 -25.35
N SER E 197 -23.41 -4.13 -24.28
CA SER E 197 -22.65 -2.96 -23.86
C SER E 197 -22.50 -2.89 -22.34
N ASP E 198 -22.45 -4.05 -21.67
CA ASP E 198 -22.36 -4.07 -20.22
C ASP E 198 -20.98 -4.46 -19.70
N VAL E 199 -20.15 -5.10 -20.52
CA VAL E 199 -18.82 -5.52 -20.10
C VAL E 199 -17.84 -5.20 -21.22
N PRO E 200 -16.53 -5.19 -20.91
CA PRO E 200 -15.52 -4.89 -21.93
C PRO E 200 -15.62 -5.72 -23.21
N LEU E 201 -14.88 -5.28 -24.23
CA LEU E 201 -15.02 -5.79 -25.58
C LEU E 201 -14.51 -7.21 -25.75
N ASP E 202 -13.65 -7.68 -24.84
CA ASP E 202 -13.18 -9.05 -24.92
C ASP E 202 -14.32 -10.05 -24.71
N ILE E 203 -15.18 -9.78 -23.74
CA ILE E 203 -16.12 -10.76 -23.23
C ILE E 203 -17.57 -10.37 -23.50
N CYS E 204 -17.81 -9.32 -24.29
CA CYS E 204 -19.20 -8.94 -24.52
C CYS E 204 -19.93 -9.92 -25.43
N GLY E 205 -19.22 -10.87 -26.03
CA GLY E 205 -19.85 -11.86 -26.88
C GLY E 205 -19.34 -13.27 -26.68
N THR E 206 -18.98 -13.62 -25.45
CA THR E 206 -18.36 -14.90 -25.16
C THR E 206 -18.74 -15.30 -23.74
N VAL E 207 -18.62 -16.60 -23.45
CA VAL E 207 -18.86 -17.14 -22.12
C VAL E 207 -17.56 -17.09 -21.33
N CYS E 208 -17.67 -16.84 -20.03
CA CYS E 208 -16.54 -16.94 -19.12
C CYS E 208 -16.71 -18.17 -18.23
N LYS E 209 -15.61 -18.89 -17.99
CA LYS E 209 -15.67 -20.14 -17.26
C LYS E 209 -14.79 -20.08 -16.03
N TYR E 210 -15.10 -20.94 -15.06
CA TYR E 210 -14.35 -21.11 -13.84
C TYR E 210 -14.17 -22.60 -13.57
N PRO E 211 -12.98 -23.03 -13.19
CA PRO E 211 -12.75 -24.47 -12.98
C PRO E 211 -13.66 -25.04 -11.92
N ASP E 212 -14.13 -26.27 -12.15
CA ASP E 212 -15.13 -26.90 -11.29
C ASP E 212 -14.38 -27.82 -10.33
N TYR E 213 -13.76 -27.20 -9.31
CA TYR E 213 -12.89 -27.96 -8.41
C TYR E 213 -13.68 -28.97 -7.59
N LEU E 214 -14.91 -28.63 -7.20
CA LEU E 214 -15.69 -29.53 -6.37
C LEU E 214 -16.08 -30.80 -7.12
N GLN E 215 -16.60 -30.65 -8.34
CA GLN E 215 -17.00 -31.82 -9.11
C GLN E 215 -15.78 -32.60 -9.61
N MET E 216 -14.76 -31.90 -10.10
CA MET E 216 -13.54 -32.57 -10.52
C MET E 216 -12.81 -33.22 -9.36
N ALA E 217 -13.13 -32.84 -8.12
CA ALA E 217 -12.54 -33.49 -6.96
C ALA E 217 -13.38 -34.67 -6.49
N ALA E 218 -14.70 -34.61 -6.69
CA ALA E 218 -15.57 -35.69 -6.27
C ALA E 218 -15.68 -36.81 -7.29
N ASP E 219 -14.85 -36.80 -8.33
CA ASP E 219 -14.91 -37.84 -9.35
C ASP E 219 -14.45 -39.16 -8.77
N PRO E 220 -14.93 -40.29 -9.30
CA PRO E 220 -14.49 -41.59 -8.78
C PRO E 220 -13.07 -41.96 -9.19
N TYR E 221 -12.70 -41.74 -10.45
CA TYR E 221 -11.38 -42.12 -10.92
C TYR E 221 -10.38 -40.97 -10.85
N GLY E 222 -10.84 -39.74 -11.04
CA GLY E 222 -9.97 -38.59 -10.91
C GLY E 222 -9.09 -38.32 -12.11
N ASP E 223 -9.53 -38.69 -13.31
CA ASP E 223 -8.71 -38.46 -14.49
C ASP E 223 -8.66 -36.98 -14.88
N ARG E 224 -9.55 -36.17 -14.31
CA ARG E 224 -9.69 -34.80 -14.80
C ARG E 224 -8.51 -33.93 -14.43
N LEU E 225 -8.02 -34.03 -13.19
CA LEU E 225 -6.86 -33.25 -12.79
C LEU E 225 -5.92 -34.10 -11.94
N PHE E 226 -4.67 -34.21 -12.36
CA PHE E 226 -3.65 -34.77 -11.48
C PHE E 226 -3.29 -33.78 -10.40
N PHE E 227 -3.13 -32.50 -10.76
CA PHE E 227 -2.85 -31.50 -9.75
C PHE E 227 -3.16 -30.12 -10.31
N TYR E 228 -3.21 -29.13 -9.41
CA TYR E 228 -3.52 -27.76 -9.79
C TYR E 228 -2.93 -26.78 -8.79
N LEU E 229 -2.58 -25.60 -9.30
CA LEU E 229 -2.13 -24.47 -8.51
C LEU E 229 -2.90 -23.22 -8.94
N ARG E 230 -3.18 -22.35 -7.97
CA ARG E 230 -3.96 -21.15 -8.24
C ARG E 230 -3.52 -20.01 -7.34
N LYS E 231 -3.57 -18.79 -7.88
CA LYS E 231 -3.24 -17.58 -7.13
C LYS E 231 -3.97 -16.41 -7.77
N GLU E 232 -4.99 -15.87 -7.12
CA GLU E 232 -5.72 -14.75 -7.69
C GLU E 232 -5.97 -13.67 -6.65
N GLN E 233 -6.02 -12.42 -7.12
CA GLN E 233 -6.20 -11.27 -6.25
C GLN E 233 -6.85 -10.13 -7.02
N MET E 234 -7.41 -9.20 -6.27
CA MET E 234 -8.40 -8.25 -6.79
C MET E 234 -8.73 -7.20 -5.74
N PHE E 235 -9.13 -6.01 -6.19
CA PHE E 235 -9.85 -5.06 -5.36
C PHE E 235 -10.69 -4.18 -6.25
N ALA E 236 -11.54 -3.36 -5.64
CA ALA E 236 -12.50 -2.54 -6.36
C ALA E 236 -11.98 -1.11 -6.44
N ARG E 237 -11.84 -0.58 -7.66
CA ARG E 237 -11.23 0.73 -7.83
C ARG E 237 -12.24 1.85 -8.07
N HIS E 238 -13.36 1.56 -8.72
CA HIS E 238 -14.36 2.58 -9.04
C HIS E 238 -15.75 1.99 -8.90
N PHE E 239 -16.66 2.80 -8.36
CA PHE E 239 -18.06 2.42 -8.20
C PHE E 239 -18.90 3.32 -9.10
N PHE E 240 -19.70 2.71 -9.98
CA PHE E 240 -20.55 3.48 -10.86
C PHE E 240 -21.93 2.81 -10.91
N ASN E 241 -22.73 3.24 -11.88
CA ASN E 241 -24.15 2.94 -11.92
C ASN E 241 -24.58 2.73 -13.37
N ARG E 242 -25.55 1.84 -13.58
CA ARG E 242 -26.01 1.53 -14.92
C ARG E 242 -27.22 2.39 -15.28
N ALA E 243 -27.57 2.39 -16.57
CA ALA E 243 -28.70 3.14 -17.08
C ALA E 243 -29.66 2.21 -17.82
N GLY E 244 -30.93 2.61 -17.85
CA GLY E 244 -31.97 1.80 -18.45
C GLY E 244 -33.24 1.85 -17.63
N THR E 245 -33.95 0.73 -17.51
CA THR E 245 -35.05 0.60 -16.58
C THR E 245 -34.70 -0.43 -15.51
N VAL E 246 -35.49 -0.44 -14.45
CA VAL E 246 -35.30 -1.37 -13.34
C VAL E 246 -36.46 -2.37 -13.34
N GLY E 247 -36.12 -3.66 -13.33
CA GLY E 247 -37.15 -4.68 -13.40
C GLY E 247 -38.07 -4.67 -12.19
N GLU E 248 -37.49 -4.62 -10.99
CA GLU E 248 -38.27 -4.56 -9.75
C GLU E 248 -37.80 -3.41 -8.89
N PRO E 249 -38.65 -2.42 -8.61
CA PRO E 249 -38.23 -1.25 -7.85
C PRO E 249 -38.12 -1.54 -6.36
N VAL E 250 -37.56 -0.58 -5.65
CA VAL E 250 -37.32 -0.74 -4.20
C VAL E 250 -38.66 -0.77 -3.48
N PRO E 251 -38.85 -1.66 -2.49
CA PRO E 251 -40.13 -1.70 -1.76
C PRO E 251 -40.38 -0.41 -1.01
N ASP E 252 -41.66 -0.09 -0.83
CA ASP E 252 -42.03 1.16 -0.20
C ASP E 252 -41.69 1.20 1.28
N ASP E 253 -41.53 0.03 1.92
CA ASP E 253 -41.26 0.03 3.35
C ASP E 253 -39.80 0.37 3.65
N LEU E 254 -38.92 0.27 2.65
CA LEU E 254 -37.50 0.48 2.87
C LEU E 254 -37.06 1.92 2.71
N LEU E 255 -37.93 2.81 2.23
CA LEU E 255 -37.53 4.19 1.99
C LEU E 255 -38.65 5.13 2.39
N VAL E 256 -38.27 6.35 2.75
CA VAL E 256 -39.20 7.44 3.01
C VAL E 256 -39.23 8.29 1.75
N LYS E 257 -40.37 8.30 1.06
CA LYS E 257 -40.45 8.96 -0.23
C LYS E 257 -40.18 10.45 -0.09
N GLY E 258 -39.31 10.97 -0.93
CA GLY E 258 -38.98 12.37 -0.93
C GLY E 258 -40.00 13.18 -1.69
N GLY E 259 -39.69 14.47 -1.85
CA GLY E 259 -40.54 15.38 -2.58
C GLY E 259 -39.72 16.26 -3.51
N ASN E 260 -40.43 17.01 -4.35
CA ASN E 260 -39.84 17.95 -5.31
C ASN E 260 -38.96 17.15 -6.26
N ASN E 261 -37.74 17.61 -6.57
CA ASN E 261 -36.91 16.91 -7.54
C ASN E 261 -36.53 15.52 -7.06
N ARG E 262 -36.57 15.27 -5.75
CA ARG E 262 -36.29 13.96 -5.19
C ARG E 262 -37.46 13.00 -5.32
N SER E 263 -38.49 13.36 -6.10
CA SER E 263 -39.63 12.46 -6.29
C SER E 263 -39.20 11.17 -6.98
N SER E 264 -38.32 11.28 -7.97
CA SER E 264 -37.83 10.10 -8.68
C SER E 264 -36.69 9.45 -7.93
N VAL E 265 -36.70 8.12 -7.91
CA VAL E 265 -35.67 7.35 -7.25
C VAL E 265 -34.63 6.93 -8.28
N ALA E 266 -33.36 7.25 -8.02
CA ALA E 266 -32.31 6.95 -8.97
C ALA E 266 -32.05 5.45 -9.04
N SER E 267 -31.29 5.05 -10.06
CA SER E 267 -31.06 3.63 -10.31
C SER E 267 -30.24 3.00 -9.19
N SER E 268 -30.68 1.84 -8.74
CA SER E 268 -30.05 1.12 -7.63
C SER E 268 -29.39 -0.17 -8.09
N ILE E 269 -28.82 -0.17 -9.28
CA ILE E 269 -28.11 -1.33 -9.83
C ILE E 269 -26.64 -0.94 -9.89
N TYR E 270 -25.90 -1.29 -8.84
CA TYR E 270 -24.56 -0.77 -8.61
C TYR E 270 -23.50 -1.75 -9.09
N VAL E 271 -22.49 -1.23 -9.77
CA VAL E 271 -21.41 -2.01 -10.35
C VAL E 271 -20.09 -1.38 -9.94
N HIS E 272 -19.05 -2.21 -9.86
CA HIS E 272 -17.70 -1.73 -9.55
C HIS E 272 -16.75 -2.03 -10.72
N THR E 273 -15.47 -1.79 -10.49
CA THR E 273 -14.44 -1.95 -11.51
C THR E 273 -13.23 -2.67 -10.92
N PRO E 274 -12.88 -3.85 -11.42
CA PRO E 274 -11.82 -4.63 -10.78
C PRO E 274 -10.44 -4.06 -11.01
N SER E 275 -9.49 -4.48 -10.17
CA SER E 275 -8.09 -4.16 -10.38
C SER E 275 -7.24 -5.19 -9.66
N GLY E 276 -6.06 -5.46 -10.22
CA GLY E 276 -5.06 -6.26 -9.56
C GLY E 276 -3.94 -5.36 -9.08
N SER E 277 -3.68 -5.40 -7.78
CA SER E 277 -2.89 -4.35 -7.15
C SER E 277 -1.47 -4.26 -7.70
N LEU E 278 -0.64 -5.28 -7.49
CA LEU E 278 0.77 -5.19 -7.79
C LEU E 278 1.22 -6.47 -8.49
N VAL E 279 2.24 -6.33 -9.34
CA VAL E 279 2.86 -7.46 -10.01
C VAL E 279 4.31 -7.54 -9.53
N SER E 280 4.78 -8.77 -9.27
CA SER E 280 6.11 -8.94 -8.72
C SER E 280 6.71 -10.24 -9.24
N SER E 281 8.03 -10.37 -9.07
CA SER E 281 8.71 -11.62 -9.36
C SER E 281 8.65 -12.62 -8.21
N GLU E 282 8.26 -12.18 -7.02
CA GLU E 282 8.19 -13.05 -5.86
C GLU E 282 6.86 -13.78 -5.75
N ALA E 283 5.91 -13.50 -6.65
CA ALA E 283 4.59 -14.12 -6.61
C ALA E 283 4.30 -14.97 -7.84
N GLN E 284 5.31 -15.33 -8.62
CA GLN E 284 5.08 -16.15 -9.81
C GLN E 284 5.00 -17.62 -9.44
N LEU E 285 4.29 -18.38 -10.28
CA LEU E 285 4.19 -19.82 -10.13
C LEU E 285 4.97 -20.58 -11.18
N PHE E 286 5.39 -19.91 -12.25
CA PHE E 286 6.03 -20.56 -13.38
C PHE E 286 7.55 -20.43 -13.27
N ASN E 287 8.24 -21.03 -14.24
CA ASN E 287 9.70 -21.06 -14.27
C ASN E 287 10.29 -21.75 -13.05
N LYS E 288 9.52 -22.62 -12.39
CA LYS E 288 9.99 -23.41 -11.27
C LYS E 288 9.54 -24.86 -11.48
N PRO E 289 10.46 -25.82 -11.41
CA PRO E 289 10.05 -27.23 -11.58
C PRO E 289 9.08 -27.65 -10.49
N TYR E 290 8.14 -28.52 -10.87
CA TYR E 290 7.18 -29.12 -9.96
C TYR E 290 7.31 -30.62 -10.03
N TRP E 291 7.42 -31.27 -8.87
CA TRP E 291 7.52 -32.71 -8.80
C TRP E 291 6.18 -33.30 -8.34
N LEU E 292 5.79 -34.40 -8.98
CA LEU E 292 4.53 -35.08 -8.67
C LEU E 292 4.84 -36.23 -7.72
N GLN E 293 4.75 -35.98 -6.42
CA GLN E 293 4.99 -37.03 -5.44
C GLN E 293 3.75 -37.87 -5.21
N LYS E 294 2.68 -37.25 -4.73
CA LYS E 294 1.42 -37.93 -4.45
C LYS E 294 0.28 -37.13 -5.06
N ALA E 295 -0.76 -37.83 -5.50
CA ALA E 295 -1.91 -37.21 -6.14
C ALA E 295 -3.13 -37.36 -5.25
N GLN E 296 -4.01 -36.35 -5.31
CA GLN E 296 -5.19 -36.36 -4.46
C GLN E 296 -6.16 -37.47 -4.85
N GLY E 297 -6.31 -37.73 -6.14
CA GLY E 297 -7.21 -38.78 -6.60
C GLY E 297 -6.57 -40.15 -6.55
N HIS E 298 -7.28 -41.12 -7.13
CA HIS E 298 -6.76 -42.48 -7.19
C HIS E 298 -5.67 -42.62 -8.24
N ASN E 299 -5.86 -42.01 -9.41
CA ASN E 299 -4.84 -42.02 -10.44
C ASN E 299 -3.62 -41.22 -9.97
N ASN E 300 -2.47 -41.87 -9.94
CA ASN E 300 -1.26 -41.30 -9.36
C ASN E 300 -0.26 -40.89 -10.42
N GLY E 301 -0.74 -40.35 -11.53
CA GLY E 301 0.12 -39.87 -12.60
C GLY E 301 0.12 -40.72 -13.85
N ILE E 302 -0.68 -41.78 -13.92
CA ILE E 302 -0.69 -42.65 -15.07
C ILE E 302 -1.31 -41.91 -16.25
N CYS E 303 -0.67 -42.00 -17.42
CA CYS E 303 -1.14 -41.34 -18.63
C CYS E 303 -1.78 -42.40 -19.52
N TRP E 304 -3.10 -42.55 -19.41
CA TRP E 304 -3.82 -43.56 -20.18
C TRP E 304 -4.05 -43.08 -21.60
N GLY E 305 -3.73 -43.94 -22.56
CA GLY E 305 -3.98 -43.64 -23.95
C GLY E 305 -2.95 -42.77 -24.64
N ASN E 306 -1.79 -42.55 -24.02
CA ASN E 306 -0.73 -41.72 -24.59
C ASN E 306 -1.22 -40.29 -24.81
N HIS E 307 -1.79 -39.72 -23.76
CA HIS E 307 -2.39 -38.40 -23.80
C HIS E 307 -2.00 -37.62 -22.54
N LEU E 308 -1.93 -36.31 -22.69
CA LEU E 308 -1.86 -35.42 -21.54
C LEU E 308 -2.62 -34.15 -21.86
N PHE E 309 -3.05 -33.45 -20.81
CA PHE E 309 -3.73 -32.17 -20.96
C PHE E 309 -3.18 -31.23 -19.92
N VAL E 310 -2.63 -30.11 -20.38
CA VAL E 310 -2.05 -29.09 -19.53
C VAL E 310 -2.83 -27.80 -19.74
N THR E 311 -3.40 -27.25 -18.69
CA THR E 311 -4.18 -26.01 -18.76
C THR E 311 -3.45 -24.92 -18.01
N VAL E 312 -3.24 -23.79 -18.68
CA VAL E 312 -2.45 -22.68 -18.12
C VAL E 312 -3.22 -21.39 -18.28
N VAL E 313 -3.23 -20.58 -17.23
CA VAL E 313 -3.70 -19.20 -17.26
C VAL E 313 -2.66 -18.36 -16.56
N ASP E 314 -2.19 -17.29 -17.21
CA ASP E 314 -1.19 -16.39 -16.64
C ASP E 314 -1.45 -15.00 -17.16
N THR E 315 -1.98 -14.13 -16.31
CA THR E 315 -2.31 -12.77 -16.69
C THR E 315 -1.22 -11.77 -16.27
N THR E 316 -0.13 -12.24 -15.68
CA THR E 316 0.92 -11.35 -15.20
C THR E 316 1.87 -10.90 -16.29
N ARG E 317 1.79 -11.50 -17.48
CA ARG E 317 2.54 -11.05 -18.65
C ARG E 317 1.53 -10.85 -19.77
N SER E 318 0.93 -9.67 -19.82
CA SER E 318 -0.11 -9.40 -20.79
C SER E 318 0.01 -7.99 -21.35
N THR E 319 1.23 -7.59 -21.70
CA THR E 319 1.45 -6.26 -22.28
C THR E 319 0.97 -6.27 -23.72
N ASN E 320 0.00 -5.41 -24.04
CA ASN E 320 -0.48 -5.27 -25.41
C ASN E 320 0.39 -4.25 -26.15
N MET E 321 1.21 -4.74 -27.07
CA MET E 321 2.10 -3.85 -27.82
C MET E 321 1.32 -3.06 -28.86
N THR E 322 1.75 -1.82 -29.06
CA THR E 322 1.12 -0.92 -30.01
C THR E 322 2.09 -0.62 -31.15
N LEU E 323 1.58 -0.62 -32.37
CA LEU E 323 2.38 -0.41 -33.57
C LEU E 323 1.80 0.75 -34.37
N CYS E 324 2.67 1.48 -35.04
CA CYS E 324 2.26 2.61 -35.86
C CYS E 324 2.92 2.52 -37.22
N ALA E 325 2.12 2.73 -38.27
CA ALA E 325 2.61 2.71 -39.64
C ALA E 325 2.24 4.02 -40.33
N SER E 326 3.00 4.39 -41.35
CA SER E 326 2.88 5.69 -41.98
C SER E 326 2.39 5.53 -43.41
N VAL E 327 1.32 6.24 -43.75
CA VAL E 327 0.80 6.20 -45.12
C VAL E 327 1.33 7.37 -45.94
N SER E 328 1.55 8.52 -45.31
CA SER E 328 2.08 9.69 -46.00
C SER E 328 2.98 10.45 -45.05
N LYS E 329 3.63 11.49 -45.58
CA LYS E 329 4.50 12.36 -44.79
C LYS E 329 4.04 13.79 -44.96
N SER E 330 3.88 14.50 -43.84
CA SER E 330 3.38 15.87 -43.83
C SER E 330 4.34 16.74 -43.03
N ALA E 331 4.15 18.05 -43.11
CA ALA E 331 5.09 18.98 -42.47
C ALA E 331 4.97 18.94 -40.95
N THR E 332 3.74 18.93 -40.41
CA THR E 332 3.52 19.27 -39.01
C THR E 332 2.58 18.26 -38.32
N TYR E 333 2.87 16.97 -38.48
CA TYR E 333 2.22 15.92 -37.68
C TYR E 333 0.70 15.95 -37.85
N THR E 334 0.24 15.54 -39.03
CA THR E 334 -1.19 15.59 -39.31
C THR E 334 -1.97 14.56 -38.48
N ASN E 335 -1.36 13.42 -38.19
CA ASN E 335 -1.88 12.24 -37.48
C ASN E 335 -2.95 11.50 -38.28
N SER E 336 -3.34 12.04 -39.44
CA SER E 336 -4.05 11.20 -40.41
C SER E 336 -3.06 10.40 -41.23
N ASP E 337 -1.77 10.67 -41.05
CA ASP E 337 -0.74 9.91 -41.73
C ASP E 337 -0.49 8.56 -41.06
N TYR E 338 -0.94 8.41 -39.82
CA TYR E 338 -0.52 7.28 -39.00
C TYR E 338 -1.68 6.31 -38.78
N LYS E 339 -1.43 5.03 -39.03
CA LYS E 339 -2.37 3.97 -38.70
C LYS E 339 -1.86 3.19 -37.49
N GLU E 340 -2.73 2.98 -36.51
CA GLU E 340 -2.36 2.34 -35.25
C GLU E 340 -2.92 0.93 -35.21
N TYR E 341 -2.08 -0.03 -34.85
CA TYR E 341 -2.46 -1.41 -34.69
C TYR E 341 -2.07 -1.88 -33.29
N MET E 342 -2.67 -2.98 -32.87
CA MET E 342 -2.43 -3.55 -31.55
C MET E 342 -2.16 -5.04 -31.69
N ARG E 343 -1.15 -5.53 -30.98
CA ARG E 343 -0.80 -6.94 -31.05
C ARG E 343 -0.44 -7.46 -29.67
N HIS E 344 -0.64 -8.75 -29.47
CA HIS E 344 -0.23 -9.44 -28.26
C HIS E 344 0.45 -10.74 -28.64
N VAL E 345 1.47 -11.11 -27.87
CA VAL E 345 2.32 -12.26 -28.14
C VAL E 345 2.42 -13.11 -26.88
N GLU E 346 2.37 -14.43 -27.05
CA GLU E 346 2.64 -15.36 -25.96
C GLU E 346 3.83 -16.22 -26.36
N GLU E 347 4.77 -16.38 -25.43
CA GLU E 347 5.93 -17.24 -25.58
C GLU E 347 5.89 -18.31 -24.50
N PHE E 348 6.01 -19.57 -24.90
CA PHE E 348 5.92 -20.71 -24.00
C PHE E 348 7.09 -21.65 -24.21
N ASP E 349 7.36 -22.45 -23.18
CA ASP E 349 8.30 -23.56 -23.31
C ASP E 349 7.91 -24.61 -22.27
N LEU E 350 7.32 -25.72 -22.73
CA LEU E 350 6.90 -26.78 -21.83
C LEU E 350 7.98 -27.85 -21.76
N GLN E 351 8.32 -28.26 -20.54
CA GLN E 351 9.31 -29.31 -20.34
C GLN E 351 8.76 -30.35 -19.38
N PHE E 352 8.95 -31.62 -19.70
CA PHE E 352 8.41 -32.72 -18.91
C PHE E 352 9.48 -33.78 -18.70
N ILE E 353 9.40 -34.47 -17.57
CA ILE E 353 10.04 -35.77 -17.37
C ILE E 353 8.98 -36.80 -17.06
N PHE E 354 8.98 -37.88 -17.84
CA PHE E 354 8.06 -39.00 -17.75
C PHE E 354 8.78 -40.24 -17.28
N GLN E 355 7.98 -41.24 -16.89
CA GLN E 355 8.46 -42.53 -16.44
C GLN E 355 7.65 -43.63 -17.12
N LEU E 356 8.28 -44.79 -17.28
CA LEU E 356 7.64 -45.94 -17.92
C LEU E 356 7.12 -46.92 -16.88
N CYS E 357 5.96 -47.51 -17.16
CA CYS E 357 5.29 -48.40 -16.23
C CYS E 357 4.85 -49.67 -16.94
N SER E 358 4.72 -50.75 -16.18
CA SER E 358 4.32 -52.06 -16.71
C SER E 358 3.15 -52.61 -15.93
N ILE E 359 2.19 -53.19 -16.64
CA ILE E 359 0.95 -53.69 -16.07
C ILE E 359 0.75 -55.14 -16.48
N THR E 360 0.42 -56.00 -15.53
CA THR E 360 0.10 -57.39 -15.82
C THR E 360 -1.40 -57.52 -16.07
N LEU E 361 -1.77 -57.90 -17.29
CA LEU E 361 -3.17 -57.94 -17.70
C LEU E 361 -3.76 -59.31 -17.34
N SER E 362 -3.96 -59.53 -16.05
CA SER E 362 -4.60 -60.73 -15.57
C SER E 362 -6.12 -60.54 -15.58
N ALA E 363 -6.86 -61.58 -15.15
CA ALA E 363 -8.30 -61.61 -15.35
C ALA E 363 -9.02 -60.50 -14.58
N GLU E 364 -8.76 -60.39 -13.27
CA GLU E 364 -9.41 -59.36 -12.48
C GLU E 364 -8.98 -57.97 -12.93
N VAL E 365 -7.68 -57.81 -13.22
CA VAL E 365 -7.16 -56.53 -13.71
C VAL E 365 -7.81 -56.18 -15.05
N MET E 366 -7.94 -57.16 -15.93
CA MET E 366 -8.56 -56.91 -17.23
C MET E 366 -10.01 -56.51 -17.08
N ALA E 367 -10.75 -57.17 -16.18
CA ALA E 367 -12.14 -56.83 -15.97
C ALA E 367 -12.28 -55.40 -15.43
N TYR E 368 -11.46 -55.05 -14.43
CA TYR E 368 -11.52 -53.71 -13.88
C TYR E 368 -11.18 -52.66 -14.94
N ILE E 369 -10.12 -52.89 -15.71
CA ILE E 369 -9.73 -51.93 -16.73
C ILE E 369 -10.78 -51.81 -17.83
N HIS E 370 -11.45 -52.90 -18.20
CA HIS E 370 -12.55 -52.80 -19.14
C HIS E 370 -13.70 -51.99 -18.57
N THR E 371 -13.98 -52.12 -17.27
CA THR E 371 -15.07 -51.35 -16.68
C THR E 371 -14.78 -49.85 -16.72
N MET E 372 -13.55 -49.44 -16.39
CA MET E 372 -13.25 -48.01 -16.31
C MET E 372 -13.10 -47.39 -17.70
N ASN E 373 -12.43 -48.09 -18.63
CA ASN E 373 -12.19 -47.54 -19.96
C ASN E 373 -11.96 -48.65 -20.98
N PRO E 374 -12.98 -49.03 -21.75
CA PRO E 374 -12.77 -50.04 -22.80
C PRO E 374 -11.73 -49.66 -23.83
N SER E 375 -11.51 -48.36 -24.05
CA SER E 375 -10.59 -47.93 -25.11
C SER E 375 -9.16 -48.37 -24.82
N VAL E 376 -8.77 -48.44 -23.55
CA VAL E 376 -7.42 -48.88 -23.21
C VAL E 376 -7.19 -50.30 -23.70
N LEU E 377 -8.17 -51.18 -23.50
CA LEU E 377 -8.05 -52.55 -23.97
C LEU E 377 -8.19 -52.64 -25.48
N GLU E 378 -9.06 -51.83 -26.07
CA GLU E 378 -9.22 -51.82 -27.52
C GLU E 378 -7.95 -51.35 -28.23
N ASP E 379 -7.16 -50.49 -27.61
CA ASP E 379 -5.93 -50.03 -28.23
C ASP E 379 -4.84 -51.09 -28.19
N TRP E 380 -4.81 -51.93 -27.16
CA TRP E 380 -3.78 -52.94 -26.98
C TRP E 380 -4.08 -54.14 -27.88
N ASN E 381 -3.66 -54.03 -29.14
CA ASN E 381 -3.80 -55.13 -30.09
C ASN E 381 -2.62 -55.16 -31.06
N LYS E 415 -12.36 -45.89 -34.43
CA LYS E 415 -12.62 -45.51 -33.05
C LYS E 415 -12.97 -44.02 -32.94
N GLN E 416 -14.02 -43.73 -32.19
CA GLN E 416 -14.53 -42.37 -32.05
C GLN E 416 -14.36 -41.91 -30.60
N ASP E 417 -14.15 -40.60 -30.44
CA ASP E 417 -13.96 -40.00 -29.14
C ASP E 417 -14.68 -38.66 -29.09
N PRO E 418 -15.11 -38.22 -27.91
CA PRO E 418 -15.66 -36.86 -27.78
C PRO E 418 -14.64 -35.77 -28.06
N TYR E 419 -13.35 -36.09 -28.07
CA TYR E 419 -12.31 -35.11 -28.36
C TYR E 419 -12.16 -34.85 -29.85
N LYS E 420 -12.97 -35.50 -30.69
CA LYS E 420 -12.80 -35.38 -32.13
C LYS E 420 -13.12 -33.96 -32.61
N ASP E 421 -14.16 -33.36 -32.05
CA ASP E 421 -14.64 -32.06 -32.51
C ASP E 421 -14.16 -30.89 -31.66
N MET E 422 -13.28 -31.15 -30.69
CA MET E 422 -12.84 -30.11 -29.77
C MET E 422 -11.51 -29.52 -30.21
N SER E 423 -11.30 -28.25 -29.89
CA SER E 423 -10.12 -27.51 -30.31
C SER E 423 -9.13 -27.40 -29.15
N PHE E 424 -7.94 -27.98 -29.33
CA PHE E 424 -6.85 -27.86 -28.39
C PHE E 424 -5.59 -27.47 -29.15
N TRP E 425 -4.60 -26.95 -28.42
CA TRP E 425 -3.30 -26.69 -29.01
C TRP E 425 -2.46 -27.95 -28.92
N GLU E 426 -2.07 -28.50 -30.06
CA GLU E 426 -1.42 -29.80 -30.12
C GLU E 426 0.09 -29.64 -29.99
N VAL E 427 0.68 -30.34 -29.04
CA VAL E 427 2.12 -30.43 -28.88
C VAL E 427 2.51 -31.87 -29.16
N ASN E 428 3.22 -32.09 -30.26
CA ASN E 428 3.55 -33.43 -30.73
C ASN E 428 4.96 -33.77 -30.28
N LEU E 429 5.08 -34.51 -29.19
CA LEU E 429 6.35 -34.93 -28.64
C LEU E 429 6.74 -36.35 -29.06
N LYS E 430 6.37 -36.74 -30.28
CA LYS E 430 6.62 -38.12 -30.69
C LYS E 430 8.11 -38.40 -30.90
N GLU E 431 8.84 -37.44 -31.44
CA GLU E 431 10.25 -37.63 -31.77
C GLU E 431 11.18 -36.88 -30.82
N LYS E 432 10.68 -36.38 -29.70
CA LYS E 432 11.45 -35.51 -28.82
C LYS E 432 11.75 -36.16 -27.48
N PHE E 433 11.88 -37.48 -27.45
CA PHE E 433 12.31 -38.18 -26.24
C PHE E 433 13.81 -38.44 -26.28
N SER E 434 14.43 -38.37 -25.10
CA SER E 434 15.87 -38.57 -25.00
C SER E 434 16.21 -38.87 -23.55
N SER E 435 16.94 -39.96 -23.33
CA SER E 435 17.28 -40.41 -21.98
C SER E 435 18.60 -39.83 -21.48
N GLU E 436 19.26 -38.98 -22.26
CA GLU E 436 20.47 -38.29 -21.81
C GLU E 436 20.04 -37.19 -20.86
N LEU E 437 19.71 -37.59 -19.64
CA LEU E 437 19.09 -36.68 -18.69
C LEU E 437 20.01 -35.53 -18.31
N ASP E 438 21.30 -35.82 -18.11
CA ASP E 438 22.23 -34.82 -17.61
C ASP E 438 22.45 -33.68 -18.59
N GLN E 439 22.08 -33.86 -19.86
CA GLN E 439 22.37 -32.88 -20.89
C GLN E 439 21.24 -31.89 -21.11
N PHE E 440 20.18 -31.95 -20.30
CA PHE E 440 19.06 -31.04 -20.40
C PHE E 440 18.86 -30.31 -19.08
N PRO E 441 18.43 -29.05 -19.09
CA PRO E 441 18.41 -28.27 -17.85
C PRO E 441 17.50 -28.86 -16.77
N LEU E 442 16.24 -29.11 -17.12
CA LEU E 442 15.33 -29.72 -16.16
C LEU E 442 15.80 -31.12 -15.80
N GLY E 443 16.55 -31.77 -16.70
CA GLY E 443 17.17 -33.03 -16.34
C GLY E 443 18.18 -32.90 -15.23
N ARG E 444 19.00 -31.84 -15.27
CA ARG E 444 19.93 -31.59 -14.17
C ARG E 444 19.20 -31.27 -12.88
N LYS E 445 18.15 -30.45 -12.97
CA LYS E 445 17.36 -30.15 -11.78
C LYS E 445 16.76 -31.41 -11.17
N PHE E 446 16.26 -32.31 -12.02
CA PHE E 446 15.69 -33.57 -11.55
C PHE E 446 16.76 -34.44 -10.90
N LEU E 447 17.91 -34.59 -11.57
CA LEU E 447 18.97 -35.43 -11.02
C LEU E 447 19.48 -34.88 -9.69
N LEU E 448 19.41 -33.56 -9.50
CA LEU E 448 19.72 -32.99 -8.21
C LEU E 448 18.65 -33.32 -7.18
N GLN E 449 17.37 -33.13 -7.55
CA GLN E 449 16.29 -33.30 -6.58
C GLN E 449 16.05 -34.77 -6.25
N SER E 450 16.12 -35.65 -7.25
CA SER E 450 15.86 -37.07 -7.01
C SER E 450 16.96 -37.77 -6.24
N GLY E 451 18.16 -37.20 -6.21
CA GLY E 451 19.28 -37.84 -5.51
C GLY E 451 20.12 -38.81 -6.31
N TYR E 452 19.51 -39.80 -6.93
CA TYR E 452 20.26 -40.82 -7.67
C TYR E 452 19.92 -40.80 -9.16
N ALA F 1 -21.03 -28.47 40.24
CA ALA F 1 -19.83 -28.45 39.43
C ALA F 1 -20.08 -29.07 38.06
N VAL F 2 -19.17 -28.83 37.12
CA VAL F 2 -19.24 -29.37 35.77
C VAL F 2 -17.92 -30.04 35.44
N VAL F 3 -17.99 -31.26 34.93
CA VAL F 3 -16.80 -32.06 34.69
C VAL F 3 -16.68 -32.39 33.20
N ALA F 4 -15.55 -32.99 32.85
CA ALA F 4 -15.21 -33.22 31.46
C ALA F 4 -16.03 -34.35 30.86
N THR F 5 -16.29 -34.25 29.55
CA THR F 5 -16.91 -35.35 28.84
C THR F 5 -15.97 -36.53 28.68
N ASP F 6 -14.67 -36.32 28.84
CA ASP F 6 -13.72 -37.42 28.81
C ASP F 6 -13.90 -38.36 29.98
N ALA F 7 -14.58 -37.92 31.04
CA ALA F 7 -14.78 -38.77 32.20
C ALA F 7 -15.84 -39.83 31.94
N TYR F 8 -16.94 -39.45 31.28
CA TYR F 8 -18.09 -40.33 31.15
C TYR F 8 -18.44 -40.69 29.71
N VAL F 9 -17.64 -40.28 28.72
CA VAL F 9 -17.89 -40.63 27.32
C VAL F 9 -16.63 -41.30 26.79
N LYS F 10 -16.78 -42.53 26.31
CA LYS F 10 -15.67 -43.29 25.75
C LYS F 10 -15.85 -43.46 24.25
N ARG F 11 -14.74 -43.41 23.53
CA ARG F 11 -14.75 -43.37 22.08
C ARG F 11 -14.35 -44.73 21.51
N THR F 12 -14.81 -44.98 20.29
CA THR F 12 -14.52 -46.21 19.57
C THR F 12 -13.76 -45.89 18.29
N ASN F 13 -13.29 -46.94 17.62
CA ASN F 13 -12.54 -46.82 16.38
C ASN F 13 -13.44 -46.93 15.15
N ILE F 14 -14.69 -46.50 15.24
CA ILE F 14 -15.63 -46.55 14.13
C ILE F 14 -15.85 -45.13 13.63
N PHE F 15 -15.56 -44.91 12.35
CA PHE F 15 -15.66 -43.59 11.74
C PHE F 15 -16.63 -43.64 10.57
N TYR F 16 -17.20 -42.49 10.24
CA TYR F 16 -18.15 -42.39 9.15
C TYR F 16 -17.97 -41.06 8.44
N HIS F 17 -18.41 -41.02 7.18
CA HIS F 17 -18.28 -39.85 6.32
C HIS F 17 -19.64 -39.44 5.82
N ALA F 18 -19.93 -38.14 5.86
CA ALA F 18 -21.22 -37.62 5.41
C ALA F 18 -21.01 -36.30 4.68
N SER F 19 -21.35 -36.27 3.40
CA SER F 19 -21.21 -35.07 2.58
C SER F 19 -22.59 -34.67 2.08
N SER F 20 -22.92 -33.39 2.18
CA SER F 20 -24.26 -32.93 1.86
C SER F 20 -24.48 -32.68 0.38
N SER F 21 -23.44 -32.85 -0.44
CA SER F 21 -23.50 -32.56 -1.88
C SER F 21 -23.70 -31.06 -2.12
N ARG F 22 -23.84 -30.67 -3.38
CA ARG F 22 -23.88 -29.26 -3.72
C ARG F 22 -25.14 -28.60 -3.17
N LEU F 23 -24.95 -27.45 -2.52
CA LEU F 23 -26.05 -26.63 -2.01
C LEU F 23 -26.00 -25.29 -2.75
N LEU F 24 -27.12 -24.89 -3.31
CA LEU F 24 -27.15 -23.75 -4.22
C LEU F 24 -28.30 -22.82 -3.85
N ALA F 25 -28.01 -21.53 -3.78
CA ALA F 25 -29.03 -20.53 -3.46
C ALA F 25 -28.91 -19.35 -4.40
N VAL F 26 -30.04 -18.88 -4.91
CA VAL F 26 -30.08 -17.77 -5.87
C VAL F 26 -31.15 -16.80 -5.43
N GLY F 27 -30.84 -15.50 -5.48
CA GLY F 27 -31.85 -14.51 -5.12
C GLY F 27 -31.32 -13.10 -5.24
N HIS F 28 -32.23 -12.16 -4.98
CA HIS F 28 -31.87 -10.74 -5.00
C HIS F 28 -30.96 -10.42 -3.82
N PRO F 29 -30.00 -9.51 -3.99
CA PRO F 29 -29.02 -9.26 -2.91
C PRO F 29 -29.49 -8.28 -1.83
N TYR F 30 -30.44 -7.39 -2.12
CA TYR F 30 -30.84 -6.36 -1.17
C TYR F 30 -32.10 -6.72 -0.40
N TYR F 31 -33.16 -7.13 -1.10
CA TYR F 31 -34.42 -7.46 -0.45
C TYR F 31 -34.99 -8.69 -1.13
N SER F 32 -36.26 -8.97 -0.85
CA SER F 32 -36.98 -10.11 -1.44
C SER F 32 -38.13 -9.59 -2.27
N ILE F 33 -38.26 -10.10 -3.49
CA ILE F 33 -39.32 -9.68 -4.39
C ILE F 33 -40.57 -10.48 -4.06
N LYS F 34 -41.55 -9.82 -3.47
CA LYS F 34 -42.83 -10.43 -3.12
C LYS F 34 -43.89 -9.87 -4.03
N LYS F 35 -44.56 -10.74 -4.77
CA LYS F 35 -45.68 -10.32 -5.59
C LYS F 35 -46.94 -10.29 -4.73
N VAL F 36 -48.09 -10.01 -5.34
CA VAL F 36 -49.34 -9.98 -4.58
C VAL F 36 -49.65 -11.36 -4.01
N ASN F 37 -49.10 -12.41 -4.61
CA ASN F 37 -49.34 -13.77 -4.13
C ASN F 37 -48.46 -14.10 -2.94
N LYS F 38 -47.16 -14.13 -3.14
CA LYS F 38 -46.19 -14.46 -2.09
C LYS F 38 -44.80 -14.10 -2.60
N THR F 39 -43.76 -14.53 -1.87
CA THR F 39 -42.38 -14.23 -2.22
C THR F 39 -41.89 -15.20 -3.29
N VAL F 40 -41.89 -14.76 -4.54
CA VAL F 40 -41.39 -15.60 -5.62
C VAL F 40 -39.88 -15.74 -5.53
N VAL F 41 -39.17 -14.67 -5.23
CA VAL F 41 -37.71 -14.63 -5.23
C VAL F 41 -37.22 -14.29 -3.83
N PRO F 42 -36.38 -15.12 -3.21
CA PRO F 42 -35.92 -14.83 -1.85
C PRO F 42 -34.87 -13.75 -1.82
N LYS F 43 -34.26 -13.50 -0.66
CA LYS F 43 -33.14 -12.58 -0.53
C LYS F 43 -31.90 -13.38 -0.15
N VAL F 44 -30.92 -13.40 -1.04
CA VAL F 44 -29.63 -14.06 -0.80
C VAL F 44 -28.54 -13.02 -0.98
N SER F 45 -27.67 -12.90 0.03
CA SER F 45 -26.62 -11.91 0.02
C SER F 45 -25.34 -12.55 0.55
N GLY F 46 -24.21 -11.90 0.25
CA GLY F 46 -22.95 -12.35 0.80
C GLY F 46 -22.66 -11.88 2.20
N TYR F 47 -23.46 -10.92 2.69
CA TYR F 47 -23.33 -10.37 4.03
C TYR F 47 -24.40 -10.90 4.96
N GLN F 48 -24.74 -12.18 4.82
CA GLN F 48 -25.76 -12.84 5.61
C GLN F 48 -25.15 -14.00 6.38
N TYR F 49 -25.82 -14.38 7.46
CA TYR F 49 -25.41 -15.55 8.22
C TYR F 49 -25.98 -16.80 7.57
N ARG F 50 -25.10 -17.72 7.19
CA ARG F 50 -25.50 -19.07 6.79
C ARG F 50 -25.49 -19.96 8.03
N VAL F 51 -26.67 -20.37 8.48
CA VAL F 51 -26.80 -21.27 9.63
C VAL F 51 -27.37 -22.59 9.13
N PHE F 52 -26.56 -23.65 9.23
CA PHE F 52 -26.93 -24.98 8.80
C PHE F 52 -27.25 -25.82 10.03
N LYS F 53 -28.45 -26.38 10.07
CA LYS F 53 -28.86 -27.34 11.07
C LYS F 53 -28.73 -28.73 10.47
N VAL F 54 -27.72 -29.47 10.89
CA VAL F 54 -27.40 -30.77 10.31
C VAL F 54 -28.05 -31.85 11.16
N VAL F 55 -28.94 -32.61 10.55
CA VAL F 55 -29.64 -33.70 11.22
C VAL F 55 -28.86 -34.98 10.99
N LEU F 56 -28.90 -35.87 11.97
CA LEU F 56 -28.14 -37.10 11.91
C LEU F 56 -29.06 -38.30 12.14
N PRO F 57 -28.72 -39.45 11.58
CA PRO F 57 -29.46 -40.67 11.91
C PRO F 57 -29.26 -41.05 13.36
N ASP F 58 -30.26 -41.68 13.94
CA ASP F 58 -30.17 -42.11 15.32
C ASP F 58 -29.20 -43.28 15.41
N PRO F 59 -28.11 -43.16 16.19
CA PRO F 59 -27.18 -44.30 16.31
C PRO F 59 -27.81 -45.55 16.91
N ASN F 60 -28.77 -45.40 17.82
CA ASN F 60 -29.43 -46.58 18.37
C ASN F 60 -30.20 -47.33 17.29
N LYS F 61 -30.93 -46.62 16.44
CA LYS F 61 -31.66 -47.26 15.35
C LYS F 61 -30.74 -47.64 14.20
N PHE F 62 -29.54 -47.06 14.14
CA PHE F 62 -28.60 -47.36 13.08
C PHE F 62 -28.12 -48.80 13.18
N ALA F 63 -27.97 -49.45 12.03
CA ALA F 63 -27.55 -50.85 11.97
C ALA F 63 -26.02 -50.90 11.88
N LEU F 64 -25.39 -50.77 13.05
CA LEU F 64 -23.94 -50.80 13.12
C LEU F 64 -23.44 -52.23 12.87
N PRO F 65 -22.22 -52.37 12.33
CA PRO F 65 -21.80 -53.69 11.82
C PRO F 65 -21.77 -54.80 12.86
N ASP F 66 -21.37 -54.52 14.10
CA ASP F 66 -21.20 -55.55 15.13
C ASP F 66 -22.07 -55.22 16.33
N SER F 67 -23.33 -55.65 16.29
CA SER F 67 -24.27 -55.37 17.37
C SER F 67 -23.87 -56.00 18.69
N SER F 68 -23.02 -57.04 18.66
CA SER F 68 -22.57 -57.72 19.86
C SER F 68 -21.35 -57.07 20.51
N LEU F 69 -20.85 -55.97 19.93
CA LEU F 69 -19.72 -55.27 20.52
C LEU F 69 -20.14 -54.40 21.70
N PHE F 70 -21.40 -53.98 21.77
CA PHE F 70 -21.88 -53.14 22.85
C PHE F 70 -23.14 -53.76 23.47
N ASP F 71 -23.36 -53.45 24.75
CA ASP F 71 -24.50 -54.00 25.47
C ASP F 71 -25.70 -53.07 25.32
N PRO F 72 -26.76 -53.50 24.63
CA PRO F 72 -27.94 -52.61 24.49
C PRO F 72 -28.62 -52.28 25.79
N THR F 73 -28.53 -53.14 26.80
CA THR F 73 -29.34 -52.96 28.01
C THR F 73 -28.82 -51.81 28.85
N THR F 74 -27.50 -51.73 29.03
CA THR F 74 -26.90 -50.77 29.96
C THR F 74 -26.03 -49.73 29.26
N GLN F 75 -26.35 -49.37 28.02
CA GLN F 75 -25.58 -48.39 27.28
C GLN F 75 -26.47 -47.64 26.30
N ARG F 76 -25.98 -46.47 25.87
CA ARG F 76 -26.58 -45.69 24.81
C ARG F 76 -25.46 -45.20 23.89
N LEU F 77 -25.81 -44.87 22.66
CA LEU F 77 -24.83 -44.49 21.66
C LEU F 77 -25.05 -43.05 21.23
N VAL F 78 -23.96 -42.33 20.97
CA VAL F 78 -24.02 -40.96 20.52
C VAL F 78 -22.84 -40.68 19.60
N TRP F 79 -23.07 -39.85 18.59
CA TRP F 79 -22.04 -39.50 17.63
C TRP F 79 -21.08 -38.47 18.23
N ALA F 80 -19.88 -38.39 17.67
CA ALA F 80 -18.92 -37.35 18.03
C ALA F 80 -18.28 -36.81 16.76
N CYS F 81 -18.23 -35.49 16.64
CA CYS F 81 -17.65 -34.86 15.45
C CYS F 81 -16.13 -34.93 15.52
N THR F 82 -15.51 -35.37 14.41
CA THR F 82 -14.06 -35.46 14.31
C THR F 82 -13.45 -34.46 13.36
N GLY F 83 -14.10 -34.17 12.24
CA GLY F 83 -13.55 -33.19 11.32
C GLY F 83 -14.59 -32.71 10.34
N LEU F 84 -14.28 -31.58 9.70
CA LEU F 84 -15.18 -31.07 8.68
C LEU F 84 -14.39 -30.25 7.67
N GLU F 85 -15.01 -30.07 6.51
CA GLU F 85 -14.51 -29.18 5.48
C GLU F 85 -15.70 -28.46 4.87
N VAL F 86 -15.56 -27.15 4.72
CA VAL F 86 -16.59 -26.31 4.12
C VAL F 86 -16.10 -25.93 2.74
N GLY F 87 -16.81 -26.39 1.70
CA GLY F 87 -16.42 -26.13 0.34
C GLY F 87 -17.21 -24.97 -0.23
N ARG F 88 -16.52 -24.09 -0.93
CA ARG F 88 -17.13 -22.92 -1.55
C ARG F 88 -16.82 -22.88 -3.03
N GLY F 89 -17.82 -22.52 -3.83
CA GLY F 89 -17.65 -22.33 -5.25
C GLY F 89 -17.64 -20.86 -5.63
N GLN F 90 -17.72 -20.63 -6.94
CA GLN F 90 -17.79 -19.30 -7.54
C GLN F 90 -16.47 -18.56 -7.38
N PRO F 91 -16.13 -17.66 -8.28
CA PRO F 91 -14.85 -16.94 -8.17
C PRO F 91 -14.90 -15.84 -7.12
N LEU F 92 -13.70 -15.41 -6.72
CA LEU F 92 -13.57 -14.33 -5.76
C LEU F 92 -14.08 -13.01 -6.35
N GLY F 93 -14.57 -12.15 -5.47
CA GLY F 93 -15.07 -10.86 -5.91
C GLY F 93 -15.52 -10.04 -4.72
N VAL F 94 -15.93 -8.81 -5.01
CA VAL F 94 -16.46 -7.91 -4.00
C VAL F 94 -17.83 -7.41 -4.45
N GLY F 95 -18.70 -7.16 -3.47
CA GLY F 95 -20.05 -6.73 -3.74
C GLY F 95 -20.25 -5.28 -3.34
N VAL F 96 -20.99 -4.56 -4.17
CA VAL F 96 -21.25 -3.14 -3.96
C VAL F 96 -22.68 -2.97 -3.52
N SER F 97 -22.88 -2.21 -2.44
CA SER F 97 -24.20 -1.87 -1.96
C SER F 97 -24.34 -0.35 -1.94
N GLY F 98 -25.49 0.14 -1.49
CA GLY F 98 -25.69 1.56 -1.43
C GLY F 98 -27.15 1.90 -1.20
N HIS F 99 -27.44 3.19 -1.32
CA HIS F 99 -28.78 3.71 -1.12
C HIS F 99 -29.07 4.75 -2.21
N PRO F 100 -30.23 4.65 -2.86
CA PRO F 100 -30.62 5.71 -3.82
C PRO F 100 -30.81 7.06 -3.18
N LEU F 101 -31.17 7.10 -1.90
CA LEU F 101 -31.39 8.35 -1.15
C LEU F 101 -30.79 8.15 0.23
N LEU F 102 -29.54 8.57 0.40
CA LEU F 102 -28.83 8.42 1.65
C LEU F 102 -28.52 9.79 2.22
N ASN F 103 -28.54 9.87 3.56
CA ASN F 103 -28.35 11.14 4.26
C ASN F 103 -26.86 11.42 4.36
N LYS F 104 -26.41 12.44 3.64
CA LYS F 104 -25.00 12.84 3.64
C LYS F 104 -24.97 14.27 3.12
N TYR F 105 -24.36 15.18 3.89
CA TYR F 105 -24.45 16.60 3.55
C TYR F 105 -23.20 17.09 2.81
N ASP F 106 -22.04 16.95 3.43
CA ASP F 106 -20.80 17.46 2.85
C ASP F 106 -19.69 16.44 2.99
N ASP F 107 -18.66 16.62 2.17
CA ASP F 107 -17.40 15.91 2.32
C ASP F 107 -16.44 16.80 3.10
N VAL F 108 -15.85 16.26 4.16
CA VAL F 108 -15.06 17.04 5.10
C VAL F 108 -13.61 16.63 5.15
N GLU F 109 -13.16 15.75 4.25
CA GLU F 109 -11.78 15.27 4.32
C GLU F 109 -10.80 16.35 3.88
N ASN F 110 -10.90 16.78 2.62
CA ASN F 110 -9.99 17.78 2.05
C ASN F 110 -10.83 18.80 1.30
N SER F 111 -11.84 19.37 1.97
CA SER F 111 -12.74 20.30 1.32
C SER F 111 -12.81 21.59 2.13
N GLY F 112 -12.09 22.61 1.67
CA GLY F 112 -12.23 23.92 2.25
C GLY F 112 -13.57 24.53 1.92
N GLY F 113 -14.03 25.40 2.81
CA GLY F 113 -15.35 25.99 2.67
C GLY F 113 -16.13 25.94 3.96
N TYR F 114 -16.96 26.95 4.19
CA TYR F 114 -17.67 27.10 5.45
C TYR F 114 -18.91 26.23 5.45
N GLY F 115 -19.53 26.11 6.62
CA GLY F 115 -20.69 25.23 6.74
C GLY F 115 -22.01 25.90 6.45
N GLY F 116 -22.60 25.59 5.29
CA GLY F 116 -23.92 26.10 4.99
C GLY F 116 -25.01 25.32 5.70
N ASN F 117 -26.15 25.98 5.89
CA ASN F 117 -27.25 25.35 6.62
C ASN F 117 -28.14 24.56 5.67
N PRO F 118 -28.41 23.29 5.97
CA PRO F 118 -29.23 22.47 5.06
C PRO F 118 -30.64 23.02 4.89
N GLY F 119 -31.22 22.74 3.73
CA GLY F 119 -32.60 23.08 3.44
C GLY F 119 -33.55 21.96 3.80
N GLN F 120 -34.21 21.38 2.81
CA GLN F 120 -35.04 20.19 2.99
C GLN F 120 -34.57 19.09 2.05
N ASP F 121 -34.32 17.89 2.60
CA ASP F 121 -34.03 16.70 1.83
C ASP F 121 -32.81 16.89 0.92
N ASN F 122 -31.63 16.95 1.57
CA ASN F 122 -30.35 17.02 0.88
C ASN F 122 -29.77 15.64 0.58
N ARG F 123 -30.60 14.62 0.46
CA ARG F 123 -30.11 13.25 0.30
C ARG F 123 -29.56 13.01 -1.10
N VAL F 124 -28.60 12.08 -1.20
CA VAL F 124 -27.93 11.78 -2.47
C VAL F 124 -27.76 10.27 -2.65
N ASN F 125 -27.57 9.88 -3.90
CA ASN F 125 -27.39 8.48 -4.29
C ASN F 125 -25.95 8.06 -4.07
N VAL F 126 -25.73 7.07 -3.20
CA VAL F 126 -24.39 6.71 -2.75
C VAL F 126 -24.20 5.21 -2.82
N GLY F 127 -23.00 4.78 -3.18
CA GLY F 127 -22.66 3.37 -3.19
C GLY F 127 -21.27 3.16 -2.62
N MET F 128 -21.04 1.95 -2.12
CA MET F 128 -19.81 1.63 -1.42
C MET F 128 -19.67 0.11 -1.34
N ASP F 129 -18.62 -0.34 -0.66
CA ASP F 129 -18.45 -1.73 -0.29
C ASP F 129 -18.04 -1.81 1.17
N TYR F 130 -18.30 -2.97 1.78
CA TYR F 130 -18.30 -3.12 3.23
C TYR F 130 -16.94 -3.53 3.77
N LYS F 131 -16.93 -3.91 5.04
CA LYS F 131 -15.75 -4.45 5.70
C LYS F 131 -15.60 -5.93 5.37
N GLN F 132 -14.37 -6.36 5.10
CA GLN F 132 -14.13 -7.75 4.77
C GLN F 132 -14.17 -8.61 6.02
N THR F 133 -14.90 -9.73 5.95
CA THR F 133 -15.09 -10.61 7.09
C THR F 133 -15.09 -12.06 6.63
N GLN F 134 -14.60 -12.94 7.51
CA GLN F 134 -14.72 -14.39 7.36
C GLN F 134 -14.94 -14.99 8.74
N LEU F 135 -15.82 -15.98 8.83
CA LEU F 135 -16.19 -16.54 10.12
C LEU F 135 -16.74 -17.96 9.94
N CYS F 136 -16.33 -18.85 10.84
CA CYS F 136 -16.81 -20.23 10.82
C CYS F 136 -16.87 -20.76 12.25
N MET F 137 -18.06 -21.18 12.69
CA MET F 137 -18.24 -21.73 14.03
C MET F 137 -19.01 -23.04 13.97
N VAL F 138 -18.72 -23.93 14.91
CA VAL F 138 -19.39 -25.22 15.01
C VAL F 138 -19.89 -25.43 16.43
N GLY F 139 -21.11 -25.94 16.58
CA GLY F 139 -21.63 -26.18 17.91
C GLY F 139 -22.80 -27.14 17.93
N CYS F 140 -23.28 -27.40 19.15
CA CYS F 140 -24.48 -28.21 19.33
C CYS F 140 -25.75 -27.38 19.46
N ALA F 141 -25.63 -26.14 19.92
CA ALA F 141 -26.75 -25.24 20.04
C ALA F 141 -26.52 -24.02 19.15
N PRO F 142 -27.58 -23.37 18.71
CA PRO F 142 -27.42 -22.18 17.85
C PRO F 142 -26.65 -21.10 18.57
N PRO F 143 -25.76 -20.40 17.87
CA PRO F 143 -24.90 -19.42 18.53
C PRO F 143 -25.67 -18.18 18.96
N LEU F 144 -25.13 -17.52 19.99
CA LEU F 144 -25.72 -16.30 20.51
C LEU F 144 -25.10 -15.09 19.83
N GLY F 145 -25.87 -14.01 19.80
CA GLY F 145 -25.40 -12.79 19.19
C GLY F 145 -25.88 -11.55 19.93
N GLU F 146 -25.04 -10.54 20.00
CA GLU F 146 -25.33 -9.32 20.73
C GLU F 146 -25.57 -8.17 19.77
N HIS F 147 -26.44 -7.25 20.17
CA HIS F 147 -26.61 -5.99 19.46
C HIS F 147 -27.12 -4.95 20.43
N TRP F 148 -27.28 -3.73 19.96
CA TRP F 148 -27.73 -2.62 20.77
C TRP F 148 -29.14 -2.24 20.36
N GLY F 149 -30.06 -2.21 21.33
CA GLY F 149 -31.44 -1.91 21.07
C GLY F 149 -31.98 -0.85 22.01
N LYS F 150 -33.22 -0.45 21.75
CA LYS F 150 -33.88 0.53 22.60
C LYS F 150 -34.25 -0.10 23.93
N GLY F 151 -33.89 0.58 25.02
CA GLY F 151 -34.15 0.06 26.34
C GLY F 151 -35.52 0.44 26.87
N THR F 152 -35.87 -0.14 28.02
CA THR F 152 -37.17 0.11 28.64
C THR F 152 -37.08 1.32 29.55
N GLN F 153 -37.91 2.32 29.30
CA GLN F 153 -37.94 3.53 30.12
C GLN F 153 -38.88 3.32 31.30
N CYS F 154 -38.41 3.64 32.49
CA CYS F 154 -39.18 3.42 33.71
C CYS F 154 -40.00 4.66 34.03
N SER F 155 -40.61 4.68 35.22
CA SER F 155 -41.44 5.81 35.63
C SER F 155 -40.57 7.05 35.79
N ASN F 156 -41.00 8.16 35.18
CA ASN F 156 -40.25 9.40 35.16
C ASN F 156 -41.16 10.47 34.55
N THR F 157 -40.62 11.67 34.41
CA THR F 157 -41.28 12.69 33.60
C THR F 157 -41.39 12.20 32.16
N SER F 158 -42.55 12.42 31.55
CA SER F 158 -42.76 11.97 30.18
C SER F 158 -41.72 12.59 29.26
N VAL F 159 -40.82 11.74 28.74
CA VAL F 159 -39.76 12.23 27.87
C VAL F 159 -40.37 12.84 26.62
N GLN F 160 -39.85 14.00 26.23
CA GLN F 160 -40.38 14.70 25.06
C GLN F 160 -40.01 13.93 23.80
N ASN F 161 -40.80 14.13 22.75
CA ASN F 161 -40.55 13.48 21.48
C ASN F 161 -39.25 13.98 20.90
N GLY F 162 -38.30 13.08 20.68
CA GLY F 162 -37.01 13.42 20.10
C GLY F 162 -35.84 13.28 21.03
N ASP F 163 -36.04 12.84 22.27
CA ASP F 163 -34.92 12.61 23.16
C ASP F 163 -34.13 11.39 22.71
N CYS F 164 -32.92 11.27 23.23
CA CYS F 164 -32.07 10.14 22.89
C CYS F 164 -32.66 8.87 23.48
N PRO F 165 -32.94 7.84 22.69
CA PRO F 165 -33.48 6.60 23.23
C PRO F 165 -32.46 5.90 24.12
N PRO F 166 -32.87 5.43 25.29
CA PRO F 166 -31.93 4.72 26.16
C PRO F 166 -31.45 3.43 25.49
N LEU F 167 -30.18 3.12 25.68
CA LEU F 167 -29.53 2.01 24.99
C LEU F 167 -29.46 0.80 25.90
N GLU F 168 -29.63 -0.38 25.30
CA GLU F 168 -29.53 -1.64 26.02
C GLU F 168 -28.77 -2.65 25.17
N LEU F 169 -28.02 -3.51 25.82
CA LEU F 169 -27.35 -4.63 25.15
C LEU F 169 -28.29 -5.83 25.15
N ILE F 170 -28.62 -6.33 23.97
CA ILE F 170 -29.56 -7.43 23.81
C ILE F 170 -28.83 -8.63 23.24
N THR F 171 -29.00 -9.78 23.88
CA THR F 171 -28.49 -11.05 23.40
C THR F 171 -29.65 -11.88 22.85
N SER F 172 -29.42 -12.55 21.73
CA SER F 172 -30.45 -13.35 21.08
C SER F 172 -29.79 -14.55 20.42
N VAL F 173 -30.61 -15.36 19.77
CA VAL F 173 -30.14 -16.54 19.04
C VAL F 173 -30.02 -16.19 17.57
N ILE F 174 -28.85 -16.44 17.00
CA ILE F 174 -28.62 -16.13 15.59
C ILE F 174 -29.37 -17.13 14.72
N GLN F 175 -30.15 -16.63 13.78
CA GLN F 175 -30.95 -17.44 12.87
C GLN F 175 -30.44 -17.26 11.45
N ASP F 176 -30.93 -18.13 10.56
CA ASP F 176 -30.54 -18.06 9.16
C ASP F 176 -31.08 -16.79 8.53
N GLY F 177 -30.23 -16.12 7.74
CA GLY F 177 -30.61 -14.89 7.08
C GLY F 177 -30.32 -13.62 7.84
N ASP F 178 -29.88 -13.73 9.10
CA ASP F 178 -29.49 -12.55 9.84
C ASP F 178 -28.24 -11.93 9.23
N MET F 179 -28.13 -10.61 9.33
CA MET F 179 -27.02 -9.90 8.72
C MET F 179 -25.85 -9.80 9.69
N VAL F 180 -24.68 -9.52 9.14
CA VAL F 180 -23.46 -9.35 9.92
C VAL F 180 -23.07 -7.88 9.86
N ASP F 181 -22.33 -7.44 10.88
CA ASP F 181 -21.97 -6.02 10.97
C ASP F 181 -21.11 -5.62 9.77
N THR F 182 -21.41 -4.45 9.21
CA THR F 182 -20.81 -4.01 7.96
C THR F 182 -19.88 -2.81 8.13
N GLY F 183 -19.47 -2.52 9.36
CA GLY F 183 -18.65 -1.36 9.62
C GLY F 183 -19.40 -0.16 10.16
N PHE F 184 -20.71 -0.26 10.36
CA PHE F 184 -21.50 0.80 10.94
C PHE F 184 -21.88 0.53 12.39
N GLY F 185 -21.58 -0.65 12.91
CA GLY F 185 -21.94 -1.00 14.27
C GLY F 185 -22.90 -2.17 14.31
N ALA F 186 -22.88 -2.91 15.42
CA ALA F 186 -23.81 -4.02 15.64
C ALA F 186 -24.99 -3.43 16.42
N MET F 187 -26.04 -3.05 15.70
CA MET F 187 -27.14 -2.33 16.31
C MET F 187 -28.42 -2.59 15.52
N ASN F 188 -29.54 -2.25 16.15
CA ASN F 188 -30.87 -2.40 15.55
C ASN F 188 -31.18 -1.14 14.74
N PHE F 189 -30.84 -1.18 13.45
CA PHE F 189 -31.08 -0.03 12.60
C PHE F 189 -32.56 0.23 12.35
N ALA F 190 -33.42 -0.75 12.66
CA ALA F 190 -34.85 -0.56 12.44
C ALA F 190 -35.47 0.35 13.49
N ASP F 191 -35.02 0.23 14.74
CA ASP F 191 -35.64 0.94 15.86
C ASP F 191 -34.82 2.13 16.36
N LEU F 192 -33.49 2.08 16.26
CA LEU F 192 -32.68 3.19 16.73
C LEU F 192 -32.57 4.33 15.72
N GLN F 193 -32.92 4.09 14.47
CA GLN F 193 -32.89 5.11 13.43
C GLN F 193 -34.26 5.14 12.75
N THR F 194 -34.81 6.34 12.61
CA THR F 194 -36.20 6.49 12.19
C THR F 194 -36.38 7.05 10.80
N ASN F 195 -35.48 7.92 10.33
CA ASN F 195 -35.65 8.52 9.02
C ASN F 195 -35.40 7.53 7.88
N LYS F 196 -34.90 6.34 8.19
CA LYS F 196 -34.76 5.21 7.27
C LYS F 196 -33.73 5.42 6.18
N SER F 197 -33.06 6.57 6.13
CA SER F 197 -32.02 6.82 5.12
C SER F 197 -30.74 7.20 5.85
N ASP F 198 -30.04 6.20 6.36
CA ASP F 198 -28.77 6.44 7.02
C ASP F 198 -27.69 5.42 6.69
N VAL F 199 -28.03 4.23 6.25
CA VAL F 199 -27.07 3.17 5.95
C VAL F 199 -27.50 2.51 4.64
N PRO F 200 -26.71 1.59 4.07
CA PRO F 200 -27.10 0.96 2.81
C PRO F 200 -28.46 0.27 2.88
N LEU F 201 -28.90 -0.18 1.70
CA LEU F 201 -30.27 -0.66 1.54
C LEU F 201 -30.50 -2.02 2.18
N ASP F 202 -29.47 -2.86 2.25
CA ASP F 202 -29.69 -4.20 2.78
C ASP F 202 -29.49 -4.29 4.29
N ILE F 203 -29.31 -3.19 4.99
CA ILE F 203 -29.28 -3.17 6.46
C ILE F 203 -30.15 -2.08 7.05
N CYS F 204 -30.72 -1.20 6.23
CA CYS F 204 -31.49 -0.08 6.77
C CYS F 204 -32.85 -0.51 7.31
N GLY F 205 -33.18 -1.78 7.28
CA GLY F 205 -34.46 -2.25 7.78
C GLY F 205 -34.38 -3.55 8.53
N THR F 206 -33.21 -3.86 9.08
CA THR F 206 -33.00 -5.14 9.75
C THR F 206 -32.04 -4.91 10.93
N VAL F 207 -31.50 -6.00 11.46
CA VAL F 207 -30.65 -5.98 12.64
C VAL F 207 -29.32 -6.61 12.28
N CYS F 208 -28.23 -5.94 12.66
CA CYS F 208 -26.88 -6.47 12.48
C CYS F 208 -26.37 -7.00 13.80
N LYS F 209 -26.09 -8.29 13.86
CA LYS F 209 -25.62 -8.94 15.08
C LYS F 209 -24.12 -9.22 14.99
N TYR F 210 -23.50 -9.31 16.16
CA TYR F 210 -22.11 -9.68 16.30
C TYR F 210 -22.02 -10.84 17.27
N PRO F 211 -21.16 -11.82 17.02
CA PRO F 211 -21.07 -12.97 17.91
C PRO F 211 -20.71 -12.55 19.33
N ASP F 212 -21.34 -13.21 20.30
CA ASP F 212 -21.11 -12.94 21.72
C ASP F 212 -20.05 -13.92 22.23
N TYR F 213 -18.80 -13.62 21.87
CA TYR F 213 -17.72 -14.55 22.18
C TYR F 213 -17.50 -14.68 23.68
N LEU F 214 -17.62 -13.57 24.42
CA LEU F 214 -17.32 -13.61 25.84
C LEU F 214 -18.36 -14.42 26.61
N GLN F 215 -19.64 -14.16 26.37
CA GLN F 215 -20.69 -14.92 27.03
C GLN F 215 -20.68 -16.40 26.61
N MET F 216 -20.47 -16.66 25.32
CA MET F 216 -20.41 -18.04 24.86
C MET F 216 -19.20 -18.76 25.44
N ALA F 217 -18.13 -18.03 25.74
CA ALA F 217 -16.98 -18.64 26.38
C ALA F 217 -17.21 -18.86 27.86
N ALA F 218 -18.04 -18.02 28.49
CA ALA F 218 -18.32 -18.13 29.92
C ALA F 218 -19.41 -19.14 30.24
N ASP F 219 -20.04 -19.76 29.24
CA ASP F 219 -21.06 -20.76 29.51
C ASP F 219 -20.41 -21.99 30.15
N PRO F 220 -21.05 -22.58 31.16
CA PRO F 220 -20.38 -23.66 31.91
C PRO F 220 -20.19 -24.95 31.14
N TYR F 221 -21.25 -25.46 30.50
CA TYR F 221 -21.16 -26.76 29.84
C TYR F 221 -20.36 -26.69 28.55
N GLY F 222 -20.57 -25.65 27.75
CA GLY F 222 -19.80 -25.49 26.52
C GLY F 222 -20.45 -26.03 25.27
N ASP F 223 -21.78 -26.08 25.21
CA ASP F 223 -22.45 -26.60 24.03
C ASP F 223 -22.44 -25.61 22.88
N ARG F 224 -22.36 -24.32 23.16
CA ARG F 224 -22.62 -23.31 22.13
C ARG F 224 -21.58 -23.34 21.03
N LEU F 225 -20.29 -23.46 21.37
CA LEU F 225 -19.28 -23.52 20.33
C LEU F 225 -18.18 -24.51 20.70
N PHE F 226 -17.80 -25.32 19.71
CA PHE F 226 -16.68 -26.23 19.81
C PHE F 226 -15.42 -25.66 19.20
N PHE F 227 -15.56 -24.72 18.29
CA PHE F 227 -14.56 -24.34 17.29
C PHE F 227 -15.05 -23.06 16.62
N TYR F 228 -14.15 -22.11 16.45
CA TYR F 228 -14.48 -20.89 15.74
C TYR F 228 -13.22 -20.28 15.14
N LEU F 229 -13.39 -19.66 13.97
CA LEU F 229 -12.34 -18.96 13.25
C LEU F 229 -12.90 -17.67 12.70
N ARG F 230 -12.12 -16.60 12.77
CA ARG F 230 -12.57 -15.27 12.36
C ARG F 230 -11.40 -14.50 11.75
N LYS F 231 -11.73 -13.68 10.74
CA LYS F 231 -10.76 -12.77 10.13
C LYS F 231 -11.50 -11.54 9.62
N GLU F 232 -11.18 -10.37 10.18
CA GLU F 232 -11.80 -9.13 9.75
C GLU F 232 -10.74 -8.18 9.23
N GLN F 233 -11.16 -7.26 8.37
CA GLN F 233 -10.22 -6.35 7.71
C GLN F 233 -11.00 -5.14 7.22
N MET F 234 -10.49 -3.94 7.50
CA MET F 234 -11.25 -2.74 7.22
C MET F 234 -10.32 -1.53 7.24
N PHE F 235 -10.72 -0.50 6.49
CA PHE F 235 -10.14 0.83 6.62
C PHE F 235 -11.19 1.85 6.18
N ALA F 236 -10.91 3.12 6.44
CA ALA F 236 -11.86 4.19 6.18
C ALA F 236 -11.49 4.91 4.89
N ARG F 237 -12.45 5.06 3.99
CA ARG F 237 -12.17 5.66 2.69
C ARG F 237 -12.52 7.15 2.67
N HIS F 238 -13.76 7.50 2.99
CA HIS F 238 -14.24 8.87 2.92
C HIS F 238 -14.84 9.28 4.25
N PHE F 239 -14.75 10.57 4.55
CA PHE F 239 -15.35 11.15 5.75
C PHE F 239 -16.37 12.19 5.31
N PHE F 240 -17.59 12.06 5.80
CA PHE F 240 -18.64 12.99 5.44
C PHE F 240 -19.40 13.42 6.69
N ASN F 241 -20.49 14.13 6.46
CA ASN F 241 -21.23 14.85 7.48
C ASN F 241 -22.70 14.44 7.39
N ARG F 242 -23.53 14.92 8.31
CA ARG F 242 -24.93 14.57 8.33
C ARG F 242 -25.78 15.82 8.42
N ALA F 243 -27.01 15.73 7.91
CA ALA F 243 -27.93 16.85 7.83
C ALA F 243 -29.09 16.64 8.78
N GLY F 244 -29.38 17.65 9.59
CA GLY F 244 -30.47 17.57 10.54
C GLY F 244 -30.21 18.49 11.72
N THR F 245 -31.11 18.39 12.69
CA THR F 245 -30.93 19.11 13.95
C THR F 245 -29.93 18.36 14.82
N VAL F 246 -29.18 19.11 15.63
CA VAL F 246 -28.23 18.54 16.58
C VAL F 246 -28.82 18.69 17.97
N GLY F 247 -29.02 17.56 18.66
CA GLY F 247 -29.70 17.60 19.95
C GLY F 247 -28.81 18.00 21.11
N GLU F 248 -27.48 17.93 20.92
CA GLU F 248 -26.51 18.23 21.98
C GLU F 248 -25.49 19.24 21.45
N PRO F 249 -25.80 20.53 21.49
CA PRO F 249 -24.89 21.52 20.90
C PRO F 249 -23.58 21.63 21.68
N VAL F 250 -22.53 22.03 20.96
CA VAL F 250 -21.18 22.04 21.51
C VAL F 250 -21.10 23.04 22.66
N PRO F 251 -20.42 22.73 23.76
CA PRO F 251 -20.37 23.67 24.89
C PRO F 251 -19.72 24.99 24.49
N ASP F 252 -20.18 26.06 25.14
CA ASP F 252 -19.71 27.40 24.79
C ASP F 252 -18.23 27.58 25.13
N ASP F 253 -17.68 26.76 26.03
CA ASP F 253 -16.31 26.94 26.46
C ASP F 253 -15.30 26.21 25.59
N LEU F 254 -15.75 25.41 24.63
CA LEU F 254 -14.83 24.67 23.79
C LEU F 254 -14.51 25.36 22.48
N LEU F 255 -15.14 26.49 22.17
CA LEU F 255 -14.89 27.18 20.91
C LEU F 255 -15.03 28.67 21.10
N VAL F 256 -14.52 29.42 20.12
CA VAL F 256 -14.61 30.87 20.09
C VAL F 256 -15.54 31.27 18.94
N LYS F 257 -16.57 32.04 19.27
CA LYS F 257 -17.60 32.37 18.29
C LYS F 257 -17.12 33.44 17.32
N GLY F 258 -17.58 33.33 16.08
CA GLY F 258 -17.34 34.35 15.07
C GLY F 258 -18.64 34.97 14.62
N GLY F 259 -18.62 36.27 14.39
CA GLY F 259 -19.81 37.03 14.10
C GLY F 259 -20.09 37.18 12.61
N ASN F 260 -20.81 38.24 12.27
CA ASN F 260 -21.15 38.59 10.90
C ASN F 260 -21.97 37.49 10.22
N ASN F 261 -21.36 36.80 9.25
CA ASN F 261 -22.06 35.78 8.48
C ASN F 261 -21.99 34.39 9.11
N ARG F 262 -21.04 34.14 10.00
CA ARG F 262 -20.74 32.80 10.47
C ARG F 262 -21.22 32.59 11.90
N SER F 263 -22.40 33.13 12.21
CA SER F 263 -22.94 33.01 13.55
C SER F 263 -23.53 31.63 13.82
N SER F 264 -23.74 30.83 12.77
CA SER F 264 -24.25 29.48 12.94
C SER F 264 -23.11 28.46 12.88
N VAL F 265 -23.14 27.50 13.79
CA VAL F 265 -22.13 26.46 13.86
C VAL F 265 -22.55 25.28 12.99
N ALA F 266 -21.61 24.75 12.22
CA ALA F 266 -21.91 23.68 11.28
C ALA F 266 -22.12 22.36 12.02
N SER F 267 -22.62 21.37 11.28
CA SER F 267 -22.91 20.07 11.86
C SER F 267 -21.62 19.40 12.35
N SER F 268 -21.74 18.61 13.41
CA SER F 268 -20.59 18.01 14.06
C SER F 268 -20.78 16.51 14.29
N ILE F 269 -21.63 15.86 13.51
CA ILE F 269 -21.83 14.42 13.58
C ILE F 269 -21.08 13.81 12.40
N TYR F 270 -19.93 13.20 12.67
CA TYR F 270 -19.00 12.79 11.63
C TYR F 270 -19.02 11.29 11.42
N VAL F 271 -19.16 10.89 10.14
CA VAL F 271 -19.29 9.50 9.75
C VAL F 271 -18.24 9.21 8.69
N HIS F 272 -17.94 7.92 8.49
CA HIS F 272 -16.98 7.50 7.48
C HIS F 272 -17.55 6.34 6.67
N THR F 273 -16.91 6.08 5.54
CA THR F 273 -17.32 5.03 4.61
C THR F 273 -16.35 3.86 4.69
N PRO F 274 -16.78 2.68 5.10
CA PRO F 274 -15.85 1.56 5.24
C PRO F 274 -15.36 1.05 3.90
N SER F 275 -14.28 0.29 3.94
CA SER F 275 -13.79 -0.41 2.76
C SER F 275 -12.87 -1.53 3.17
N GLY F 276 -13.00 -2.68 2.53
CA GLY F 276 -11.95 -3.67 2.61
C GLY F 276 -10.78 -3.29 1.72
N SER F 277 -9.64 -3.92 1.96
CA SER F 277 -8.45 -3.50 1.22
C SER F 277 -8.25 -4.34 -0.04
N LEU F 278 -8.07 -5.64 0.11
CA LEU F 278 -7.70 -6.50 -1.00
C LEU F 278 -8.27 -7.89 -0.72
N VAL F 279 -8.62 -8.58 -1.80
CA VAL F 279 -9.08 -9.96 -1.72
C VAL F 279 -8.01 -10.83 -2.35
N SER F 280 -7.62 -11.88 -1.64
CA SER F 280 -6.48 -12.69 -2.07
C SER F 280 -6.76 -14.15 -1.76
N SER F 281 -5.99 -15.03 -2.39
CA SER F 281 -6.15 -16.46 -2.19
C SER F 281 -5.41 -17.00 -0.98
N GLU F 282 -4.44 -16.26 -0.46
CA GLU F 282 -3.69 -16.71 0.72
C GLU F 282 -4.32 -16.24 2.02
N ALA F 283 -5.41 -15.48 1.95
CA ALA F 283 -6.15 -15.04 3.13
C ALA F 283 -7.53 -15.69 3.19
N GLN F 284 -7.58 -16.98 2.89
CA GLN F 284 -8.83 -17.72 2.82
C GLN F 284 -8.92 -18.71 3.96
N LEU F 285 -10.15 -18.92 4.46
CA LEU F 285 -10.40 -19.90 5.51
C LEU F 285 -11.04 -21.18 4.99
N PHE F 286 -11.74 -21.13 3.87
CA PHE F 286 -12.55 -22.24 3.40
C PHE F 286 -11.78 -23.07 2.37
N ASN F 287 -12.42 -24.16 1.95
CA ASN F 287 -11.81 -25.16 1.08
C ASN F 287 -10.59 -25.82 1.71
N LYS F 288 -10.52 -25.84 3.05
CA LYS F 288 -9.44 -26.47 3.78
C LYS F 288 -10.05 -27.31 4.90
N PRO F 289 -9.61 -28.55 5.09
CA PRO F 289 -10.13 -29.36 6.19
C PRO F 289 -9.71 -28.80 7.54
N TYR F 290 -10.56 -29.02 8.55
CA TYR F 290 -10.27 -28.64 9.92
C TYR F 290 -10.42 -29.86 10.80
N TRP F 291 -9.36 -30.22 11.50
CA TRP F 291 -9.35 -31.38 12.37
C TRP F 291 -9.48 -30.93 13.82
N LEU F 292 -10.57 -31.33 14.46
CA LEU F 292 -10.87 -30.91 15.83
C LEU F 292 -10.11 -31.84 16.76
N GLN F 293 -8.95 -31.37 17.22
CA GLN F 293 -8.15 -32.17 18.13
C GLN F 293 -8.70 -32.12 19.55
N LYS F 294 -8.70 -30.93 20.15
CA LYS F 294 -9.17 -30.74 21.51
C LYS F 294 -10.00 -29.48 21.58
N ALA F 295 -11.20 -29.58 22.13
CA ALA F 295 -12.06 -28.42 22.24
C ALA F 295 -11.52 -27.44 23.27
N GLN F 296 -12.14 -26.28 23.34
CA GLN F 296 -11.76 -25.30 24.36
C GLN F 296 -12.27 -25.72 25.73
N GLY F 297 -13.51 -26.22 25.80
CA GLY F 297 -14.16 -26.45 27.08
C GLY F 297 -14.41 -27.89 27.41
N HIS F 298 -15.46 -28.14 28.20
CA HIS F 298 -15.74 -29.50 28.67
C HIS F 298 -16.34 -30.37 27.59
N ASN F 299 -17.26 -29.83 26.79
CA ASN F 299 -17.90 -30.60 25.71
C ASN F 299 -16.90 -30.77 24.57
N ASN F 300 -16.31 -31.95 24.47
CA ASN F 300 -15.26 -32.23 23.50
C ASN F 300 -15.83 -32.81 22.21
N GLY F 301 -16.76 -32.06 21.62
CA GLY F 301 -17.31 -32.39 20.33
C GLY F 301 -18.50 -33.34 20.33
N ILE F 302 -18.97 -33.78 21.50
CA ILE F 302 -20.11 -34.68 21.55
C ILE F 302 -21.36 -33.96 21.05
N CYS F 303 -22.18 -34.67 20.29
CA CYS F 303 -23.36 -34.12 19.63
C CYS F 303 -24.61 -34.63 20.33
N TRP F 304 -25.11 -33.86 21.30
CA TRP F 304 -26.28 -34.26 22.05
C TRP F 304 -27.56 -33.99 21.26
N GLY F 305 -28.48 -34.94 21.29
CA GLY F 305 -29.76 -34.77 20.63
C GLY F 305 -29.74 -35.00 19.14
N ASN F 306 -28.65 -35.52 18.59
CA ASN F 306 -28.52 -35.81 17.15
C ASN F 306 -28.75 -34.54 16.32
N HIS F 307 -28.05 -33.48 16.68
CA HIS F 307 -28.05 -32.24 15.93
C HIS F 307 -26.63 -31.74 15.79
N LEU F 308 -26.40 -30.93 14.76
CA LEU F 308 -25.19 -30.14 14.65
C LEU F 308 -25.57 -28.78 14.12
N PHE F 309 -24.78 -27.76 14.44
CA PHE F 309 -25.02 -26.43 13.94
C PHE F 309 -23.73 -25.87 13.39
N VAL F 310 -23.76 -25.40 12.15
CA VAL F 310 -22.59 -24.80 11.51
C VAL F 310 -22.96 -23.39 11.08
N THR F 311 -22.15 -22.41 11.49
CA THR F 311 -22.39 -21.02 11.18
C THR F 311 -21.25 -20.51 10.29
N VAL F 312 -21.60 -19.91 9.16
CA VAL F 312 -20.63 -19.49 8.16
C VAL F 312 -20.96 -18.07 7.71
N VAL F 313 -19.93 -17.23 7.64
CA VAL F 313 -19.98 -15.92 7.01
C VAL F 313 -18.75 -15.82 6.10
N ASP F 314 -18.99 -15.52 4.83
CA ASP F 314 -17.90 -15.43 3.86
C ASP F 314 -18.25 -14.36 2.83
N THR F 315 -17.64 -13.19 2.97
CA THR F 315 -17.90 -12.06 2.10
C THR F 315 -16.86 -11.92 1.01
N THR F 316 -15.94 -12.87 0.88
CA THR F 316 -14.89 -12.77 -0.12
C THR F 316 -15.33 -13.25 -1.50
N ARG F 317 -16.48 -13.90 -1.60
CA ARG F 317 -17.10 -14.26 -2.88
C ARG F 317 -18.50 -13.69 -2.87
N SER F 318 -18.63 -12.43 -3.30
CA SER F 318 -19.92 -11.75 -3.23
C SER F 318 -20.13 -10.88 -4.46
N THR F 319 -19.83 -11.40 -5.64
CA THR F 319 -20.08 -10.65 -6.87
C THR F 319 -21.57 -10.68 -7.20
N ASN F 320 -22.18 -9.51 -7.32
CA ASN F 320 -23.60 -9.41 -7.67
C ASN F 320 -23.74 -9.32 -9.18
N MET F 321 -24.16 -10.40 -9.82
CA MET F 321 -24.29 -10.42 -11.25
C MET F 321 -25.41 -9.50 -11.71
N THR F 322 -25.19 -8.87 -12.86
CA THR F 322 -26.17 -7.98 -13.47
C THR F 322 -26.67 -8.60 -14.76
N LEU F 323 -27.97 -8.52 -14.99
CA LEU F 323 -28.61 -9.18 -16.11
C LEU F 323 -29.41 -8.17 -16.91
N CYS F 324 -29.49 -8.40 -18.21
CA CYS F 324 -30.24 -7.53 -19.10
C CYS F 324 -31.18 -8.36 -19.97
N ALA F 325 -32.44 -7.91 -20.08
CA ALA F 325 -33.43 -8.60 -20.88
C ALA F 325 -34.03 -7.62 -21.86
N SER F 326 -34.22 -8.07 -23.09
CA SER F 326 -34.63 -7.21 -24.19
C SER F 326 -36.16 -7.18 -24.27
N VAL F 327 -36.72 -5.99 -24.15
CA VAL F 327 -38.17 -5.83 -24.28
C VAL F 327 -38.57 -5.68 -25.73
N SER F 328 -37.91 -4.77 -26.45
CA SER F 328 -38.16 -4.56 -27.86
C SER F 328 -36.83 -4.30 -28.55
N LYS F 329 -36.89 -4.04 -29.86
CA LYS F 329 -35.72 -3.68 -30.64
C LYS F 329 -36.06 -2.48 -31.50
N SER F 330 -35.23 -1.45 -31.44
CA SER F 330 -35.45 -0.20 -32.15
C SER F 330 -34.32 0.04 -33.15
N ALA F 331 -34.31 1.21 -33.75
CA ALA F 331 -33.33 1.52 -34.78
C ALA F 331 -31.93 1.65 -34.18
N THR F 332 -31.74 2.61 -33.27
CA THR F 332 -30.42 2.91 -32.72
C THR F 332 -30.47 3.03 -31.20
N TYR F 333 -30.37 1.89 -30.50
CA TYR F 333 -30.03 1.81 -29.08
C TYR F 333 -30.79 2.82 -28.23
N THR F 334 -32.09 2.58 -28.08
CA THR F 334 -32.86 3.27 -27.05
C THR F 334 -32.58 2.62 -25.70
N ASN F 335 -32.53 3.43 -24.64
CA ASN F 335 -32.35 2.88 -23.30
C ASN F 335 -33.61 2.17 -22.81
N SER F 336 -34.79 2.57 -23.28
CA SER F 336 -36.03 1.99 -22.78
C SER F 336 -36.37 0.65 -23.42
N ASP F 337 -35.47 0.08 -24.20
CA ASP F 337 -35.69 -1.22 -24.82
C ASP F 337 -35.22 -2.37 -23.95
N TYR F 338 -34.59 -2.09 -22.81
CA TYR F 338 -33.96 -3.12 -22.01
C TYR F 338 -34.39 -2.98 -20.55
N LYS F 339 -34.35 -4.10 -19.84
CA LYS F 339 -34.66 -4.15 -18.42
C LYS F 339 -33.51 -4.79 -17.68
N GLU F 340 -33.13 -4.20 -16.55
CA GLU F 340 -31.92 -4.57 -15.85
C GLU F 340 -32.28 -5.22 -14.50
N TYR F 341 -31.61 -6.33 -14.20
CA TYR F 341 -31.88 -7.11 -13.00
C TYR F 341 -30.57 -7.38 -12.27
N MET F 342 -30.69 -7.70 -10.98
CA MET F 342 -29.57 -8.03 -10.13
C MET F 342 -29.80 -9.41 -9.53
N ARG F 343 -28.75 -10.24 -9.47
CA ARG F 343 -28.85 -11.55 -8.86
C ARG F 343 -27.58 -11.87 -8.09
N HIS F 344 -27.72 -12.71 -7.08
CA HIS F 344 -26.59 -13.24 -6.33
C HIS F 344 -26.80 -14.73 -6.18
N VAL F 345 -25.73 -15.50 -6.42
CA VAL F 345 -25.76 -16.95 -6.35
C VAL F 345 -24.68 -17.39 -5.38
N GLU F 346 -24.96 -18.46 -4.63
CA GLU F 346 -24.05 -18.92 -3.60
C GLU F 346 -24.05 -20.44 -3.59
N GLU F 347 -22.86 -21.01 -3.47
CA GLU F 347 -22.63 -22.44 -3.62
C GLU F 347 -21.86 -22.98 -2.42
N PHE F 348 -22.25 -24.17 -1.95
CA PHE F 348 -21.64 -24.81 -0.80
C PHE F 348 -21.47 -26.31 -1.07
N ASP F 349 -20.57 -26.91 -0.30
CA ASP F 349 -20.45 -28.37 -0.24
C ASP F 349 -19.80 -28.70 1.10
N LEU F 350 -20.62 -29.12 2.07
CA LEU F 350 -20.14 -29.41 3.42
C LEU F 350 -19.85 -30.90 3.53
N GLN F 351 -18.69 -31.23 4.10
CA GLN F 351 -18.31 -32.63 4.33
C GLN F 351 -17.89 -32.80 5.78
N PHE F 352 -18.33 -33.90 6.39
CA PHE F 352 -18.04 -34.17 7.79
C PHE F 352 -17.51 -35.58 7.96
N ILE F 353 -16.60 -35.73 8.92
CA ILE F 353 -16.15 -37.02 9.41
C ILE F 353 -16.59 -37.12 10.86
N PHE F 354 -17.40 -38.12 11.16
CA PHE F 354 -18.01 -38.34 12.47
C PHE F 354 -17.48 -39.62 13.10
N GLN F 355 -17.62 -39.71 14.42
CA GLN F 355 -17.18 -40.85 15.21
C GLN F 355 -18.31 -41.35 16.09
N LEU F 356 -18.24 -42.63 16.46
CA LEU F 356 -19.24 -43.28 17.30
C LEU F 356 -18.72 -43.46 18.71
N CYS F 357 -19.53 -43.09 19.69
CA CYS F 357 -19.16 -43.15 21.10
C CYS F 357 -20.30 -43.75 21.91
N SER F 358 -19.96 -44.37 23.03
CA SER F 358 -20.93 -45.00 23.91
C SER F 358 -20.65 -44.60 25.35
N ILE F 359 -21.70 -44.60 26.17
CA ILE F 359 -21.60 -44.20 27.57
C ILE F 359 -22.35 -45.21 28.43
N THR F 360 -21.80 -45.50 29.61
CA THR F 360 -22.47 -46.37 30.58
C THR F 360 -23.33 -45.52 31.52
N LEU F 361 -24.52 -46.03 31.83
CA LEU F 361 -25.52 -45.27 32.57
C LEU F 361 -25.60 -45.81 34.00
N SER F 362 -24.74 -45.28 34.87
CA SER F 362 -24.83 -45.53 36.30
C SER F 362 -25.55 -44.35 36.97
N ALA F 363 -25.93 -44.55 38.23
CA ALA F 363 -26.85 -43.63 38.90
C ALA F 363 -26.32 -42.20 38.91
N GLU F 364 -25.03 -42.03 39.20
CA GLU F 364 -24.43 -40.70 39.12
C GLU F 364 -24.52 -40.15 37.71
N VAL F 365 -24.35 -40.99 36.69
CA VAL F 365 -24.42 -40.51 35.31
C VAL F 365 -25.83 -40.03 34.99
N MET F 366 -26.86 -40.79 35.40
CA MET F 366 -28.22 -40.31 35.17
C MET F 366 -28.49 -39.01 35.90
N ALA F 367 -28.03 -38.88 37.15
CA ALA F 367 -28.25 -37.63 37.88
C ALA F 367 -27.59 -36.46 37.16
N TYR F 368 -26.33 -36.63 36.75
CA TYR F 368 -25.60 -35.58 36.08
C TYR F 368 -26.28 -35.18 34.78
N ILE F 369 -26.60 -36.16 33.94
CA ILE F 369 -27.18 -35.86 32.63
C ILE F 369 -28.58 -35.28 32.79
N HIS F 370 -29.34 -35.72 33.79
CA HIS F 370 -30.64 -35.13 34.02
C HIS F 370 -30.52 -33.67 34.46
N THR F 371 -29.50 -33.36 35.26
CA THR F 371 -29.28 -31.97 35.63
C THR F 371 -28.92 -31.13 34.41
N MET F 372 -28.02 -31.61 33.56
CA MET F 372 -27.56 -30.77 32.45
C MET F 372 -28.59 -30.66 31.33
N ASN F 373 -29.26 -31.76 30.97
CA ASN F 373 -30.14 -31.78 29.82
C ASN F 373 -31.14 -32.92 29.97
N PRO F 374 -32.34 -32.66 30.49
CA PRO F 374 -33.32 -33.75 30.64
C PRO F 374 -33.81 -34.32 29.32
N SER F 375 -33.75 -33.55 28.23
CA SER F 375 -34.34 -33.98 26.97
C SER F 375 -33.60 -35.18 26.37
N VAL F 376 -32.26 -35.20 26.50
CA VAL F 376 -31.51 -36.31 25.93
C VAL F 376 -31.85 -37.61 26.64
N LEU F 377 -32.13 -37.56 27.95
CA LEU F 377 -32.55 -38.76 28.66
C LEU F 377 -33.98 -39.14 28.29
N GLU F 378 -34.89 -38.16 28.23
CA GLU F 378 -36.27 -38.47 27.90
C GLU F 378 -36.39 -39.07 26.50
N ASP F 379 -35.50 -38.69 25.59
CA ASP F 379 -35.58 -39.21 24.23
C ASP F 379 -34.99 -40.60 24.09
N TRP F 380 -34.10 -41.01 24.98
CA TRP F 380 -33.44 -42.32 24.90
C TRP F 380 -34.33 -43.38 25.54
N ASN F 381 -35.52 -43.55 24.98
CA ASN F 381 -36.45 -44.58 25.44
C ASN F 381 -37.01 -45.38 24.27
N LYS F 415 -42.95 -33.21 22.03
CA LYS F 415 -41.67 -32.67 22.49
C LYS F 415 -41.47 -31.26 21.96
N GLN F 416 -41.57 -30.27 22.84
CA GLN F 416 -41.45 -28.87 22.47
C GLN F 416 -40.09 -28.34 22.88
N ASP F 417 -39.43 -27.64 21.98
CA ASP F 417 -38.14 -27.00 22.19
C ASP F 417 -38.18 -25.62 21.56
N PRO F 418 -37.31 -24.70 22.01
CA PRO F 418 -37.34 -23.33 21.48
C PRO F 418 -37.03 -23.24 19.99
N TYR F 419 -36.47 -24.28 19.39
CA TYR F 419 -36.15 -24.25 17.96
C TYR F 419 -37.37 -24.24 17.07
N LYS F 420 -38.57 -24.42 17.63
CA LYS F 420 -39.75 -24.66 16.81
C LYS F 420 -40.03 -23.47 15.89
N ASP F 421 -39.92 -22.26 16.40
CA ASP F 421 -40.22 -21.07 15.62
C ASP F 421 -39.01 -20.49 14.88
N MET F 422 -37.81 -21.01 15.14
CA MET F 422 -36.60 -20.47 14.54
C MET F 422 -36.34 -21.07 13.17
N SER F 423 -35.81 -20.24 12.27
CA SER F 423 -35.58 -20.62 10.89
C SER F 423 -34.11 -20.88 10.64
N PHE F 424 -33.80 -22.07 10.14
CA PHE F 424 -32.43 -22.45 9.79
C PHE F 424 -32.44 -23.06 8.40
N TRP F 425 -31.26 -23.43 7.91
CA TRP F 425 -31.13 -24.20 6.68
C TRP F 425 -30.94 -25.65 7.06
N GLU F 426 -31.96 -26.46 6.80
CA GLU F 426 -31.95 -27.85 7.24
C GLU F 426 -31.16 -28.70 6.25
N VAL F 427 -30.19 -29.45 6.77
CA VAL F 427 -29.40 -30.37 5.97
C VAL F 427 -29.59 -31.76 6.54
N ASN F 428 -30.18 -32.65 5.75
CA ASN F 428 -30.54 -33.99 6.19
C ASN F 428 -29.47 -34.99 5.79
N LEU F 429 -29.03 -35.81 6.75
CA LEU F 429 -27.97 -36.78 6.51
C LEU F 429 -28.33 -38.15 7.06
N LYS F 430 -29.61 -38.49 7.08
CA LYS F 430 -30.01 -39.76 7.70
C LYS F 430 -29.61 -40.97 6.87
N GLU F 431 -29.26 -40.77 5.60
CA GLU F 431 -28.95 -41.88 4.71
C GLU F 431 -27.65 -41.67 3.94
N LYS F 432 -26.85 -40.68 4.31
CA LYS F 432 -25.63 -40.34 3.60
C LYS F 432 -24.39 -40.71 4.41
N PHE F 433 -24.44 -41.85 5.08
CA PHE F 433 -23.35 -42.33 5.91
C PHE F 433 -22.69 -43.52 5.25
N SER F 434 -21.37 -43.47 5.10
CA SER F 434 -20.61 -44.52 4.46
C SER F 434 -19.39 -44.86 5.30
N SER F 435 -18.98 -46.13 5.25
CA SER F 435 -17.84 -46.60 6.01
C SER F 435 -16.58 -46.76 5.16
N GLU F 436 -16.70 -46.78 3.85
CA GLU F 436 -15.54 -46.85 2.96
C GLU F 436 -14.96 -45.45 2.86
N LEU F 437 -13.95 -45.16 3.67
CA LEU F 437 -13.37 -43.83 3.68
C LEU F 437 -12.65 -43.52 2.38
N ASP F 438 -11.98 -44.51 1.80
CA ASP F 438 -11.06 -44.29 0.69
C ASP F 438 -11.75 -43.74 -0.56
N GLN F 439 -13.07 -43.88 -0.66
CA GLN F 439 -13.80 -43.46 -1.85
C GLN F 439 -14.24 -42.01 -1.82
N PHE F 440 -13.89 -41.26 -0.78
CA PHE F 440 -14.37 -39.90 -0.63
C PHE F 440 -13.21 -38.95 -0.41
N PRO F 441 -13.34 -37.70 -0.86
CA PRO F 441 -12.19 -36.78 -0.79
C PRO F 441 -11.66 -36.53 0.61
N LEU F 442 -12.50 -36.46 1.63
CA LEU F 442 -11.99 -36.36 2.98
C LEU F 442 -11.46 -37.66 3.53
N GLY F 443 -11.87 -38.81 2.97
CA GLY F 443 -11.43 -40.07 3.54
C GLY F 443 -9.93 -40.26 3.45
N ARG F 444 -9.36 -39.99 2.27
CA ARG F 444 -7.93 -40.13 2.09
C ARG F 444 -7.17 -39.09 2.92
N LYS F 445 -7.68 -37.85 2.97
CA LYS F 445 -7.06 -36.83 3.80
C LYS F 445 -7.04 -37.23 5.26
N PHE F 446 -8.16 -37.78 5.74
CA PHE F 446 -8.25 -38.24 7.12
C PHE F 446 -7.27 -39.38 7.38
N LEU F 447 -7.17 -40.33 6.45
CA LEU F 447 -6.26 -41.45 6.66
C LEU F 447 -4.81 -41.01 6.66
N LEU F 448 -4.45 -40.03 5.81
CA LEU F 448 -3.09 -39.50 5.86
C LEU F 448 -2.83 -38.76 7.17
N GLN F 449 -3.73 -37.83 7.53
CA GLN F 449 -3.48 -36.99 8.68
C GLN F 449 -3.58 -37.77 9.98
N SER F 450 -4.63 -38.58 10.13
CA SER F 450 -4.76 -39.41 11.32
C SER F 450 -3.86 -40.63 11.29
N GLY F 451 -3.18 -40.88 10.17
CA GLY F 451 -2.24 -41.98 10.09
C GLY F 451 -2.87 -43.30 9.74
N TYR F 452 -3.64 -43.86 10.68
CA TYR F 452 -4.16 -45.21 10.52
C TYR F 452 -5.66 -45.18 10.22
N ALA G 1 21.57 0.18 48.19
CA ALA G 1 21.48 -0.94 47.26
C ALA G 1 20.08 -1.52 47.25
N VAL G 2 19.77 -2.28 46.20
CA VAL G 2 18.48 -2.91 46.03
C VAL G 2 18.69 -4.38 45.67
N VAL G 3 17.88 -5.25 46.26
CA VAL G 3 18.00 -6.69 46.05
C VAL G 3 16.73 -7.21 45.40
N ALA G 4 16.88 -8.27 44.61
CA ALA G 4 15.75 -8.86 43.91
C ALA G 4 14.77 -9.50 44.88
N THR G 5 13.48 -9.45 44.52
CA THR G 5 12.46 -10.05 45.37
C THR G 5 12.58 -11.56 45.44
N ASP G 6 13.35 -12.17 44.55
CA ASP G 6 13.58 -13.61 44.64
C ASP G 6 14.36 -13.97 45.90
N ALA G 7 15.07 -13.01 46.48
CA ALA G 7 15.86 -13.28 47.67
C ALA G 7 14.97 -13.44 48.90
N TYR G 8 13.99 -12.56 49.08
CA TYR G 8 13.26 -12.46 50.33
C TYR G 8 11.76 -12.66 50.20
N VAL G 9 11.26 -13.10 49.04
CA VAL G 9 9.85 -13.43 48.86
C VAL G 9 9.77 -14.87 48.37
N LYS G 10 9.04 -15.70 49.11
CA LYS G 10 8.87 -17.10 48.77
C LYS G 10 7.47 -17.33 48.24
N ARG G 11 7.39 -17.99 47.08
CA ARG G 11 6.11 -18.24 46.43
C ARG G 11 5.59 -19.62 46.81
N THR G 12 4.29 -19.67 47.10
CA THR G 12 3.60 -20.91 47.41
C THR G 12 2.94 -21.47 46.17
N ASN G 13 2.36 -22.66 46.32
CA ASN G 13 1.73 -23.37 45.21
C ASN G 13 0.21 -23.22 45.26
N ILE G 14 -0.28 -22.01 45.56
CA ILE G 14 -1.70 -21.73 45.67
C ILE G 14 -2.06 -20.69 44.63
N PHE G 15 -3.01 -21.00 43.76
CA PHE G 15 -3.42 -20.11 42.69
C PHE G 15 -4.90 -19.79 42.81
N TYR G 16 -5.28 -18.60 42.37
CA TYR G 16 -6.66 -18.14 42.43
C TYR G 16 -7.04 -17.46 41.13
N HIS G 17 -8.24 -17.75 40.64
CA HIS G 17 -8.77 -17.10 39.44
C HIS G 17 -9.77 -16.04 39.86
N ALA G 18 -9.66 -14.87 39.23
CA ALA G 18 -10.57 -13.77 39.53
C ALA G 18 -10.96 -13.06 38.25
N SER G 19 -12.26 -13.01 37.96
CA SER G 19 -12.78 -12.36 36.77
C SER G 19 -13.68 -11.21 37.20
N SER G 20 -13.58 -10.09 36.50
CA SER G 20 -14.28 -8.88 36.90
C SER G 20 -15.66 -8.75 36.25
N SER G 21 -16.09 -9.74 35.47
CA SER G 21 -17.38 -9.71 34.79
C SER G 21 -17.45 -8.58 33.77
N ARG G 22 -18.56 -8.46 33.07
CA ARG G 22 -18.66 -7.49 31.99
C ARG G 22 -18.72 -6.07 32.55
N LEU G 23 -17.93 -5.18 31.96
CA LEU G 23 -17.88 -3.78 32.35
C LEU G 23 -18.26 -2.92 31.15
N LEU G 24 -19.31 -2.11 31.28
CA LEU G 24 -19.84 -1.34 30.18
C LEU G 24 -19.71 0.16 30.46
N ALA G 25 -19.35 0.91 29.43
CA ALA G 25 -19.32 2.37 29.50
C ALA G 25 -19.99 2.93 28.26
N VAL G 26 -20.96 3.82 28.46
CA VAL G 26 -21.73 4.41 27.36
C VAL G 26 -21.74 5.91 27.54
N GLY G 27 -21.40 6.65 26.48
CA GLY G 27 -21.42 8.09 26.60
C GLY G 27 -21.02 8.78 25.32
N HIS G 28 -21.09 10.10 25.35
CA HIS G 28 -20.73 10.93 24.20
C HIS G 28 -19.22 10.87 23.95
N PRO G 29 -18.79 10.91 22.69
CA PRO G 29 -17.36 10.73 22.41
C PRO G 29 -16.52 12.00 22.44
N TYR G 30 -17.13 13.18 22.42
CA TYR G 30 -16.37 14.43 22.36
C TYR G 30 -16.41 15.19 23.68
N TYR G 31 -17.59 15.52 24.17
CA TYR G 31 -17.75 16.29 25.41
C TYR G 31 -18.83 15.65 26.26
N SER G 32 -18.76 15.89 27.56
CA SER G 32 -19.74 15.38 28.50
C SER G 32 -20.92 16.35 28.56
N ILE G 33 -22.12 15.83 28.37
CA ILE G 33 -23.33 16.66 28.38
C ILE G 33 -23.77 16.81 29.83
N LYS G 34 -23.69 18.03 30.35
CA LYS G 34 -24.15 18.34 31.69
C LYS G 34 -25.31 19.32 31.59
N LYS G 35 -26.40 19.01 32.26
CA LYS G 35 -27.54 19.91 32.29
C LYS G 35 -27.29 20.97 33.36
N VAL G 36 -28.30 21.81 33.61
CA VAL G 36 -28.17 22.80 34.67
C VAL G 36 -27.99 22.12 36.03
N ASN G 37 -28.37 20.85 36.14
CA ASN G 37 -28.24 20.14 37.41
C ASN G 37 -26.81 19.61 37.58
N LYS G 38 -26.38 18.69 36.73
CA LYS G 38 -25.10 18.02 36.89
C LYS G 38 -24.78 17.27 35.60
N THR G 39 -23.73 16.44 35.65
CA THR G 39 -23.27 15.66 34.51
C THR G 39 -24.13 14.40 34.38
N VAL G 40 -24.89 14.31 33.30
CA VAL G 40 -25.78 13.17 33.11
C VAL G 40 -25.13 12.11 32.23
N VAL G 41 -24.45 12.53 31.16
CA VAL G 41 -23.82 11.62 30.21
C VAL G 41 -22.32 11.84 30.26
N PRO G 42 -21.53 10.86 30.64
CA PRO G 42 -20.08 11.06 30.70
C PRO G 42 -19.45 11.24 29.33
N LYS G 43 -18.13 11.35 29.27
CA LYS G 43 -17.40 11.45 28.02
C LYS G 43 -16.61 10.16 27.85
N VAL G 44 -17.03 9.33 26.90
CA VAL G 44 -16.41 8.03 26.66
C VAL G 44 -15.91 8.01 25.22
N SER G 45 -14.63 7.69 25.04
CA SER G 45 -13.99 7.69 23.74
C SER G 45 -13.01 6.54 23.66
N GLY G 46 -12.67 6.16 22.44
CA GLY G 46 -11.67 5.13 22.22
C GLY G 46 -10.24 5.61 22.30
N TYR G 47 -10.04 6.92 22.29
CA TYR G 47 -8.71 7.53 22.40
C TYR G 47 -8.46 8.06 23.81
N GLN G 48 -8.88 7.29 24.80
CA GLN G 48 -8.86 7.70 26.20
C GLN G 48 -8.19 6.61 27.02
N TYR G 49 -7.41 7.00 28.01
CA TYR G 49 -6.74 6.03 28.86
C TYR G 49 -7.73 5.35 29.80
N ARG G 50 -7.65 4.02 29.88
CA ARG G 50 -8.50 3.25 30.79
C ARG G 50 -7.63 2.73 31.92
N VAL G 51 -7.83 3.25 33.13
CA VAL G 51 -7.01 2.89 34.28
C VAL G 51 -7.90 2.19 35.30
N PHE G 52 -7.63 0.91 35.54
CA PHE G 52 -8.39 0.09 36.46
C PHE G 52 -7.57 -0.11 37.72
N LYS G 53 -8.16 0.24 38.85
CA LYS G 53 -7.60 -0.02 40.18
C LYS G 53 -8.28 -1.28 40.72
N VAL G 54 -7.53 -2.37 40.79
CA VAL G 54 -8.07 -3.67 41.17
C VAL G 54 -7.84 -3.85 42.67
N VAL G 55 -8.91 -3.85 43.44
CA VAL G 55 -8.82 -4.08 44.88
C VAL G 55 -8.89 -5.58 45.13
N LEU G 56 -8.21 -6.05 46.18
CA LEU G 56 -8.08 -7.46 46.45
C LEU G 56 -8.38 -7.75 47.91
N PRO G 57 -8.78 -8.98 48.23
CA PRO G 57 -8.91 -9.37 49.64
C PRO G 57 -7.56 -9.42 50.33
N ASP G 58 -7.57 -9.16 51.62
CA ASP G 58 -6.35 -9.23 52.42
C ASP G 58 -5.95 -10.68 52.62
N PRO G 59 -4.75 -11.10 52.22
CA PRO G 59 -4.39 -12.53 52.31
C PRO G 59 -4.40 -13.07 53.73
N ASN G 60 -4.02 -12.27 54.72
CA ASN G 60 -3.97 -12.79 56.09
C ASN G 60 -5.36 -13.10 56.62
N LYS G 61 -6.31 -12.19 56.39
CA LYS G 61 -7.68 -12.43 56.85
C LYS G 61 -8.41 -13.43 55.95
N PHE G 62 -7.85 -13.72 54.78
CA PHE G 62 -8.48 -14.62 53.83
C PHE G 62 -8.47 -16.05 54.38
N ALA G 63 -9.57 -16.76 54.22
CA ALA G 63 -9.74 -18.10 54.78
C ALA G 63 -8.94 -19.09 53.95
N LEU G 64 -7.64 -19.16 54.18
CA LEU G 64 -6.78 -20.02 53.40
C LEU G 64 -7.03 -21.49 53.74
N PRO G 65 -6.86 -22.38 52.75
CA PRO G 65 -7.11 -23.82 53.01
C PRO G 65 -6.23 -24.39 54.11
N ASP G 66 -5.00 -23.91 54.26
CA ASP G 66 -4.09 -24.39 55.28
C ASP G 66 -3.68 -23.22 56.16
N SER G 67 -3.96 -23.33 57.45
CA SER G 67 -3.58 -22.32 58.42
C SER G 67 -2.45 -22.77 59.34
N SER G 68 -2.10 -24.05 59.32
CA SER G 68 -1.01 -24.58 60.11
C SER G 68 0.33 -24.59 59.36
N LEU G 69 0.34 -24.16 58.11
CA LEU G 69 1.56 -24.20 57.31
C LEU G 69 2.42 -22.95 57.48
N PHE G 70 1.89 -21.89 58.09
CA PHE G 70 2.61 -20.65 58.25
C PHE G 70 2.46 -20.14 59.69
N ASP G 71 3.42 -19.33 60.12
CA ASP G 71 3.41 -18.77 61.46
C ASP G 71 2.87 -17.35 61.39
N PRO G 72 1.69 -17.06 61.97
CA PRO G 72 1.16 -15.70 61.90
C PRO G 72 2.04 -14.66 62.55
N THR G 73 2.82 -15.03 63.57
CA THR G 73 3.62 -14.04 64.28
C THR G 73 4.86 -13.62 63.50
N THR G 74 5.55 -14.57 62.85
CA THR G 74 6.81 -14.28 62.20
C THR G 74 6.72 -14.27 60.68
N GLN G 75 5.52 -14.30 60.11
CA GLN G 75 5.36 -14.30 58.66
C GLN G 75 4.19 -13.42 58.26
N ARG G 76 4.20 -13.01 56.99
CA ARG G 76 3.14 -12.23 56.41
C ARG G 76 2.93 -12.67 54.97
N LEU G 77 1.80 -12.29 54.39
CA LEU G 77 1.36 -12.82 53.11
C LEU G 77 1.03 -11.70 52.14
N VAL G 78 1.36 -11.92 50.85
CA VAL G 78 1.08 -10.98 49.77
C VAL G 78 0.55 -11.75 48.57
N TRP G 79 -0.15 -11.03 47.70
CA TRP G 79 -0.67 -11.60 46.46
C TRP G 79 0.28 -11.27 45.31
N ALA G 80 0.61 -12.28 44.51
CA ALA G 80 1.49 -12.10 43.36
C ALA G 80 0.71 -12.33 42.07
N CYS G 81 0.91 -11.45 41.09
CA CYS G 81 0.21 -11.56 39.81
C CYS G 81 0.93 -12.54 38.90
N THR G 82 0.25 -13.61 38.52
CA THR G 82 0.82 -14.62 37.63
C THR G 82 0.43 -14.43 36.18
N GLY G 83 -0.84 -14.12 35.90
CA GLY G 83 -1.21 -13.91 34.51
C GLY G 83 -2.52 -13.16 34.41
N LEU G 84 -2.80 -12.65 33.22
CA LEU G 84 -4.06 -11.96 33.02
C LEU G 84 -4.46 -12.06 31.55
N GLU G 85 -5.71 -11.69 31.30
CA GLU G 85 -6.22 -11.50 29.95
C GLU G 85 -7.20 -10.35 29.94
N VAL G 86 -7.01 -9.43 29.02
CA VAL G 86 -7.95 -8.33 28.78
C VAL G 86 -8.89 -8.77 27.70
N GLY G 87 -10.20 -8.74 27.99
CA GLY G 87 -11.21 -9.15 27.05
C GLY G 87 -11.93 -7.94 26.49
N ARG G 88 -12.08 -7.92 25.17
CA ARG G 88 -12.74 -6.83 24.48
C ARG G 88 -13.94 -7.34 23.70
N GLY G 89 -14.96 -6.52 23.62
CA GLY G 89 -16.14 -6.84 22.82
C GLY G 89 -16.35 -5.81 21.73
N GLN G 90 -17.49 -5.89 21.03
CA GLN G 90 -17.86 -5.00 19.94
C GLN G 90 -16.95 -5.23 18.73
N PRO G 91 -17.43 -4.99 17.52
CA PRO G 91 -16.62 -5.25 16.34
C PRO G 91 -15.60 -4.14 16.08
N LEU G 92 -14.68 -4.44 15.18
CA LEU G 92 -13.64 -3.49 14.80
C LEU G 92 -14.25 -2.29 14.08
N GLY G 93 -13.59 -1.15 14.18
CA GLY G 93 -14.12 0.05 13.56
C GLY G 93 -13.08 1.15 13.57
N VAL G 94 -13.49 2.31 13.04
CA VAL G 94 -12.63 3.48 12.97
C VAL G 94 -13.43 4.68 13.48
N GLY G 95 -12.81 5.47 14.35
CA GLY G 95 -13.46 6.62 14.94
C GLY G 95 -13.06 7.90 14.25
N VAL G 96 -14.05 8.69 13.86
CA VAL G 96 -13.86 9.96 13.17
C VAL G 96 -14.06 11.09 14.15
N SER G 97 -13.29 12.17 13.98
CA SER G 97 -13.40 13.35 14.83
C SER G 97 -13.01 14.57 14.02
N GLY G 98 -13.42 15.73 14.49
CA GLY G 98 -13.07 16.93 13.78
C GLY G 98 -13.45 18.19 14.54
N HIS G 99 -13.54 19.28 13.79
CA HIS G 99 -13.88 20.58 14.33
C HIS G 99 -14.79 21.31 13.35
N PRO G 100 -15.91 21.84 13.81
CA PRO G 100 -16.73 22.73 12.96
C PRO G 100 -16.00 23.98 12.53
N LEU G 101 -15.09 24.48 13.37
CA LEU G 101 -14.33 25.70 13.12
C LEU G 101 -12.87 25.40 13.43
N LEU G 102 -12.15 24.89 12.45
CA LEU G 102 -10.73 24.57 12.61
C LEU G 102 -9.91 25.55 11.79
N ASN G 103 -8.77 25.96 12.33
CA ASN G 103 -7.93 26.96 11.68
C ASN G 103 -7.10 26.30 10.59
N LYS G 104 -7.51 26.50 9.35
CA LYS G 104 -6.80 25.99 8.19
C LYS G 104 -7.01 26.99 7.06
N TYR G 105 -5.94 27.31 6.33
CA TYR G 105 -6.03 28.29 5.27
C TYR G 105 -5.96 27.67 3.87
N ASP G 106 -4.89 26.95 3.56
CA ASP G 106 -4.69 26.42 2.22
C ASP G 106 -4.19 24.99 2.28
N ASP G 107 -4.44 24.24 1.22
CA ASP G 107 -3.92 22.89 1.03
C ASP G 107 -2.69 23.01 0.15
N VAL G 108 -1.53 23.16 0.78
CA VAL G 108 -0.28 23.46 0.07
C VAL G 108 0.21 22.27 -0.74
N GLU G 109 -0.50 21.15 -0.67
CA GLU G 109 -0.09 19.99 -1.45
C GLU G 109 -0.25 20.25 -2.94
N ASN G 110 -1.44 20.71 -3.37
CA ASN G 110 -1.66 21.19 -4.73
C ASN G 110 -2.37 22.54 -4.68
N SER G 111 -1.59 23.59 -4.41
CA SER G 111 -2.07 24.97 -4.36
C SER G 111 -0.85 25.86 -4.13
N GLY G 112 -1.10 27.14 -3.90
CA GLY G 112 -0.05 28.08 -3.58
C GLY G 112 -0.13 29.36 -4.37
N GLY G 113 -1.24 29.56 -5.09
CA GLY G 113 -1.43 30.78 -5.85
C GLY G 113 -1.43 32.01 -4.97
N TYR G 114 -0.58 32.98 -5.30
CA TYR G 114 -0.48 34.21 -4.52
C TYR G 114 -1.53 35.19 -5.00
N GLY G 115 -2.78 34.92 -4.62
CA GLY G 115 -3.89 35.76 -5.04
C GLY G 115 -4.81 36.15 -3.92
N GLY G 116 -4.37 35.94 -2.68
CA GLY G 116 -5.17 36.30 -1.53
C GLY G 116 -4.41 36.22 -0.23
N ASN G 117 -4.91 36.91 0.80
CA ASN G 117 -4.27 36.92 2.10
C ASN G 117 -5.27 36.49 3.16
N PRO G 118 -4.79 35.86 4.24
CA PRO G 118 -5.71 35.41 5.29
C PRO G 118 -6.41 36.57 5.96
N GLY G 119 -7.73 36.63 5.78
CA GLY G 119 -8.56 37.63 6.41
C GLY G 119 -8.85 37.28 7.85
N GLN G 120 -10.01 37.70 8.32
CA GLN G 120 -10.46 37.39 9.67
C GLN G 120 -11.41 36.19 9.63
N ASP G 121 -11.18 35.22 10.50
CA ASP G 121 -12.07 34.07 10.67
C ASP G 121 -12.24 33.30 9.36
N ASN G 122 -11.15 32.64 8.97
CA ASN G 122 -11.13 31.76 7.81
C ASN G 122 -11.12 30.29 8.21
N ARG G 123 -11.89 29.95 9.24
CA ARG G 123 -11.94 28.59 9.77
C ARG G 123 -12.96 27.76 9.03
N VAL G 124 -12.67 26.46 8.85
CA VAL G 124 -13.50 25.58 8.05
C VAL G 124 -13.74 24.27 8.81
N ASN G 125 -14.82 23.59 8.41
CA ASN G 125 -15.19 22.31 9.01
C ASN G 125 -14.28 21.20 8.50
N VAL G 126 -13.65 20.46 9.43
CA VAL G 126 -12.68 19.43 9.06
C VAL G 126 -12.91 18.18 9.89
N GLY G 127 -12.87 17.03 9.22
CA GLY G 127 -12.94 15.75 9.91
C GLY G 127 -11.81 14.84 9.47
N MET G 128 -11.49 13.87 10.33
CA MET G 128 -10.32 13.03 10.11
C MET G 128 -10.36 11.85 11.09
N ASP G 129 -9.43 10.93 10.90
CA ASP G 129 -9.18 9.85 11.84
C ASP G 129 -7.74 9.96 12.34
N TYR G 130 -7.51 9.43 13.54
CA TYR G 130 -6.27 9.67 14.25
C TYR G 130 -5.24 8.59 13.98
N LYS G 131 -4.08 8.74 14.61
CA LYS G 131 -3.05 7.71 14.60
C LYS G 131 -3.52 6.49 15.38
N GLN G 132 -3.15 5.31 14.90
CA GLN G 132 -3.67 4.07 15.45
C GLN G 132 -2.72 3.54 16.53
N THR G 133 -3.29 3.22 17.70
CA THR G 133 -2.51 2.92 18.89
C THR G 133 -3.13 1.74 19.63
N GLN G 134 -2.26 0.96 20.27
CA GLN G 134 -2.63 -0.09 21.21
C GLN G 134 -1.58 -0.10 22.32
N LEU G 135 -2.03 -0.28 23.56
CA LEU G 135 -1.10 -0.24 24.68
C LEU G 135 -1.71 -0.94 25.89
N CYS G 136 -0.87 -1.68 26.63
CA CYS G 136 -1.30 -2.39 27.81
C CYS G 136 -0.16 -2.43 28.82
N MET G 137 -0.38 -1.84 30.00
CA MET G 137 0.63 -1.77 31.04
C MET G 137 0.08 -2.31 32.36
N VAL G 138 0.93 -3.01 33.11
CA VAL G 138 0.55 -3.54 34.42
C VAL G 138 1.55 -3.05 35.45
N GLY G 139 1.04 -2.51 36.57
CA GLY G 139 1.93 -2.05 37.62
C GLY G 139 1.19 -1.82 38.92
N CYS G 140 1.94 -1.92 40.02
CA CYS G 140 1.38 -1.67 41.34
C CYS G 140 1.03 -0.21 41.55
N ALA G 141 1.84 0.70 41.03
CA ALA G 141 1.56 2.11 41.17
C ALA G 141 1.14 2.70 39.84
N PRO G 142 0.32 3.76 39.84
CA PRO G 142 -0.17 4.31 38.59
C PRO G 142 0.99 4.81 37.74
N PRO G 143 0.93 4.62 36.43
CA PRO G 143 2.07 4.94 35.57
C PRO G 143 2.25 6.43 35.41
N LEU G 144 3.47 6.82 35.06
CA LEU G 144 3.80 8.22 34.83
C LEU G 144 3.60 8.57 33.36
N GLY G 145 3.32 9.84 33.12
CA GLY G 145 3.20 10.35 31.78
C GLY G 145 3.92 11.67 31.66
N GLU G 146 4.28 12.01 30.42
CA GLU G 146 5.06 13.21 30.15
C GLU G 146 4.36 14.05 29.09
N HIS G 147 4.36 15.36 29.27
CA HIS G 147 3.84 16.27 28.26
C HIS G 147 4.64 17.56 28.31
N TRP G 148 4.33 18.47 27.40
CA TRP G 148 5.04 19.73 27.29
C TRP G 148 4.11 20.85 27.73
N GLY G 149 4.52 21.60 28.75
CA GLY G 149 3.69 22.62 29.33
C GLY G 149 4.39 23.96 29.32
N LYS G 150 3.59 25.01 29.53
CA LYS G 150 4.14 26.36 29.54
C LYS G 150 5.10 26.54 30.69
N GLY G 151 6.21 27.19 30.43
CA GLY G 151 7.23 27.36 31.44
C GLY G 151 6.90 28.46 32.41
N THR G 152 7.80 28.64 33.38
CA THR G 152 7.71 29.72 34.35
C THR G 152 8.83 30.72 34.06
N GLN G 153 8.45 31.99 33.88
CA GLN G 153 9.42 33.03 33.60
C GLN G 153 9.96 33.57 34.92
N CYS G 154 11.28 33.46 35.10
CA CYS G 154 11.94 33.87 36.33
C CYS G 154 12.25 35.37 36.26
N SER G 155 13.09 35.84 37.17
CA SER G 155 13.47 37.25 37.19
C SER G 155 14.16 37.63 35.89
N ASN G 156 13.56 38.57 35.17
CA ASN G 156 14.06 39.03 33.88
C ASN G 156 13.25 40.26 33.49
N THR G 157 13.53 40.78 32.29
CA THR G 157 12.67 41.79 31.70
C THR G 157 11.31 41.19 31.42
N SER G 158 10.25 41.94 31.74
CA SER G 158 8.90 41.44 31.48
C SER G 158 8.69 41.26 29.99
N VAL G 159 8.10 40.12 29.63
CA VAL G 159 7.92 39.79 28.21
C VAL G 159 6.75 40.59 27.65
N GLN G 160 6.86 40.97 26.39
CA GLN G 160 5.76 41.64 25.71
C GLN G 160 4.66 40.63 25.43
N ASN G 161 3.44 41.13 25.26
CA ASN G 161 2.33 40.24 24.95
C ASN G 161 2.47 39.67 23.54
N GLY G 162 2.27 38.36 23.42
CA GLY G 162 2.44 37.65 22.17
C GLY G 162 3.74 36.90 22.06
N ASP G 163 4.67 37.09 22.98
CA ASP G 163 5.97 36.43 22.93
C ASP G 163 5.80 34.92 23.05
N CYS G 164 6.79 34.19 22.54
CA CYS G 164 6.73 32.74 22.58
C CYS G 164 6.78 32.25 24.02
N PRO G 165 5.80 31.47 24.47
CA PRO G 165 5.85 30.94 25.83
C PRO G 165 6.96 29.90 25.97
N PRO G 166 7.75 29.96 27.03
CA PRO G 166 8.79 28.95 27.22
C PRO G 166 8.19 27.58 27.50
N LEU G 167 8.89 26.55 27.04
CA LEU G 167 8.39 25.18 27.15
C LEU G 167 9.12 24.45 28.26
N GLU G 168 8.44 23.45 28.82
CA GLU G 168 9.04 22.60 29.84
C GLU G 168 8.46 21.21 29.72
N LEU G 169 9.26 20.22 30.12
CA LEU G 169 8.81 18.83 30.14
C LEU G 169 8.25 18.52 31.52
N ILE G 170 6.95 18.25 31.58
CA ILE G 170 6.24 18.03 32.84
C ILE G 170 5.86 16.56 32.94
N THR G 171 6.20 15.95 34.07
CA THR G 171 5.83 14.59 34.38
C THR G 171 4.69 14.60 35.39
N SER G 172 3.73 13.70 35.20
CA SER G 172 2.58 13.60 36.08
C SER G 172 2.15 12.13 36.14
N VAL G 173 1.01 11.87 36.76
CA VAL G 173 0.49 10.53 36.96
C VAL G 173 -0.67 10.32 35.99
N ILE G 174 -0.66 9.17 35.29
CA ILE G 174 -1.74 8.83 34.39
C ILE G 174 -2.95 8.41 35.21
N GLN G 175 -4.09 9.04 34.96
CA GLN G 175 -5.34 8.71 35.62
C GLN G 175 -6.36 8.28 34.57
N ASP G 176 -7.50 7.80 35.05
CA ASP G 176 -8.57 7.39 34.16
C ASP G 176 -9.17 8.60 33.47
N GLY G 177 -9.45 8.45 32.17
CA GLY G 177 -10.06 9.50 31.40
C GLY G 177 -9.10 10.44 30.69
N ASP G 178 -7.79 10.29 30.90
CA ASP G 178 -6.82 11.10 30.20
C ASP G 178 -6.75 10.71 28.73
N MET G 179 -6.48 11.68 27.87
CA MET G 179 -6.43 11.45 26.44
C MET G 179 -5.02 11.02 26.01
N VAL G 180 -4.93 10.53 24.78
CA VAL G 180 -3.69 9.99 24.23
C VAL G 180 -3.18 10.93 23.16
N ASP G 181 -1.86 10.87 22.90
CA ASP G 181 -1.29 11.57 21.76
C ASP G 181 -1.86 11.01 20.47
N THR G 182 -2.28 11.90 19.58
CA THR G 182 -3.03 11.50 18.40
C THR G 182 -2.35 11.94 17.11
N GLY G 183 -1.02 12.05 17.12
CA GLY G 183 -0.28 12.47 15.95
C GLY G 183 -0.08 13.96 15.81
N PHE G 184 -0.72 14.77 16.67
CA PHE G 184 -0.49 16.21 16.70
C PHE G 184 0.57 16.62 17.71
N GLY G 185 1.04 15.70 18.55
CA GLY G 185 1.94 16.02 19.62
C GLY G 185 1.36 15.67 20.98
N ALA G 186 2.24 15.67 21.97
CA ALA G 186 1.88 15.38 23.36
C ALA G 186 2.13 16.66 24.16
N MET G 187 1.15 17.56 24.15
CA MET G 187 1.31 18.87 24.77
C MET G 187 0.00 19.30 25.38
N ASN G 188 0.07 20.35 26.20
CA ASN G 188 -1.08 20.92 26.87
C ASN G 188 -1.75 21.92 25.93
N PHE G 189 -2.70 21.43 25.14
CA PHE G 189 -3.37 22.26 24.14
C PHE G 189 -4.23 23.34 24.77
N ALA G 190 -4.48 23.29 26.08
CA ALA G 190 -5.29 24.31 26.72
C ALA G 190 -4.50 25.60 26.95
N ASP G 191 -3.22 25.48 27.28
CA ASP G 191 -2.37 26.63 27.63
C ASP G 191 -1.46 27.07 26.51
N LEU G 192 -0.95 26.14 25.70
CA LEU G 192 -0.04 26.48 24.62
C LEU G 192 -0.75 26.97 23.37
N GLN G 193 -2.07 26.81 23.28
CA GLN G 193 -2.85 27.31 22.14
C GLN G 193 -4.07 28.05 22.69
N THR G 194 -4.20 29.31 22.31
CA THR G 194 -5.16 30.21 22.92
C THR G 194 -6.46 30.35 22.12
N ASN G 195 -6.38 30.35 20.79
CA ASN G 195 -7.59 30.52 20.00
C ASN G 195 -8.54 29.32 20.09
N LYS G 196 -8.05 28.17 20.56
CA LYS G 196 -8.88 26.98 20.77
C LYS G 196 -9.48 26.45 19.48
N SER G 197 -8.79 26.64 18.35
CA SER G 197 -9.32 26.19 17.07
C SER G 197 -8.23 25.56 16.21
N ASP G 198 -7.24 24.93 16.84
CA ASP G 198 -6.12 24.34 16.10
C ASP G 198 -6.17 22.83 16.03
N VAL G 199 -6.91 22.18 16.92
CA VAL G 199 -6.98 20.72 16.97
C VAL G 199 -8.44 20.32 17.13
N PRO G 200 -8.78 19.06 16.87
CA PRO G 200 -10.18 18.62 16.95
C PRO G 200 -10.80 18.84 18.32
N LEU G 201 -12.10 18.57 18.39
CA LEU G 201 -12.90 18.94 19.56
C LEU G 201 -12.46 18.18 20.81
N ASP G 202 -12.12 16.90 20.68
CA ASP G 202 -11.95 16.08 21.87
C ASP G 202 -10.58 16.24 22.52
N ILE G 203 -9.67 17.02 21.95
CA ILE G 203 -8.39 17.31 22.58
C ILE G 203 -8.08 18.80 22.64
N CYS G 204 -8.97 19.66 22.17
CA CYS G 204 -8.69 21.09 22.21
C CYS G 204 -8.90 21.70 23.58
N GLY G 205 -9.14 20.89 24.62
CA GLY G 205 -9.32 21.43 25.94
C GLY G 205 -8.66 20.61 27.03
N THR G 206 -7.86 19.60 26.64
CA THR G 206 -7.21 18.74 27.60
C THR G 206 -5.73 18.58 27.31
N VAL G 207 -5.08 17.67 28.02
CA VAL G 207 -3.66 17.38 27.89
C VAL G 207 -3.53 15.98 27.33
N CYS G 208 -2.72 15.84 26.27
CA CYS G 208 -2.46 14.54 25.66
C CYS G 208 -1.12 14.04 26.17
N LYS G 209 -1.15 13.00 27.00
CA LYS G 209 0.04 12.49 27.64
C LYS G 209 0.59 11.27 26.90
N TYR G 210 1.89 11.05 27.04
CA TYR G 210 2.58 9.92 26.48
C TYR G 210 3.35 9.22 27.59
N PRO G 211 3.34 7.89 27.63
CA PRO G 211 4.00 7.18 28.73
C PRO G 211 5.49 7.49 28.80
N ASP G 212 6.03 7.52 30.02
CA ASP G 212 7.42 7.86 30.27
C ASP G 212 8.22 6.57 30.47
N TYR G 213 8.49 5.88 29.36
CA TYR G 213 9.11 4.56 29.47
C TYR G 213 10.52 4.64 30.02
N LEU G 214 11.30 5.65 29.61
CA LEU G 214 12.68 5.73 30.08
C LEU G 214 12.75 6.04 31.57
N GLN G 215 11.96 7.01 32.04
CA GLN G 215 11.96 7.32 33.46
C GLN G 215 11.39 6.17 34.29
N MET G 216 10.28 5.57 33.83
CA MET G 216 9.71 4.45 34.58
C MET G 216 10.66 3.25 34.60
N ALA G 217 11.46 3.08 33.55
CA ALA G 217 12.49 2.04 33.59
C ALA G 217 13.67 2.44 34.44
N ALA G 218 13.86 3.74 34.66
CA ALA G 218 14.98 4.22 35.47
C ALA G 218 14.70 4.18 36.96
N ASP G 219 13.49 3.78 37.38
CA ASP G 219 13.18 3.72 38.79
C ASP G 219 14.02 2.63 39.47
N PRO G 220 14.43 2.84 40.72
CA PRO G 220 15.25 1.83 41.40
C PRO G 220 14.50 0.56 41.75
N TYR G 221 13.35 0.70 42.41
CA TYR G 221 12.58 -0.47 42.84
C TYR G 221 11.84 -1.11 41.69
N GLY G 222 11.22 -0.31 40.83
CA GLY G 222 10.48 -0.84 39.70
C GLY G 222 9.04 -1.19 39.99
N ASP G 223 8.31 -0.33 40.70
CA ASP G 223 6.92 -0.59 41.01
C ASP G 223 5.96 -0.08 39.95
N ARG G 224 6.41 0.82 39.07
CA ARG G 224 5.47 1.51 38.20
C ARG G 224 4.96 0.62 37.08
N LEU G 225 5.81 -0.23 36.51
CA LEU G 225 5.36 -1.13 35.48
C LEU G 225 6.10 -2.46 35.58
N PHE G 226 5.34 -3.55 35.61
CA PHE G 226 5.89 -4.89 35.55
C PHE G 226 6.11 -5.35 34.12
N PHE G 227 5.29 -4.85 33.19
CA PHE G 227 5.09 -5.45 31.89
C PHE G 227 4.29 -4.47 31.05
N TYR G 228 4.70 -4.29 29.79
CA TYR G 228 4.00 -3.38 28.90
C TYR G 228 4.10 -3.90 27.47
N LEU G 229 3.06 -3.62 26.69
CA LEU G 229 3.05 -3.86 25.25
C LEU G 229 2.49 -2.64 24.55
N ARG G 230 3.01 -2.34 23.36
CA ARG G 230 2.55 -1.21 22.57
C ARG G 230 2.59 -1.55 21.09
N LYS G 231 1.80 -0.82 20.32
CA LYS G 231 1.73 -1.01 18.87
C LYS G 231 1.14 0.26 18.26
N GLU G 232 1.93 0.99 17.50
CA GLU G 232 1.50 2.27 16.95
C GLU G 232 1.80 2.34 15.46
N GLN G 233 0.93 3.01 14.71
CA GLN G 233 1.17 3.22 13.29
C GLN G 233 0.35 4.42 12.81
N MET G 234 0.78 5.01 11.71
CA MET G 234 0.33 6.33 11.29
C MET G 234 0.93 6.68 9.93
N PHE G 235 0.23 7.54 9.19
CA PHE G 235 0.82 8.17 8.01
C PHE G 235 0.14 9.51 7.78
N ALA G 236 0.71 10.31 6.89
CA ALA G 236 0.24 11.67 6.64
C ALA G 236 -0.66 11.66 5.42
N ARG G 237 -1.90 12.11 5.59
CA ARG G 237 -2.85 12.07 4.49
C ARG G 237 -2.89 13.36 3.69
N HIS G 238 -3.01 14.49 4.37
CA HIS G 238 -3.11 15.79 3.71
C HIS G 238 -2.19 16.78 4.41
N PHE G 239 -1.70 17.75 3.64
CA PHE G 239 -0.87 18.83 4.14
C PHE G 239 -1.61 20.14 3.93
N PHE G 240 -1.66 20.97 4.95
CA PHE G 240 -2.33 22.25 4.85
C PHE G 240 -1.51 23.31 5.56
N ASN G 241 -2.15 24.45 5.81
CA ASN G 241 -1.47 25.67 6.24
C ASN G 241 -2.31 26.32 7.32
N ARG G 242 -1.68 27.20 8.10
CA ARG G 242 -2.39 27.92 9.15
C ARG G 242 -2.53 29.40 8.78
N ALA G 243 -3.24 30.14 9.62
CA ALA G 243 -3.50 31.54 9.38
C ALA G 243 -3.22 32.36 10.63
N GLY G 244 -3.01 33.66 10.43
CA GLY G 244 -2.71 34.55 11.54
C GLY G 244 -1.54 35.47 11.24
N THR G 245 -0.60 35.56 12.18
CA THR G 245 0.66 36.26 11.99
C THR G 245 1.81 35.33 12.32
N VAL G 246 2.99 35.66 11.79
CA VAL G 246 4.17 34.81 11.95
C VAL G 246 5.07 35.45 13.00
N GLY G 247 5.37 34.71 14.06
CA GLY G 247 6.23 35.23 15.11
C GLY G 247 7.67 35.40 14.67
N GLU G 248 8.18 34.46 13.87
CA GLU G 248 9.57 34.47 13.41
C GLU G 248 9.61 34.48 11.90
N PRO G 249 9.81 35.64 11.27
CA PRO G 249 9.76 35.71 9.81
C PRO G 249 10.96 35.01 9.17
N VAL G 250 10.83 34.76 7.87
CA VAL G 250 11.86 34.03 7.11
C VAL G 250 13.06 34.95 6.90
N PRO G 251 14.28 34.48 7.15
CA PRO G 251 15.46 35.34 6.98
C PRO G 251 15.59 35.84 5.55
N ASP G 252 16.15 37.05 5.42
CA ASP G 252 16.25 37.69 4.11
C ASP G 252 17.27 36.99 3.22
N ASP G 253 18.15 36.19 3.79
CA ASP G 253 19.18 35.52 3.00
C ASP G 253 18.83 34.08 2.64
N LEU G 254 17.62 33.63 2.98
CA LEU G 254 17.17 32.30 2.58
C LEU G 254 16.30 32.31 1.33
N LEU G 255 16.00 33.47 0.76
CA LEU G 255 15.11 33.53 -0.38
C LEU G 255 15.46 34.74 -1.26
N VAL G 256 15.03 34.66 -2.51
CA VAL G 256 15.15 35.75 -3.46
C VAL G 256 13.81 36.46 -3.53
N LYS G 257 13.81 37.75 -3.24
CA LYS G 257 12.56 38.49 -3.10
C LYS G 257 11.79 38.54 -4.42
N GLY G 258 10.48 38.40 -4.32
CA GLY G 258 9.61 38.45 -5.46
C GLY G 258 9.16 39.86 -5.78
N GLY G 259 8.15 39.96 -6.66
CA GLY G 259 7.62 41.24 -7.05
C GLY G 259 6.13 41.15 -7.29
N ASN G 260 5.49 42.31 -7.32
CA ASN G 260 4.03 42.42 -7.47
C ASN G 260 3.41 41.72 -6.26
N ASN G 261 2.38 40.90 -6.43
CA ASN G 261 1.73 40.26 -5.30
C ASN G 261 2.59 39.19 -4.66
N ARG G 262 3.70 38.80 -5.27
CA ARG G 262 4.68 37.93 -4.62
C ARG G 262 5.50 38.65 -3.57
N SER G 263 5.37 39.98 -3.47
CA SER G 263 6.21 40.73 -2.54
C SER G 263 5.98 40.31 -1.10
N SER G 264 4.72 40.08 -0.72
CA SER G 264 4.38 39.63 0.62
C SER G 264 4.45 38.11 0.66
N VAL G 265 5.46 37.58 1.36
CA VAL G 265 5.63 36.13 1.45
C VAL G 265 4.43 35.54 2.17
N ALA G 266 3.93 34.41 1.67
CA ALA G 266 2.80 33.75 2.27
C ALA G 266 3.23 32.97 3.51
N SER G 267 2.25 32.42 4.22
CA SER G 267 2.50 31.75 5.49
C SER G 267 3.36 30.51 5.28
N SER G 268 4.17 30.19 6.29
CA SER G 268 5.14 29.11 6.23
C SER G 268 5.05 28.18 7.43
N ILE G 269 3.85 28.04 7.99
CA ILE G 269 3.60 27.18 9.14
C ILE G 269 2.80 26.00 8.63
N TYR G 270 3.48 24.88 8.43
CA TYR G 270 2.92 23.74 7.71
C TYR G 270 2.49 22.65 8.68
N VAL G 271 1.26 22.16 8.49
CA VAL G 271 0.65 21.16 9.35
C VAL G 271 0.12 20.05 8.47
N HIS G 272 0.00 18.84 9.02
CA HIS G 272 -0.54 17.71 8.27
C HIS G 272 -1.68 17.05 9.04
N THR G 273 -2.34 16.12 8.38
CA THR G 273 -3.48 15.39 8.94
C THR G 273 -3.11 13.92 9.12
N PRO G 274 -3.09 13.40 10.33
CA PRO G 274 -2.70 12.01 10.53
C PRO G 274 -3.80 11.05 10.07
N SER G 275 -3.40 9.80 9.86
CA SER G 275 -4.39 8.76 9.58
C SER G 275 -3.75 7.40 9.81
N GLY G 276 -4.47 6.52 10.51
CA GLY G 276 -4.04 5.14 10.59
C GLY G 276 -4.36 4.39 9.31
N SER G 277 -3.57 3.36 9.03
CA SER G 277 -3.65 2.75 7.71
C SER G 277 -4.81 1.78 7.58
N LEU G 278 -4.76 0.66 8.31
CA LEU G 278 -5.68 -0.44 8.09
C LEU G 278 -5.92 -1.12 9.42
N VAL G 279 -7.16 -1.42 9.71
CA VAL G 279 -7.51 -2.19 10.91
C VAL G 279 -7.65 -3.64 10.51
N SER G 280 -7.03 -4.53 11.29
CA SER G 280 -7.02 -5.94 10.92
C SER G 280 -7.07 -6.79 12.17
N SER G 281 -7.50 -8.04 12.00
CA SER G 281 -7.66 -8.96 13.12
C SER G 281 -6.39 -9.71 13.48
N GLU G 282 -5.38 -9.70 12.61
CA GLU G 282 -4.14 -10.40 12.90
C GLU G 282 -3.13 -9.52 13.63
N ALA G 283 -3.46 -8.25 13.87
CA ALA G 283 -2.58 -7.32 14.55
C ALA G 283 -3.06 -6.95 15.94
N GLN G 284 -4.09 -7.60 16.46
CA GLN G 284 -4.62 -7.26 17.78
C GLN G 284 -3.69 -7.75 18.88
N LEU G 285 -3.77 -7.08 20.03
CA LEU G 285 -3.04 -7.49 21.23
C LEU G 285 -3.91 -8.17 22.27
N PHE G 286 -5.20 -7.82 22.33
CA PHE G 286 -6.08 -8.25 23.39
C PHE G 286 -6.75 -9.57 23.03
N ASN G 287 -7.63 -10.03 23.91
CA ASN G 287 -8.31 -11.33 23.78
C ASN G 287 -7.33 -12.49 23.74
N LYS G 288 -6.10 -12.28 24.19
CA LYS G 288 -5.09 -13.32 24.29
C LYS G 288 -4.43 -13.25 25.66
N PRO G 289 -4.28 -14.38 26.34
CA PRO G 289 -3.68 -14.36 27.68
C PRO G 289 -2.19 -14.03 27.63
N TYR G 290 -1.69 -13.48 28.72
CA TYR G 290 -0.28 -13.17 28.89
C TYR G 290 0.20 -13.75 30.20
N TRP G 291 1.34 -14.45 30.15
CA TRP G 291 1.93 -15.06 31.33
C TRP G 291 3.19 -14.28 31.71
N LEU G 292 3.23 -13.77 32.94
CA LEU G 292 4.37 -12.96 33.40
C LEU G 292 5.46 -13.91 33.86
N GLN G 293 6.38 -14.22 32.95
CA GLN G 293 7.45 -15.16 33.25
C GLN G 293 8.54 -14.51 34.11
N LYS G 294 9.18 -13.48 33.57
CA LYS G 294 10.24 -12.76 34.28
C LYS G 294 10.01 -11.26 34.10
N ALA G 295 10.09 -10.52 35.20
CA ALA G 295 9.91 -9.08 35.15
C ALA G 295 11.17 -8.40 34.64
N GLN G 296 11.00 -7.18 34.14
CA GLN G 296 12.15 -6.40 33.70
C GLN G 296 12.93 -5.82 34.87
N GLY G 297 12.25 -5.36 35.92
CA GLY G 297 12.89 -4.77 37.07
C GLY G 297 13.15 -5.76 38.18
N HIS G 298 13.42 -5.23 39.36
CA HIS G 298 13.68 -6.10 40.52
C HIS G 298 12.42 -6.68 41.11
N ASN G 299 11.31 -5.94 41.08
CA ASN G 299 10.03 -6.42 41.59
C ASN G 299 9.44 -7.41 40.60
N ASN G 300 9.37 -8.68 40.99
CA ASN G 300 8.95 -9.75 40.08
C ASN G 300 7.48 -10.09 40.28
N GLY G 301 6.64 -9.14 39.89
CA GLY G 301 5.20 -9.36 39.93
C GLY G 301 4.61 -9.52 41.30
N ILE G 302 5.04 -8.71 42.25
CA ILE G 302 4.58 -8.77 43.63
C ILE G 302 3.71 -7.54 43.88
N CYS G 303 2.55 -7.76 44.50
CA CYS G 303 1.62 -6.67 44.78
C CYS G 303 1.76 -6.26 46.24
N TRP G 304 2.07 -4.98 46.47
CA TRP G 304 2.23 -4.42 47.80
C TRP G 304 1.02 -3.57 48.13
N GLY G 305 0.45 -3.79 49.32
CA GLY G 305 -0.71 -3.04 49.74
C GLY G 305 -2.03 -3.55 49.19
N ASN G 306 -2.06 -4.76 48.63
CA ASN G 306 -3.28 -5.35 48.07
C ASN G 306 -3.92 -4.43 47.04
N HIS G 307 -3.08 -3.94 46.13
CA HIS G 307 -3.50 -3.05 45.05
C HIS G 307 -2.98 -3.60 43.73
N LEU G 308 -3.61 -3.15 42.65
CA LEU G 308 -3.13 -3.45 41.31
C LEU G 308 -3.58 -2.31 40.39
N PHE G 309 -2.82 -2.11 39.32
CA PHE G 309 -3.12 -1.04 38.38
C PHE G 309 -2.95 -1.58 36.97
N VAL G 310 -4.01 -1.49 36.16
CA VAL G 310 -3.97 -1.92 34.77
C VAL G 310 -4.32 -0.73 33.89
N THR G 311 -3.49 -0.46 32.89
CA THR G 311 -3.69 0.64 31.97
C THR G 311 -3.89 0.09 30.56
N VAL G 312 -4.95 0.52 29.89
CA VAL G 312 -5.35 -0.01 28.59
C VAL G 312 -5.65 1.16 27.65
N VAL G 313 -5.14 1.07 26.43
CA VAL G 313 -5.53 1.93 25.32
C VAL G 313 -5.74 1.05 24.09
N ASP G 314 -6.92 1.15 23.48
CA ASP G 314 -7.21 0.39 22.27
C ASP G 314 -8.14 1.20 21.39
N THR G 315 -7.61 1.66 20.26
CA THR G 315 -8.35 2.52 19.34
C THR G 315 -8.91 1.75 18.15
N THR G 316 -8.69 0.44 18.08
CA THR G 316 -9.13 -0.34 16.95
C THR G 316 -10.63 -0.60 16.95
N ARG G 317 -11.30 -0.44 18.08
CA ARG G 317 -12.75 -0.56 18.17
C ARG G 317 -13.28 0.77 18.67
N SER G 318 -13.51 1.71 17.76
CA SER G 318 -13.94 3.04 18.16
C SER G 318 -14.99 3.59 17.21
N THR G 319 -15.96 2.76 16.83
CA THR G 319 -17.05 3.23 15.98
C THR G 319 -18.00 4.08 16.81
N ASN G 320 -18.25 5.31 16.36
CA ASN G 320 -19.20 6.20 17.02
C ASN G 320 -20.56 6.00 16.37
N MET G 321 -21.47 5.30 17.05
CA MET G 321 -22.79 5.06 16.50
C MET G 321 -23.61 6.33 16.47
N THR G 322 -24.49 6.44 15.48
CA THR G 322 -25.36 7.58 15.29
C THR G 322 -26.81 7.14 15.53
N LEU G 323 -27.53 7.92 16.33
CA LEU G 323 -28.91 7.62 16.68
C LEU G 323 -29.80 8.73 16.15
N CYS G 324 -30.96 8.36 15.63
CA CYS G 324 -31.91 9.32 15.10
C CYS G 324 -33.26 9.11 15.76
N ALA G 325 -33.87 10.20 16.21
CA ALA G 325 -35.17 10.16 16.85
C ALA G 325 -36.09 11.18 16.21
N SER G 326 -37.36 10.80 16.03
CA SER G 326 -38.30 11.58 15.25
C SER G 326 -39.12 12.49 16.17
N VAL G 327 -39.03 13.79 15.92
CA VAL G 327 -39.82 14.76 16.67
C VAL G 327 -41.24 14.82 16.14
N SER G 328 -41.40 14.83 14.82
CA SER G 328 -42.71 14.88 14.19
C SER G 328 -42.65 14.15 12.86
N LYS G 329 -43.82 13.94 12.26
CA LYS G 329 -43.93 13.32 10.95
C LYS G 329 -44.64 14.28 10.00
N SER G 330 -44.02 14.52 8.85
CA SER G 330 -44.57 15.41 7.84
C SER G 330 -44.82 14.63 6.56
N ALA G 331 -45.21 15.35 5.50
CA ALA G 331 -45.59 14.73 4.24
C ALA G 331 -44.43 14.02 3.55
N THR G 332 -43.37 14.77 3.19
CA THR G 332 -42.26 14.20 2.42
C THR G 332 -40.92 14.67 3.01
N TYR G 333 -40.43 13.94 4.01
CA TYR G 333 -39.05 14.01 4.49
C TYR G 333 -38.55 15.45 4.66
N THR G 334 -39.09 16.12 5.67
CA THR G 334 -38.48 17.36 6.13
C THR G 334 -37.27 17.06 7.00
N ASN G 335 -36.22 17.89 6.88
CA ASN G 335 -35.04 17.71 7.72
C ASN G 335 -35.31 17.99 9.19
N SER G 336 -36.16 18.97 9.48
CA SER G 336 -36.39 19.41 10.85
C SER G 336 -37.19 18.40 11.67
N ASP G 337 -37.69 17.33 11.06
CA ASP G 337 -38.47 16.35 11.78
C ASP G 337 -37.64 15.46 12.71
N TYR G 338 -36.32 15.46 12.58
CA TYR G 338 -35.50 14.48 13.27
C TYR G 338 -34.40 15.17 14.07
N LYS G 339 -33.90 14.44 15.08
CA LYS G 339 -32.74 14.84 15.86
C LYS G 339 -31.75 13.70 15.87
N GLU G 340 -30.46 14.04 15.91
CA GLU G 340 -29.41 13.05 15.80
C GLU G 340 -28.42 13.18 16.94
N TYR G 341 -27.93 12.04 17.42
CA TYR G 341 -27.02 11.98 18.55
C TYR G 341 -25.87 11.04 18.23
N MET G 342 -24.74 11.25 18.90
CA MET G 342 -23.57 10.40 18.74
C MET G 342 -23.30 9.69 20.05
N ARG G 343 -23.06 8.38 19.98
CA ARG G 343 -22.80 7.62 21.18
C ARG G 343 -21.64 6.65 20.94
N HIS G 344 -20.88 6.42 22.01
CA HIS G 344 -19.79 5.47 21.98
C HIS G 344 -19.92 4.55 23.18
N VAL G 345 -19.65 3.26 22.95
CA VAL G 345 -19.86 2.22 23.94
C VAL G 345 -18.60 1.36 24.02
N GLU G 346 -18.24 0.95 25.23
CA GLU G 346 -17.08 0.12 25.48
C GLU G 346 -17.44 -1.04 26.38
N GLU G 347 -16.94 -2.23 26.05
CA GLU G 347 -17.18 -3.44 26.81
C GLU G 347 -15.85 -4.07 27.19
N PHE G 348 -15.70 -4.43 28.46
CA PHE G 348 -14.47 -5.01 28.98
C PHE G 348 -14.77 -6.27 29.78
N ASP G 349 -13.76 -7.12 29.91
CA ASP G 349 -13.80 -8.28 30.81
C ASP G 349 -12.36 -8.66 31.14
N LEU G 350 -11.91 -8.30 32.33
CA LEU G 350 -10.54 -8.56 32.76
C LEU G 350 -10.50 -9.80 33.62
N GLN G 351 -9.54 -10.69 33.35
CA GLN G 351 -9.41 -11.94 34.10
C GLN G 351 -7.98 -12.12 34.58
N PHE G 352 -7.81 -12.68 35.78
CA PHE G 352 -6.50 -12.79 36.42
C PHE G 352 -6.30 -14.16 37.04
N ILE G 353 -5.06 -14.63 37.01
CA ILE G 353 -4.56 -15.67 37.90
C ILE G 353 -3.55 -15.03 38.83
N PHE G 354 -3.81 -15.15 40.13
CA PHE G 354 -2.98 -14.64 41.21
C PHE G 354 -2.39 -15.79 42.00
N GLN G 355 -1.30 -15.50 42.72
CA GLN G 355 -0.60 -16.50 43.53
C GLN G 355 -0.36 -15.94 44.93
N LEU G 356 -0.22 -16.85 45.89
CA LEU G 356 0.00 -16.50 47.28
C LEU G 356 1.48 -16.66 47.65
N CYS G 357 2.00 -15.70 48.43
CA CYS G 357 3.40 -15.70 48.81
C CYS G 357 3.53 -15.40 50.30
N SER G 358 4.63 -15.84 50.89
CA SER G 358 4.90 -15.65 52.31
C SER G 358 6.26 -14.99 52.51
N ILE G 359 6.31 -14.03 53.43
CA ILE G 359 7.52 -13.25 53.70
C ILE G 359 7.90 -13.46 55.15
N THR G 360 9.15 -13.85 55.39
CA THR G 360 9.65 -14.05 56.75
C THR G 360 10.25 -12.74 57.24
N LEU G 361 9.72 -12.24 58.37
CA LEU G 361 10.13 -10.94 58.90
C LEU G 361 11.29 -11.14 59.88
N SER G 362 12.51 -11.01 59.36
CA SER G 362 13.68 -10.90 60.20
C SER G 362 14.08 -9.42 60.28
N ALA G 363 15.16 -9.13 61.01
CA ALA G 363 15.53 -7.73 61.26
C ALA G 363 15.97 -7.04 59.98
N GLU G 364 16.89 -7.65 59.22
CA GLU G 364 17.36 -7.03 57.99
C GLU G 364 16.21 -6.86 57.00
N VAL G 365 15.36 -7.88 56.85
CA VAL G 365 14.26 -7.82 55.91
C VAL G 365 13.27 -6.73 56.33
N MET G 366 12.98 -6.62 57.63
CA MET G 366 12.07 -5.60 58.09
C MET G 366 12.63 -4.19 57.86
N ALA G 367 13.92 -4.00 58.12
CA ALA G 367 14.54 -2.70 57.87
C ALA G 367 14.52 -2.36 56.39
N TYR G 368 14.81 -3.33 55.53
CA TYR G 368 14.80 -3.12 54.09
C TYR G 368 13.41 -2.76 53.57
N ILE G 369 12.39 -3.47 54.08
CA ILE G 369 11.02 -3.18 53.65
C ILE G 369 10.57 -1.83 54.16
N HIS G 370 10.99 -1.46 55.38
CA HIS G 370 10.72 -0.11 55.87
C HIS G 370 11.43 0.93 55.01
N THR G 371 12.63 0.60 54.51
CA THR G 371 13.33 1.51 53.62
C THR G 371 12.54 1.76 52.34
N MET G 372 12.07 0.70 51.69
CA MET G 372 11.35 0.89 50.43
C MET G 372 9.99 1.55 50.67
N ASN G 373 9.22 1.05 51.63
CA ASN G 373 7.85 1.49 51.80
C ASN G 373 7.38 1.25 53.23
N PRO G 374 7.32 2.28 54.07
CA PRO G 374 6.82 2.08 55.44
C PRO G 374 5.33 1.77 55.51
N SER G 375 4.58 2.03 54.44
CA SER G 375 3.14 1.80 54.48
C SER G 375 2.80 0.33 54.62
N VAL G 376 3.53 -0.54 53.92
CA VAL G 376 3.24 -1.97 53.99
C VAL G 376 3.50 -2.51 55.39
N LEU G 377 4.51 -1.98 56.07
CA LEU G 377 4.75 -2.39 57.45
C LEU G 377 3.69 -1.82 58.39
N GLU G 378 3.28 -0.58 58.16
CA GLU G 378 2.22 0.00 58.99
C GLU G 378 0.90 -0.76 58.82
N ASP G 379 0.69 -1.37 57.66
CA ASP G 379 -0.51 -2.17 57.47
C ASP G 379 -0.47 -3.46 58.27
N TRP G 380 0.73 -3.98 58.56
CA TRP G 380 0.87 -5.27 59.23
C TRP G 380 0.83 -5.08 60.75
N ASN G 381 -0.35 -4.70 61.23
CA ASN G 381 -0.58 -4.54 62.66
C ASN G 381 -1.99 -4.96 63.04
N LYS G 415 -3.38 6.86 57.98
CA LYS G 415 -2.58 6.61 56.79
C LYS G 415 -3.20 7.29 55.58
N GLN G 416 -2.48 8.28 55.04
CA GLN G 416 -2.93 9.03 53.87
C GLN G 416 -2.08 8.64 52.66
N ASP G 417 -2.74 8.55 51.51
CA ASP G 417 -2.13 8.08 50.29
C ASP G 417 -2.52 9.00 49.14
N PRO G 418 -1.54 9.50 48.37
CA PRO G 418 -1.89 10.39 47.24
C PRO G 418 -2.85 9.78 46.22
N TYR G 419 -3.20 8.51 46.34
CA TYR G 419 -4.26 7.97 45.49
C TYR G 419 -5.64 8.48 45.87
N LYS G 420 -5.74 9.18 47.02
CA LYS G 420 -7.04 9.62 47.51
C LYS G 420 -7.66 10.68 46.60
N ASP G 421 -6.85 11.57 46.04
CA ASP G 421 -7.33 12.66 45.23
C ASP G 421 -7.42 12.33 43.74
N MET G 422 -7.06 11.12 43.35
CA MET G 422 -7.01 10.74 41.94
C MET G 422 -8.28 9.98 41.55
N SER G 423 -8.53 9.90 40.25
CA SER G 423 -9.70 9.21 39.72
C SER G 423 -9.25 7.97 38.96
N PHE G 424 -9.76 6.82 39.37
CA PHE G 424 -9.52 5.56 38.70
C PHE G 424 -10.86 4.85 38.54
N TRP G 425 -10.85 3.76 37.77
CA TRP G 425 -11.99 2.86 37.67
C TRP G 425 -11.79 1.76 38.70
N GLU G 426 -12.54 1.82 39.80
CA GLU G 426 -12.34 0.87 40.89
C GLU G 426 -13.06 -0.43 40.57
N VAL G 427 -12.30 -1.53 40.52
CA VAL G 427 -12.86 -2.85 40.30
C VAL G 427 -12.57 -3.69 41.54
N ASN G 428 -13.63 -4.20 42.15
CA ASN G 428 -13.53 -4.89 43.43
C ASN G 428 -13.59 -6.40 43.22
N LEU G 429 -12.58 -7.10 43.72
CA LEU G 429 -12.46 -8.54 43.55
C LEU G 429 -12.39 -9.26 44.89
N LYS G 430 -12.96 -8.64 45.93
CA LYS G 430 -12.89 -9.21 47.27
C LYS G 430 -13.69 -10.50 47.35
N GLU G 431 -14.85 -10.55 46.70
CA GLU G 431 -15.74 -11.69 46.77
C GLU G 431 -15.86 -12.43 45.43
N LYS G 432 -14.82 -12.35 44.59
CA LYS G 432 -14.82 -13.03 43.30
C LYS G 432 -13.61 -13.95 43.14
N PHE G 433 -12.91 -14.27 44.22
CA PHE G 433 -11.83 -15.26 44.15
C PHE G 433 -12.38 -16.67 44.20
N SER G 434 -11.66 -17.61 43.59
CA SER G 434 -12.03 -19.01 43.63
C SER G 434 -10.86 -19.86 43.19
N SER G 435 -10.70 -21.01 43.83
CA SER G 435 -9.58 -21.91 43.57
C SER G 435 -9.95 -23.07 42.65
N GLU G 436 -11.16 -23.08 42.10
CA GLU G 436 -11.57 -24.10 41.14
C GLU G 436 -11.11 -23.64 39.76
N LEU G 437 -9.90 -24.05 39.39
CA LEU G 437 -9.27 -23.49 38.20
C LEU G 437 -9.97 -23.95 36.92
N ASP G 438 -10.26 -25.24 36.81
CA ASP G 438 -10.74 -25.78 35.54
C ASP G 438 -12.18 -25.38 35.23
N GLN G 439 -12.86 -24.68 36.12
CA GLN G 439 -14.23 -24.25 35.89
C GLN G 439 -14.31 -22.91 35.18
N PHE G 440 -13.19 -22.34 34.78
CA PHE G 440 -13.11 -21.02 34.16
C PHE G 440 -12.27 -21.10 32.90
N PRO G 441 -12.55 -20.26 31.90
CA PRO G 441 -11.81 -20.36 30.63
C PRO G 441 -10.32 -20.12 30.80
N LEU G 442 -9.95 -18.99 31.39
CA LEU G 442 -8.54 -18.67 31.57
C LEU G 442 -7.89 -19.64 32.54
N GLY G 443 -8.67 -20.19 33.47
CA GLY G 443 -8.13 -21.21 34.34
C GLY G 443 -7.75 -22.48 33.61
N ARG G 444 -8.59 -22.92 32.68
CA ARG G 444 -8.24 -24.07 31.85
C ARG G 444 -7.03 -23.77 31.00
N LYS G 445 -6.94 -22.55 30.45
CA LYS G 445 -5.75 -22.19 29.67
C LYS G 445 -4.49 -22.25 30.54
N PHE G 446 -4.57 -21.74 31.77
CA PHE G 446 -3.42 -21.77 32.66
C PHE G 446 -3.04 -23.21 33.01
N LEU G 447 -4.03 -24.06 33.28
CA LEU G 447 -3.72 -25.45 33.63
C LEU G 447 -3.08 -26.17 32.45
N LEU G 448 -3.57 -25.94 31.24
CA LEU G 448 -3.00 -26.57 30.07
C LEU G 448 -1.58 -26.09 29.82
N GLN G 449 -1.36 -24.77 29.96
CA GLN G 449 -0.05 -24.20 29.66
C GLN G 449 1.00 -24.61 30.70
N SER G 450 0.66 -24.54 31.98
CA SER G 450 1.64 -24.66 33.05
C SER G 450 2.26 -26.05 33.14
N GLY G 451 1.72 -27.04 32.45
CA GLY G 451 2.24 -28.39 32.54
C GLY G 451 1.57 -29.24 33.59
N TYR G 452 1.80 -28.93 34.86
CA TYR G 452 1.17 -29.67 35.95
C TYR G 452 0.06 -28.84 36.58
#